data_5OI7
# 
_entry.id   5OI7 
# 
_audit_conform.dict_name       mmcif_pdbx.dic 
_audit_conform.dict_version    5.383 
_audit_conform.dict_location   http://mmcif.pdb.org/dictionaries/ascii/mmcif_pdbx.dic 
# 
loop_
_database_2.database_id 
_database_2.database_code 
_database_2.pdbx_database_accession 
_database_2.pdbx_DOI 
PDB   5OI7         pdb_00005oi7 10.2210/pdb5oi7/pdb 
WWPDB D_1200005854 ?            ?                   
# 
loop_
_pdbx_audit_revision_history.ordinal 
_pdbx_audit_revision_history.data_content_type 
_pdbx_audit_revision_history.major_revision 
_pdbx_audit_revision_history.minor_revision 
_pdbx_audit_revision_history.revision_date 
1 'Structure model' 1 0 2018-04-18 
2 'Structure model' 1 1 2018-05-09 
3 'Structure model' 1 2 2024-01-17 
# 
_pdbx_audit_revision_details.ordinal             1 
_pdbx_audit_revision_details.revision_ordinal    1 
_pdbx_audit_revision_details.data_content_type   'Structure model' 
_pdbx_audit_revision_details.provider            repository 
_pdbx_audit_revision_details.type                'Initial release' 
_pdbx_audit_revision_details.description         ? 
_pdbx_audit_revision_details.details             ? 
# 
loop_
_pdbx_audit_revision_group.ordinal 
_pdbx_audit_revision_group.revision_ordinal 
_pdbx_audit_revision_group.data_content_type 
_pdbx_audit_revision_group.group 
1 2 'Structure model' 'Data collection'        
2 2 'Structure model' 'Database references'    
3 3 'Structure model' 'Data collection'        
4 3 'Structure model' 'Database references'    
5 3 'Structure model' 'Refinement description' 
# 
loop_
_pdbx_audit_revision_category.ordinal 
_pdbx_audit_revision_category.revision_ordinal 
_pdbx_audit_revision_category.data_content_type 
_pdbx_audit_revision_category.category 
1 2 'Structure model' citation                      
2 2 'Structure model' citation_author               
3 3 'Structure model' chem_comp_atom                
4 3 'Structure model' chem_comp_bond                
5 3 'Structure model' database_2                    
6 3 'Structure model' pdbx_initial_refinement_model 
# 
loop_
_pdbx_audit_revision_item.ordinal 
_pdbx_audit_revision_item.revision_ordinal 
_pdbx_audit_revision_item.data_content_type 
_pdbx_audit_revision_item.item 
1  2 'Structure model' '_citation.country'                   
2  2 'Structure model' '_citation.journal_abbrev'            
3  2 'Structure model' '_citation.journal_id_CSD'            
4  2 'Structure model' '_citation.journal_id_ISSN'           
5  2 'Structure model' '_citation.journal_volume'            
6  2 'Structure model' '_citation.page_first'                
7  2 'Structure model' '_citation.page_last'                 
8  2 'Structure model' '_citation.pdbx_database_id_DOI'      
9  2 'Structure model' '_citation.pdbx_database_id_PubMed'   
10 2 'Structure model' '_citation.title'                     
11 2 'Structure model' '_citation.year'                      
12 3 'Structure model' '_database_2.pdbx_DOI'                
13 3 'Structure model' '_database_2.pdbx_database_accession' 
# 
_pdbx_database_status.status_code                     REL 
_pdbx_database_status.status_code_sf                  REL 
_pdbx_database_status.status_code_mr                  ? 
_pdbx_database_status.entry_id                        5OI7 
_pdbx_database_status.recvd_initial_deposition_date   2017-07-18 
_pdbx_database_status.SG_entry                        N 
_pdbx_database_status.deposit_site                    PDBE 
_pdbx_database_status.process_site                    PDBE 
_pdbx_database_status.status_code_cs                  ? 
_pdbx_database_status.methods_development_category    ? 
_pdbx_database_status.pdb_format_compatible           Y 
_pdbx_database_status.status_code_nmr_data            ? 
# 
_audit_author.name               'van Breugel, M.' 
_audit_author.pdbx_ordinal       1 
_audit_author.identifier_ORCID   ? 
# 
_citation.abstract                  ? 
_citation.abstract_id_CAS           ? 
_citation.book_id_ISBN              ? 
_citation.book_publisher            ? 
_citation.book_publisher_city       ? 
_citation.book_title                ? 
_citation.coordinate_linkage        ? 
_citation.country                   UK 
_citation.database_id_Medline       ? 
_citation.details                   ? 
_citation.id                        primary 
_citation.journal_abbrev            'Nat Commun' 
_citation.journal_id_ASTM           ? 
_citation.journal_id_CSD            ? 
_citation.journal_id_ISSN           2041-1723 
_citation.journal_full              ? 
_citation.journal_issue             ? 
_citation.journal_volume            9 
_citation.language                  ? 
_citation.page_first                1731 
_citation.page_last                 1731 
_citation.title                     
'Direct binding of CEP85 to STIL ensures robust PLK4 activation and efficient centriole assembly.' 
_citation.year                      2018 
_citation.database_id_CSD           ? 
_citation.pdbx_database_id_DOI      10.1038/s41467-018-04122-x 
_citation.pdbx_database_id_PubMed   29712910 
_citation.unpublished_flag          ? 
# 
loop_
_citation_author.citation_id 
_citation_author.name 
_citation_author.ordinal 
_citation_author.identifier_ORCID 
primary 'Liu, Y.'          1  ? 
primary 'Gupta, G.D.'      2  ? 
primary 'Barnabas, D.D.'   3  ? 
primary 'Agircan, F.G.'    4  ? 
primary 'Mehmood, S.'      5  ? 
primary 'Wu, D.'           6  ? 
primary 'Coyaud, E.'       7  ? 
primary 'Johnson, C.M.'    8  ? 
primary 'McLaughlin, S.H.' 9  ? 
primary 'Andreeva, A.'     10 ? 
primary 'Freund, S.M.V.'   11 ? 
primary 'Robinson, C.V.'   12 ? 
primary 'Cheung, S.W.T.'   13 ? 
primary 'Raught, B.'       14 ? 
primary 'Pelletier, L.'    15 ? 
primary 'van Breugel, M.'  16 ? 
# 
loop_
_entity.id 
_entity.type 
_entity.src_method 
_entity.pdbx_description 
_entity.formula_weight 
_entity.pdbx_number_of_molecules 
_entity.pdbx_ec 
_entity.pdbx_mutation 
_entity.pdbx_fragment 
_entity.details 
1 polymer     man 'Centrosomal protein of 85 kDa' 10347.432 2   ? ? ? ? 
2 non-polymer syn '(4S)-2-METHYL-2,4-PENTANEDIOL' 118.174   1   ? ? ? ? 
3 water       nat water                           18.015    227 ? ? ? ? 
# 
_entity_name_com.entity_id   1 
_entity_name_com.name        'Cep85,Coiled-coil domain-containing protein 21' 
# 
_entity_poly.entity_id                      1 
_entity_poly.type                           'polypeptide(L)' 
_entity_poly.nstd_linkage                   no 
_entity_poly.nstd_monomer                   no 
_entity_poly.pdbx_seq_one_letter_code       
;GESWQKRYDSLQKIVEKQQQKMDQLRSQVQSLEQEVAQEEGTSQALREEAQRRDSALQQLRTAVKELSVQNQDLIEKNLT
LQEHLRQA
;
_entity_poly.pdbx_seq_one_letter_code_can   
;GESWQKRYDSLQKIVEKQQQKMDQLRSQVQSLEQEVAQEEGTSQALREEAQRRDSALQQLRTAVKELSVQNQDLIEKNLT
LQEHLRQA
;
_entity_poly.pdbx_strand_id                 A,B 
_entity_poly.pdbx_target_identifier         ? 
# 
loop_
_pdbx_entity_nonpoly.entity_id 
_pdbx_entity_nonpoly.name 
_pdbx_entity_nonpoly.comp_id 
2 '(4S)-2-METHYL-2,4-PENTANEDIOL' MPD 
3 water                           HOH 
# 
loop_
_entity_poly_seq.entity_id 
_entity_poly_seq.num 
_entity_poly_seq.mon_id 
_entity_poly_seq.hetero 
1 1  GLY n 
1 2  GLU n 
1 3  SER n 
1 4  TRP n 
1 5  GLN n 
1 6  LYS n 
1 7  ARG n 
1 8  TYR n 
1 9  ASP n 
1 10 SER n 
1 11 LEU n 
1 12 GLN n 
1 13 LYS n 
1 14 ILE n 
1 15 VAL n 
1 16 GLU n 
1 17 LYS n 
1 18 GLN n 
1 19 GLN n 
1 20 GLN n 
1 21 LYS n 
1 22 MET n 
1 23 ASP n 
1 24 GLN n 
1 25 LEU n 
1 26 ARG n 
1 27 SER n 
1 28 GLN n 
1 29 VAL n 
1 30 GLN n 
1 31 SER n 
1 32 LEU n 
1 33 GLU n 
1 34 GLN n 
1 35 GLU n 
1 36 VAL n 
1 37 ALA n 
1 38 GLN n 
1 39 GLU n 
1 40 GLU n 
1 41 GLY n 
1 42 THR n 
1 43 SER n 
1 44 GLN n 
1 45 ALA n 
1 46 LEU n 
1 47 ARG n 
1 48 GLU n 
1 49 GLU n 
1 50 ALA n 
1 51 GLN n 
1 52 ARG n 
1 53 ARG n 
1 54 ASP n 
1 55 SER n 
1 56 ALA n 
1 57 LEU n 
1 58 GLN n 
1 59 GLN n 
1 60 LEU n 
1 61 ARG n 
1 62 THR n 
1 63 ALA n 
1 64 VAL n 
1 65 LYS n 
1 66 GLU n 
1 67 LEU n 
1 68 SER n 
1 69 VAL n 
1 70 GLN n 
1 71 ASN n 
1 72 GLN n 
1 73 ASP n 
1 74 LEU n 
1 75 ILE n 
1 76 GLU n 
1 77 LYS n 
1 78 ASN n 
1 79 LEU n 
1 80 THR n 
1 81 LEU n 
1 82 GLN n 
1 83 GLU n 
1 84 HIS n 
1 85 LEU n 
1 86 ARG n 
1 87 GLN n 
1 88 ALA n 
# 
_entity_src_gen.entity_id                          1 
_entity_src_gen.pdbx_src_id                        1 
_entity_src_gen.pdbx_alt_source_flag               sample 
_entity_src_gen.pdbx_seq_type                      'Biological sequence' 
_entity_src_gen.pdbx_beg_seq_num                   1 
_entity_src_gen.pdbx_end_seq_num                   88 
_entity_src_gen.gene_src_common_name               Human 
_entity_src_gen.gene_src_genus                     ? 
_entity_src_gen.pdbx_gene_src_gene                 'CEP85, CCDC21' 
_entity_src_gen.gene_src_species                   ? 
_entity_src_gen.gene_src_strain                    ? 
_entity_src_gen.gene_src_tissue                    ? 
_entity_src_gen.gene_src_tissue_fraction           ? 
_entity_src_gen.gene_src_details                   ? 
_entity_src_gen.pdbx_gene_src_fragment             ? 
_entity_src_gen.pdbx_gene_src_scientific_name      'Homo sapiens' 
_entity_src_gen.pdbx_gene_src_ncbi_taxonomy_id     9606 
_entity_src_gen.pdbx_gene_src_variant              ? 
_entity_src_gen.pdbx_gene_src_cell_line            ? 
_entity_src_gen.pdbx_gene_src_atcc                 ? 
_entity_src_gen.pdbx_gene_src_organ                ? 
_entity_src_gen.pdbx_gene_src_organelle            ? 
_entity_src_gen.pdbx_gene_src_cell                 ? 
_entity_src_gen.pdbx_gene_src_cellular_location    ? 
_entity_src_gen.host_org_common_name               ? 
_entity_src_gen.pdbx_host_org_scientific_name      'Escherichia coli' 
_entity_src_gen.pdbx_host_org_ncbi_taxonomy_id     562 
_entity_src_gen.host_org_genus                     ? 
_entity_src_gen.pdbx_host_org_gene                 ? 
_entity_src_gen.pdbx_host_org_organ                ? 
_entity_src_gen.host_org_species                   ? 
_entity_src_gen.pdbx_host_org_tissue               ? 
_entity_src_gen.pdbx_host_org_tissue_fraction      ? 
_entity_src_gen.pdbx_host_org_strain               ? 
_entity_src_gen.pdbx_host_org_variant              C41 
_entity_src_gen.pdbx_host_org_cell_line            ? 
_entity_src_gen.pdbx_host_org_atcc                 ? 
_entity_src_gen.pdbx_host_org_culture_collection   ? 
_entity_src_gen.pdbx_host_org_cell                 ? 
_entity_src_gen.pdbx_host_org_organelle            ? 
_entity_src_gen.pdbx_host_org_cellular_location    ? 
_entity_src_gen.pdbx_host_org_vector_type          ? 
_entity_src_gen.pdbx_host_org_vector               ? 
_entity_src_gen.host_org_details                   ? 
_entity_src_gen.expression_system_id               ? 
_entity_src_gen.plasmid_name                       ? 
_entity_src_gen.plasmid_details                    ? 
_entity_src_gen.pdbx_description                   ? 
# 
loop_
_chem_comp.id 
_chem_comp.type 
_chem_comp.mon_nstd_flag 
_chem_comp.name 
_chem_comp.pdbx_synonyms 
_chem_comp.formula 
_chem_comp.formula_weight 
ALA 'L-peptide linking' y ALANINE                         ? 'C3 H7 N O2'     89.093  
ARG 'L-peptide linking' y ARGININE                        ? 'C6 H15 N4 O2 1' 175.209 
ASN 'L-peptide linking' y ASPARAGINE                      ? 'C4 H8 N2 O3'    132.118 
ASP 'L-peptide linking' y 'ASPARTIC ACID'                 ? 'C4 H7 N O4'     133.103 
GLN 'L-peptide linking' y GLUTAMINE                       ? 'C5 H10 N2 O3'   146.144 
GLU 'L-peptide linking' y 'GLUTAMIC ACID'                 ? 'C5 H9 N O4'     147.129 
GLY 'peptide linking'   y GLYCINE                         ? 'C2 H5 N O2'     75.067  
HIS 'L-peptide linking' y HISTIDINE                       ? 'C6 H10 N3 O2 1' 156.162 
HOH non-polymer         . WATER                           ? 'H2 O'           18.015  
ILE 'L-peptide linking' y ISOLEUCINE                      ? 'C6 H13 N O2'    131.173 
LEU 'L-peptide linking' y LEUCINE                         ? 'C6 H13 N O2'    131.173 
LYS 'L-peptide linking' y LYSINE                          ? 'C6 H15 N2 O2 1' 147.195 
MET 'L-peptide linking' y METHIONINE                      ? 'C5 H11 N O2 S'  149.211 
MPD non-polymer         . '(4S)-2-METHYL-2,4-PENTANEDIOL' ? 'C6 H14 O2'      118.174 
SER 'L-peptide linking' y SERINE                          ? 'C3 H7 N O3'     105.093 
THR 'L-peptide linking' y THREONINE                       ? 'C4 H9 N O3'     119.119 
TRP 'L-peptide linking' y TRYPTOPHAN                      ? 'C11 H12 N2 O2'  204.225 
TYR 'L-peptide linking' y TYROSINE                        ? 'C9 H11 N O3'    181.189 
VAL 'L-peptide linking' y VALINE                          ? 'C5 H11 N O2'    117.146 
# 
loop_
_pdbx_poly_seq_scheme.asym_id 
_pdbx_poly_seq_scheme.entity_id 
_pdbx_poly_seq_scheme.seq_id 
_pdbx_poly_seq_scheme.mon_id 
_pdbx_poly_seq_scheme.ndb_seq_num 
_pdbx_poly_seq_scheme.pdb_seq_num 
_pdbx_poly_seq_scheme.auth_seq_num 
_pdbx_poly_seq_scheme.pdb_mon_id 
_pdbx_poly_seq_scheme.auth_mon_id 
_pdbx_poly_seq_scheme.pdb_strand_id 
_pdbx_poly_seq_scheme.pdb_ins_code 
_pdbx_poly_seq_scheme.hetero 
A 1 1  GLY 1  569 1  GLY GLY A . n 
A 1 2  GLU 2  570 2  GLU GLU A . n 
A 1 3  SER 3  571 3  SER SER A . n 
A 1 4  TRP 4  572 4  TRP TRP A . n 
A 1 5  GLN 5  573 5  GLN GLN A . n 
A 1 6  LYS 6  574 6  LYS LYS A . n 
A 1 7  ARG 7  575 7  ARG ARG A . n 
A 1 8  TYR 8  576 8  TYR TYR A . n 
A 1 9  ASP 9  577 9  ASP ASP A . n 
A 1 10 SER 10 578 10 SER SER A . n 
A 1 11 LEU 11 579 11 LEU LEU A . n 
A 1 12 GLN 12 580 12 GLN GLN A . n 
A 1 13 LYS 13 581 13 LYS LYS A . n 
A 1 14 ILE 14 582 14 ILE ILE A . n 
A 1 15 VAL 15 583 15 VAL VAL A . n 
A 1 16 GLU 16 584 16 GLU GLU A . n 
A 1 17 LYS 17 585 17 LYS LYS A . n 
A 1 18 GLN 18 586 18 GLN GLN A . n 
A 1 19 GLN 19 587 19 GLN GLN A . n 
A 1 20 GLN 20 588 20 GLN GLN A . n 
A 1 21 LYS 21 589 21 LYS LYS A . n 
A 1 22 MET 22 590 22 MET MET A . n 
A 1 23 ASP 23 591 23 ASP ASP A . n 
A 1 24 GLN 24 592 24 GLN GLN A . n 
A 1 25 LEU 25 593 25 LEU LEU A . n 
A 1 26 ARG 26 594 26 ARG ARG A . n 
A 1 27 SER 27 595 27 SER SER A . n 
A 1 28 GLN 28 596 28 GLN GLN A . n 
A 1 29 VAL 29 597 29 VAL VAL A . n 
A 1 30 GLN 30 598 30 GLN GLN A . n 
A 1 31 SER 31 599 31 SER SER A . n 
A 1 32 LEU 32 600 32 LEU LEU A . n 
A 1 33 GLU 33 601 33 GLU GLU A . n 
A 1 34 GLN 34 602 34 GLN GLN A . n 
A 1 35 GLU 35 603 35 GLU GLU A . n 
A 1 36 VAL 36 604 36 VAL VAL A . n 
A 1 37 ALA 37 605 37 ALA ALA A . n 
A 1 38 GLN 38 606 38 GLN GLN A . n 
A 1 39 GLU 39 607 39 GLU GLU A . n 
A 1 40 GLU 40 608 40 GLU GLU A . n 
A 1 41 GLY 41 609 41 GLY GLY A . n 
A 1 42 THR 42 610 42 THR THR A . n 
A 1 43 SER 43 611 43 SER SER A . n 
A 1 44 GLN 44 612 44 GLN GLN A . n 
A 1 45 ALA 45 613 45 ALA ALA A . n 
A 1 46 LEU 46 614 46 LEU LEU A . n 
A 1 47 ARG 47 615 47 ARG ARG A . n 
A 1 48 GLU 48 616 48 GLU GLU A . n 
A 1 49 GLU 49 617 49 GLU GLU A . n 
A 1 50 ALA 50 618 50 ALA ALA A . n 
A 1 51 GLN 51 619 51 GLN GLN A . n 
A 1 52 ARG 52 620 52 ARG ARG A . n 
A 1 53 ARG 53 621 53 ARG ARG A . n 
A 1 54 ASP 54 622 54 ASP ASP A . n 
A 1 55 SER 55 623 55 SER SER A . n 
A 1 56 ALA 56 624 56 ALA ALA A . n 
A 1 57 LEU 57 625 57 LEU LEU A . n 
A 1 58 GLN 58 626 58 GLN GLN A . n 
A 1 59 GLN 59 627 59 GLN GLN A . n 
A 1 60 LEU 60 628 60 LEU LEU A . n 
A 1 61 ARG 61 629 61 ARG ARG A . n 
A 1 62 THR 62 630 62 THR THR A . n 
A 1 63 ALA 63 631 63 ALA ALA A . n 
A 1 64 VAL 64 632 64 VAL VAL A . n 
A 1 65 LYS 65 633 65 LYS LYS A . n 
A 1 66 GLU 66 634 66 GLU GLU A . n 
A 1 67 LEU 67 635 67 LEU LEU A . n 
A 1 68 SER 68 636 68 SER SER A . n 
A 1 69 VAL 69 637 69 VAL VAL A . n 
A 1 70 GLN 70 638 70 GLN GLN A . n 
A 1 71 ASN 71 639 71 ASN ASN A . n 
A 1 72 GLN 72 640 72 GLN GLN A . n 
A 1 73 ASP 73 641 73 ASP ASP A . n 
A 1 74 LEU 74 642 74 LEU LEU A . n 
A 1 75 ILE 75 643 75 ILE ILE A . n 
A 1 76 GLU 76 644 76 GLU GLU A . n 
A 1 77 LYS 77 645 77 LYS LYS A . n 
A 1 78 ASN 78 646 78 ASN ASN A . n 
A 1 79 LEU 79 647 79 LEU LEU A . n 
A 1 80 THR 80 648 80 THR THR A . n 
A 1 81 LEU 81 649 81 LEU LEU A . n 
A 1 82 GLN 82 650 82 GLN GLN A . n 
A 1 83 GLU 83 651 83 GLU GLU A . n 
A 1 84 HIS 84 652 84 HIS HIS A . n 
A 1 85 LEU 85 653 85 LEU LEU A . n 
A 1 86 ARG 86 654 86 ARG ARG A . n 
A 1 87 GLN 87 655 87 GLN GLN A . n 
A 1 88 ALA 88 656 88 ALA ALA A . n 
B 1 1  GLY 1  569 1  GLY GLY B . n 
B 1 2  GLU 2  570 2  GLU GLU B . n 
B 1 3  SER 3  571 3  SER SER B . n 
B 1 4  TRP 4  572 4  TRP TRP B . n 
B 1 5  GLN 5  573 5  GLN GLN B . n 
B 1 6  LYS 6  574 6  LYS LYS B . n 
B 1 7  ARG 7  575 7  ARG ARG B . n 
B 1 8  TYR 8  576 8  TYR TYR B . n 
B 1 9  ASP 9  577 9  ASP ASP B . n 
B 1 10 SER 10 578 10 SER SER B . n 
B 1 11 LEU 11 579 11 LEU LEU B . n 
B 1 12 GLN 12 580 12 GLN GLN B . n 
B 1 13 LYS 13 581 13 LYS LYS B . n 
B 1 14 ILE 14 582 14 ILE ILE B . n 
B 1 15 VAL 15 583 15 VAL VAL B . n 
B 1 16 GLU 16 584 16 GLU GLU B . n 
B 1 17 LYS 17 585 17 LYS LYS B . n 
B 1 18 GLN 18 586 18 GLN GLN B . n 
B 1 19 GLN 19 587 19 GLN GLN B . n 
B 1 20 GLN 20 588 20 GLN GLN B . n 
B 1 21 LYS 21 589 21 LYS LYS B . n 
B 1 22 MET 22 590 22 MET MET B . n 
B 1 23 ASP 23 591 23 ASP ASP B . n 
B 1 24 GLN 24 592 24 GLN GLN B . n 
B 1 25 LEU 25 593 25 LEU LEU B . n 
B 1 26 ARG 26 594 26 ARG ARG B . n 
B 1 27 SER 27 595 27 SER SER B . n 
B 1 28 GLN 28 596 28 GLN GLN B . n 
B 1 29 VAL 29 597 29 VAL VAL B . n 
B 1 30 GLN 30 598 30 GLN GLN B . n 
B 1 31 SER 31 599 31 SER SER B . n 
B 1 32 LEU 32 600 32 LEU LEU B . n 
B 1 33 GLU 33 601 33 GLU GLU B . n 
B 1 34 GLN 34 602 34 GLN GLN B . n 
B 1 35 GLU 35 603 35 GLU GLU B . n 
B 1 36 VAL 36 604 36 VAL VAL B . n 
B 1 37 ALA 37 605 37 ALA ALA B . n 
B 1 38 GLN 38 606 38 GLN GLN B . n 
B 1 39 GLU 39 607 39 GLU GLU B . n 
B 1 40 GLU 40 608 40 GLU GLU B . n 
B 1 41 GLY 41 609 41 GLY GLY B . n 
B 1 42 THR 42 610 42 THR THR B . n 
B 1 43 SER 43 611 43 SER SER B . n 
B 1 44 GLN 44 612 44 GLN GLN B . n 
B 1 45 ALA 45 613 45 ALA ALA B . n 
B 1 46 LEU 46 614 46 LEU LEU B . n 
B 1 47 ARG 47 615 47 ARG ARG B . n 
B 1 48 GLU 48 616 48 GLU GLU B . n 
B 1 49 GLU 49 617 49 GLU GLU B . n 
B 1 50 ALA 50 618 50 ALA ALA B . n 
B 1 51 GLN 51 619 51 GLN GLN B . n 
B 1 52 ARG 52 620 52 ARG ARG B . n 
B 1 53 ARG 53 621 53 ARG ARG B . n 
B 1 54 ASP 54 622 54 ASP ASP B . n 
B 1 55 SER 55 623 55 SER SER B . n 
B 1 56 ALA 56 624 56 ALA ALA B . n 
B 1 57 LEU 57 625 57 LEU LEU B . n 
B 1 58 GLN 58 626 58 GLN GLN B . n 
B 1 59 GLN 59 627 59 GLN GLN B . n 
B 1 60 LEU 60 628 60 LEU LEU B . n 
B 1 61 ARG 61 629 61 ARG ARG B . n 
B 1 62 THR 62 630 62 THR THR B . n 
B 1 63 ALA 63 631 63 ALA ALA B . n 
B 1 64 VAL 64 632 64 VAL VAL B . n 
B 1 65 LYS 65 633 65 LYS LYS B . n 
B 1 66 GLU 66 634 66 GLU GLU B . n 
B 1 67 LEU 67 635 67 LEU LEU B . n 
B 1 68 SER 68 636 68 SER SER B . n 
B 1 69 VAL 69 637 69 VAL VAL B . n 
B 1 70 GLN 70 638 70 GLN GLN B . n 
B 1 71 ASN 71 639 71 ASN ASN B . n 
B 1 72 GLN 72 640 72 GLN GLN B . n 
B 1 73 ASP 73 641 73 ASP ASP B . n 
B 1 74 LEU 74 642 74 LEU LEU B . n 
B 1 75 ILE 75 643 75 ILE ILE B . n 
B 1 76 GLU 76 644 76 GLU GLU B . n 
B 1 77 LYS 77 645 77 LYS LYS B . n 
B 1 78 ASN 78 646 78 ASN ASN B . n 
B 1 79 LEU 79 647 79 LEU LEU B . n 
B 1 80 THR 80 648 80 THR THR B . n 
B 1 81 LEU 81 649 81 LEU LEU B . n 
B 1 82 GLN 82 650 82 GLN GLN B . n 
B 1 83 GLU 83 651 83 GLU GLU B . n 
B 1 84 HIS 84 652 84 HIS HIS B . n 
B 1 85 LEU 85 653 85 LEU LEU B . n 
B 1 86 ARG 86 654 86 ARG ARG B . n 
B 1 87 GLN 87 655 87 GLN GLN B . n 
B 1 88 ALA 88 656 88 ALA ALA B . n 
# 
loop_
_pdbx_nonpoly_scheme.asym_id 
_pdbx_nonpoly_scheme.entity_id 
_pdbx_nonpoly_scheme.mon_id 
_pdbx_nonpoly_scheme.ndb_seq_num 
_pdbx_nonpoly_scheme.pdb_seq_num 
_pdbx_nonpoly_scheme.auth_seq_num 
_pdbx_nonpoly_scheme.pdb_mon_id 
_pdbx_nonpoly_scheme.auth_mon_id 
_pdbx_nonpoly_scheme.pdb_strand_id 
_pdbx_nonpoly_scheme.pdb_ins_code 
C 2 MPD 1   701 1   MPD MPD B . 
D 3 HOH 1   701 170 HOH HOH A . 
D 3 HOH 2   702 174 HOH HOH A . 
D 3 HOH 3   703 215 HOH HOH A . 
D 3 HOH 4   704 168 HOH HOH A . 
D 3 HOH 5   705 169 HOH HOH A . 
D 3 HOH 6   706 56  HOH HOH A . 
D 3 HOH 7   707 96  HOH HOH A . 
D 3 HOH 8   708 191 HOH HOH A . 
D 3 HOH 9   709 219 HOH HOH A . 
D 3 HOH 10  710 70  HOH HOH A . 
D 3 HOH 11  711 43  HOH HOH A . 
D 3 HOH 12  712 107 HOH HOH A . 
D 3 HOH 13  713 7   HOH HOH A . 
D 3 HOH 14  714 61  HOH HOH A . 
D 3 HOH 15  715 36  HOH HOH A . 
D 3 HOH 16  716 95  HOH HOH A . 
D 3 HOH 17  717 6   HOH HOH A . 
D 3 HOH 18  718 30  HOH HOH A . 
D 3 HOH 19  719 20  HOH HOH A . 
D 3 HOH 20  720 130 HOH HOH A . 
D 3 HOH 21  721 73  HOH HOH A . 
D 3 HOH 22  722 90  HOH HOH A . 
D 3 HOH 23  723 226 HOH HOH A . 
D 3 HOH 24  724 227 HOH HOH A . 
D 3 HOH 25  725 4   HOH HOH A . 
D 3 HOH 26  726 196 HOH HOH A . 
D 3 HOH 27  727 105 HOH HOH A . 
D 3 HOH 28  728 147 HOH HOH A . 
D 3 HOH 29  729 222 HOH HOH A . 
D 3 HOH 30  730 44  HOH HOH A . 
D 3 HOH 31  731 98  HOH HOH A . 
D 3 HOH 32  732 46  HOH HOH A . 
D 3 HOH 33  733 28  HOH HOH A . 
D 3 HOH 34  734 116 HOH HOH A . 
D 3 HOH 35  735 84  HOH HOH A . 
D 3 HOH 36  736 5   HOH HOH A . 
D 3 HOH 37  737 153 HOH HOH A . 
D 3 HOH 38  738 38  HOH HOH A . 
D 3 HOH 39  739 134 HOH HOH A . 
D 3 HOH 40  740 40  HOH HOH A . 
D 3 HOH 41  741 190 HOH HOH A . 
D 3 HOH 42  742 29  HOH HOH A . 
D 3 HOH 43  743 8   HOH HOH A . 
D 3 HOH 44  744 16  HOH HOH A . 
D 3 HOH 45  745 64  HOH HOH A . 
D 3 HOH 46  746 115 HOH HOH A . 
D 3 HOH 47  747 54  HOH HOH A . 
D 3 HOH 48  748 131 HOH HOH A . 
D 3 HOH 49  749 211 HOH HOH A . 
D 3 HOH 50  750 35  HOH HOH A . 
D 3 HOH 51  751 72  HOH HOH A . 
D 3 HOH 52  752 136 HOH HOH A . 
D 3 HOH 53  753 160 HOH HOH A . 
D 3 HOH 54  754 66  HOH HOH A . 
D 3 HOH 55  755 17  HOH HOH A . 
D 3 HOH 56  756 117 HOH HOH A . 
D 3 HOH 57  757 109 HOH HOH A . 
D 3 HOH 58  758 58  HOH HOH A . 
D 3 HOH 59  759 41  HOH HOH A . 
D 3 HOH 60  760 62  HOH HOH A . 
D 3 HOH 61  761 141 HOH HOH A . 
D 3 HOH 62  762 202 HOH HOH A . 
D 3 HOH 63  763 27  HOH HOH A . 
D 3 HOH 64  764 14  HOH HOH A . 
D 3 HOH 65  765 151 HOH HOH A . 
D 3 HOH 66  766 122 HOH HOH A . 
D 3 HOH 67  767 26  HOH HOH A . 
D 3 HOH 68  768 104 HOH HOH A . 
D 3 HOH 69  769 83  HOH HOH A . 
D 3 HOH 70  770 180 HOH HOH A . 
D 3 HOH 71  771 48  HOH HOH A . 
D 3 HOH 72  772 51  HOH HOH A . 
D 3 HOH 73  773 18  HOH HOH A . 
D 3 HOH 74  774 9   HOH HOH A . 
D 3 HOH 75  775 34  HOH HOH A . 
D 3 HOH 76  776 31  HOH HOH A . 
D 3 HOH 77  777 167 HOH HOH A . 
D 3 HOH 78  778 127 HOH HOH A . 
D 3 HOH 79  779 120 HOH HOH A . 
D 3 HOH 80  780 3   HOH HOH A . 
D 3 HOH 81  781 137 HOH HOH A . 
D 3 HOH 82  782 113 HOH HOH A . 
D 3 HOH 83  783 225 HOH HOH A . 
D 3 HOH 84  784 119 HOH HOH A . 
D 3 HOH 85  785 159 HOH HOH A . 
D 3 HOH 86  786 144 HOH HOH A . 
D 3 HOH 87  787 47  HOH HOH A . 
D 3 HOH 88  788 67  HOH HOH A . 
D 3 HOH 89  789 182 HOH HOH A . 
D 3 HOH 90  790 86  HOH HOH A . 
D 3 HOH 91  791 181 HOH HOH A . 
D 3 HOH 92  792 189 HOH HOH A . 
D 3 HOH 93  793 145 HOH HOH A . 
D 3 HOH 94  794 162 HOH HOH A . 
D 3 HOH 95  795 175 HOH HOH A . 
D 3 HOH 96  796 210 HOH HOH A . 
D 3 HOH 97  797 133 HOH HOH A . 
D 3 HOH 98  798 110 HOH HOH A . 
D 3 HOH 99  799 217 HOH HOH A . 
D 3 HOH 100 800 220 HOH HOH A . 
D 3 HOH 101 801 37  HOH HOH A . 
D 3 HOH 102 802 59  HOH HOH A . 
D 3 HOH 103 803 101 HOH HOH A . 
D 3 HOH 104 804 224 HOH HOH A . 
D 3 HOH 105 805 205 HOH HOH A . 
D 3 HOH 106 806 102 HOH HOH A . 
D 3 HOH 107 807 25  HOH HOH A . 
D 3 HOH 108 808 121 HOH HOH A . 
D 3 HOH 109 809 139 HOH HOH A . 
D 3 HOH 110 810 163 HOH HOH A . 
D 3 HOH 111 811 185 HOH HOH A . 
D 3 HOH 112 812 199 HOH HOH A . 
D 3 HOH 113 813 200 HOH HOH A . 
D 3 HOH 114 814 45  HOH HOH A . 
E 3 HOH 1   801 173 HOH HOH B . 
E 3 HOH 2   802 187 HOH HOH B . 
E 3 HOH 3   803 184 HOH HOH B . 
E 3 HOH 4   804 186 HOH HOH B . 
E 3 HOH 5   805 12  HOH HOH B . 
E 3 HOH 6   806 97  HOH HOH B . 
E 3 HOH 7   807 24  HOH HOH B . 
E 3 HOH 8   808 177 HOH HOH B . 
E 3 HOH 9   809 39  HOH HOH B . 
E 3 HOH 10  810 143 HOH HOH B . 
E 3 HOH 11  811 21  HOH HOH B . 
E 3 HOH 12  812 223 HOH HOH B . 
E 3 HOH 13  813 128 HOH HOH B . 
E 3 HOH 14  814 22  HOH HOH B . 
E 3 HOH 15  815 88  HOH HOH B . 
E 3 HOH 16  816 178 HOH HOH B . 
E 3 HOH 17  817 207 HOH HOH B . 
E 3 HOH 18  818 176 HOH HOH B . 
E 3 HOH 19  819 79  HOH HOH B . 
E 3 HOH 20  820 15  HOH HOH B . 
E 3 HOH 21  821 106 HOH HOH B . 
E 3 HOH 22  822 82  HOH HOH B . 
E 3 HOH 23  823 228 HOH HOH B . 
E 3 HOH 24  824 74  HOH HOH B . 
E 3 HOH 25  825 33  HOH HOH B . 
E 3 HOH 26  826 32  HOH HOH B . 
E 3 HOH 27  827 213 HOH HOH B . 
E 3 HOH 28  828 166 HOH HOH B . 
E 3 HOH 29  829 214 HOH HOH B . 
E 3 HOH 30  830 94  HOH HOH B . 
E 3 HOH 31  831 146 HOH HOH B . 
E 3 HOH 32  832 156 HOH HOH B . 
E 3 HOH 33  833 80  HOH HOH B . 
E 3 HOH 34  834 111 HOH HOH B . 
E 3 HOH 35  835 50  HOH HOH B . 
E 3 HOH 36  836 89  HOH HOH B . 
E 3 HOH 37  837 99  HOH HOH B . 
E 3 HOH 38  838 10  HOH HOH B . 
E 3 HOH 39  839 93  HOH HOH B . 
E 3 HOH 40  840 78  HOH HOH B . 
E 3 HOH 41  841 132 HOH HOH B . 
E 3 HOH 42  842 52  HOH HOH B . 
E 3 HOH 43  843 57  HOH HOH B . 
E 3 HOH 44  844 68  HOH HOH B . 
E 3 HOH 45  845 91  HOH HOH B . 
E 3 HOH 46  846 192 HOH HOH B . 
E 3 HOH 47  847 13  HOH HOH B . 
E 3 HOH 48  848 100 HOH HOH B . 
E 3 HOH 49  849 75  HOH HOH B . 
E 3 HOH 50  850 85  HOH HOH B . 
E 3 HOH 51  851 142 HOH HOH B . 
E 3 HOH 52  852 2   HOH HOH B . 
E 3 HOH 53  853 108 HOH HOH B . 
E 3 HOH 54  854 81  HOH HOH B . 
E 3 HOH 55  855 140 HOH HOH B . 
E 3 HOH 56  856 69  HOH HOH B . 
E 3 HOH 57  857 53  HOH HOH B . 
E 3 HOH 58  858 1   HOH HOH B . 
E 3 HOH 59  859 171 HOH HOH B . 
E 3 HOH 60  860 92  HOH HOH B . 
E 3 HOH 61  861 11  HOH HOH B . 
E 3 HOH 62  862 135 HOH HOH B . 
E 3 HOH 63  863 87  HOH HOH B . 
E 3 HOH 64  864 129 HOH HOH B . 
E 3 HOH 65  865 60  HOH HOH B . 
E 3 HOH 66  866 112 HOH HOH B . 
E 3 HOH 67  867 76  HOH HOH B . 
E 3 HOH 68  868 49  HOH HOH B . 
E 3 HOH 69  869 63  HOH HOH B . 
E 3 HOH 70  870 172 HOH HOH B . 
E 3 HOH 71  871 125 HOH HOH B . 
E 3 HOH 72  872 161 HOH HOH B . 
E 3 HOH 73  873 65  HOH HOH B . 
E 3 HOH 74  874 55  HOH HOH B . 
E 3 HOH 75  875 212 HOH HOH B . 
E 3 HOH 76  876 188 HOH HOH B . 
E 3 HOH 77  877 179 HOH HOH B . 
E 3 HOH 78  878 124 HOH HOH B . 
E 3 HOH 79  879 204 HOH HOH B . 
E 3 HOH 80  880 201 HOH HOH B . 
E 3 HOH 81  881 138 HOH HOH B . 
E 3 HOH 82  882 126 HOH HOH B . 
E 3 HOH 83  883 19  HOH HOH B . 
E 3 HOH 84  884 218 HOH HOH B . 
E 3 HOH 85  885 23  HOH HOH B . 
E 3 HOH 86  886 118 HOH HOH B . 
E 3 HOH 87  887 193 HOH HOH B . 
E 3 HOH 88  888 155 HOH HOH B . 
E 3 HOH 89  889 164 HOH HOH B . 
E 3 HOH 90  890 148 HOH HOH B . 
E 3 HOH 91  891 203 HOH HOH B . 
E 3 HOH 92  892 208 HOH HOH B . 
E 3 HOH 93  893 71  HOH HOH B . 
E 3 HOH 94  894 209 HOH HOH B . 
E 3 HOH 95  895 150 HOH HOH B . 
E 3 HOH 96  896 114 HOH HOH B . 
E 3 HOH 97  897 154 HOH HOH B . 
E 3 HOH 98  898 216 HOH HOH B . 
E 3 HOH 99  899 152 HOH HOH B . 
E 3 HOH 100 900 157 HOH HOH B . 
E 3 HOH 101 901 206 HOH HOH B . 
E 3 HOH 102 902 194 HOH HOH B . 
E 3 HOH 103 903 165 HOH HOH B . 
E 3 HOH 104 904 183 HOH HOH B . 
E 3 HOH 105 905 42  HOH HOH B . 
E 3 HOH 106 906 77  HOH HOH B . 
E 3 HOH 107 907 198 HOH HOH B . 
E 3 HOH 108 908 197 HOH HOH B . 
E 3 HOH 109 909 149 HOH HOH B . 
E 3 HOH 110 910 158 HOH HOH B . 
E 3 HOH 111 911 103 HOH HOH B . 
E 3 HOH 112 912 123 HOH HOH B . 
E 3 HOH 113 913 195 HOH HOH B . 
# 
loop_
_software.citation_id 
_software.classification 
_software.compiler_name 
_software.compiler_version 
_software.contact_author 
_software.contact_author_email 
_software.date 
_software.description 
_software.dependencies 
_software.hardware 
_software.language 
_software.location 
_software.mods 
_software.name 
_software.os 
_software.os_version 
_software.type 
_software.version 
_software.pdbx_ordinal 
? refinement       ? ? ? ? ? ? ? ? ? ? ? PHENIX  ? ? ? '(1.11.1_2575: ???)' 1 
? 'data reduction' ? ? ? ? ? ? ? ? ? ? ? iMOSFLM ? ? ? .                    2 
? 'data scaling'   ? ? ? ? ? ? ? ? ? ? ? SCALA   ? ? ? .                    3 
? phasing          ? ? ? ? ? ? ? ? ? ? ? PHASER  ? ? ? .                    4 
# 
_cell.angle_alpha                  90.00 
_cell.angle_alpha_esd              ? 
_cell.angle_beta                   90.00 
_cell.angle_beta_esd               ? 
_cell.angle_gamma                  90.00 
_cell.angle_gamma_esd              ? 
_cell.entry_id                     5OI7 
_cell.details                      ? 
_cell.formula_units_Z              ? 
_cell.length_a                     37.930 
_cell.length_a_esd                 ? 
_cell.length_b                     73.880 
_cell.length_b_esd                 ? 
_cell.length_c                     128.130 
_cell.length_c_esd                 ? 
_cell.volume                       ? 
_cell.volume_esd                   ? 
_cell.Z_PDB                        16 
_cell.reciprocal_angle_alpha       ? 
_cell.reciprocal_angle_beta        ? 
_cell.reciprocal_angle_gamma       ? 
_cell.reciprocal_angle_alpha_esd   ? 
_cell.reciprocal_angle_beta_esd    ? 
_cell.reciprocal_angle_gamma_esd   ? 
_cell.reciprocal_length_a          ? 
_cell.reciprocal_length_b          ? 
_cell.reciprocal_length_c          ? 
_cell.reciprocal_length_a_esd      ? 
_cell.reciprocal_length_b_esd      ? 
_cell.reciprocal_length_c_esd      ? 
_cell.pdbx_unique_axis             ? 
# 
_symmetry.entry_id                         5OI7 
_symmetry.cell_setting                     ? 
_symmetry.Int_Tables_number                23 
_symmetry.space_group_name_Hall            ? 
_symmetry.space_group_name_H-M             'I 2 2 2' 
_symmetry.pdbx_full_space_group_name_H-M   ? 
# 
_exptl.absorpt_coefficient_mu     ? 
_exptl.absorpt_correction_T_max   ? 
_exptl.absorpt_correction_T_min   ? 
_exptl.absorpt_correction_type    ? 
_exptl.absorpt_process_details    ? 
_exptl.entry_id                   5OI7 
_exptl.crystals_number            1 
_exptl.details                    ? 
_exptl.method                     'X-RAY DIFFRACTION' 
_exptl.method_details             ? 
# 
_exptl_crystal.colour                      ? 
_exptl_crystal.density_diffrn              ? 
_exptl_crystal.density_Matthews            2.17 
_exptl_crystal.density_method              ? 
_exptl_crystal.density_percent_sol         43.29 
_exptl_crystal.description                 ? 
_exptl_crystal.F_000                       ? 
_exptl_crystal.id                          1 
_exptl_crystal.preparation                 ? 
_exptl_crystal.size_max                    ? 
_exptl_crystal.size_mid                    ? 
_exptl_crystal.size_min                    ? 
_exptl_crystal.size_rad                    ? 
_exptl_crystal.colour_lustre               ? 
_exptl_crystal.colour_modifier             ? 
_exptl_crystal.colour_primary              ? 
_exptl_crystal.density_meas                ? 
_exptl_crystal.density_meas_esd            ? 
_exptl_crystal.density_meas_gt             ? 
_exptl_crystal.density_meas_lt             ? 
_exptl_crystal.density_meas_temp           ? 
_exptl_crystal.density_meas_temp_esd       ? 
_exptl_crystal.density_meas_temp_gt        ? 
_exptl_crystal.density_meas_temp_lt        ? 
_exptl_crystal.pdbx_crystal_image_url      ? 
_exptl_crystal.pdbx_crystal_image_format   ? 
_exptl_crystal.pdbx_mosaicity              ? 
_exptl_crystal.pdbx_mosaicity_esd          ? 
# 
_exptl_crystal_grow.apparatus       ? 
_exptl_crystal_grow.atmosphere      ? 
_exptl_crystal_grow.crystal_id      1 
_exptl_crystal_grow.details         ? 
_exptl_crystal_grow.method          'VAPOR DIFFUSION, SITTING DROP' 
_exptl_crystal_grow.method_ref      ? 
_exptl_crystal_grow.pH              ? 
_exptl_crystal_grow.pressure        ? 
_exptl_crystal_grow.pressure_esd    ? 
_exptl_crystal_grow.seeding         ? 
_exptl_crystal_grow.seeding_ref     ? 
_exptl_crystal_grow.temp            292 
_exptl_crystal_grow.temp_details    ? 
_exptl_crystal_grow.temp_esd        ? 
_exptl_crystal_grow.time            ? 
_exptl_crystal_grow.pdbx_details    
;100 mM Na-HEPES, pH 7.7
200 mM Na-Citrate
36 % (v/v) MPD
;
_exptl_crystal_grow.pdbx_pH_range   ? 
# 
_diffrn.ambient_environment    ? 
_diffrn.ambient_temp           100 
_diffrn.ambient_temp_details   ? 
_diffrn.ambient_temp_esd       ? 
_diffrn.crystal_id             1 
_diffrn.crystal_support        ? 
_diffrn.crystal_treatment      ? 
_diffrn.details                ? 
_diffrn.id                     1 
_diffrn.ambient_pressure       ? 
_diffrn.ambient_pressure_esd   ? 
_diffrn.ambient_pressure_gt    ? 
_diffrn.ambient_pressure_lt    ? 
_diffrn.ambient_temp_gt        ? 
_diffrn.ambient_temp_lt        ? 
# 
_diffrn_detector.details                      ? 
_diffrn_detector.detector                     'IMAGE PLATE' 
_diffrn_detector.diffrn_id                    1 
_diffrn_detector.type                         MARRESEARCH 
_diffrn_detector.area_resol_mean              ? 
_diffrn_detector.dtime                        ? 
_diffrn_detector.pdbx_frames_total            ? 
_diffrn_detector.pdbx_collection_time_total   ? 
_diffrn_detector.pdbx_collection_date         2014-10-22 
# 
_diffrn_radiation.collimation                      ? 
_diffrn_radiation.diffrn_id                        1 
_diffrn_radiation.filter_edge                      ? 
_diffrn_radiation.inhomogeneity                    ? 
_diffrn_radiation.monochromator                    ? 
_diffrn_radiation.polarisn_norm                    ? 
_diffrn_radiation.polarisn_ratio                   ? 
_diffrn_radiation.probe                            ? 
_diffrn_radiation.type                             ? 
_diffrn_radiation.xray_symbol                      ? 
_diffrn_radiation.wavelength_id                    1 
_diffrn_radiation.pdbx_monochromatic_or_laue_m_l   M 
_diffrn_radiation.pdbx_wavelength_list             ? 
_diffrn_radiation.pdbx_wavelength                  ? 
_diffrn_radiation.pdbx_diffrn_protocol             'SINGLE WAVELENGTH' 
_diffrn_radiation.pdbx_analyzer                    ? 
_diffrn_radiation.pdbx_scattering_type             x-ray 
# 
_diffrn_radiation_wavelength.id           1 
_diffrn_radiation_wavelength.wavelength   1.54179 
_diffrn_radiation_wavelength.wt           1.0 
# 
_diffrn_source.current                     ? 
_diffrn_source.details                     ? 
_diffrn_source.diffrn_id                   1 
_diffrn_source.power                       ? 
_diffrn_source.size                        ? 
_diffrn_source.source                      'ROTATING ANODE' 
_diffrn_source.target                      ? 
_diffrn_source.type                        'RIGAKU FR-E+ SUPERBRIGHT' 
_diffrn_source.voltage                     ? 
_diffrn_source.take-off_angle              ? 
_diffrn_source.pdbx_wavelength_list        1.54179 
_diffrn_source.pdbx_wavelength             ? 
_diffrn_source.pdbx_synchrotron_beamline   ? 
_diffrn_source.pdbx_synchrotron_site       ? 
# 
_reflns.B_iso_Wilson_estimate            ? 
_reflns.entry_id                         5OI7 
_reflns.data_reduction_details           ? 
_reflns.data_reduction_method            ? 
_reflns.d_resolution_high                1.67 
_reflns.d_resolution_low                 36.98 
_reflns.details                          ? 
_reflns.limit_h_max                      ? 
_reflns.limit_h_min                      ? 
_reflns.limit_k_max                      ? 
_reflns.limit_k_min                      ? 
_reflns.limit_l_max                      ? 
_reflns.limit_l_min                      ? 
_reflns.number_all                       ? 
_reflns.number_obs                       21341 
_reflns.observed_criterion               ? 
_reflns.observed_criterion_F_max         ? 
_reflns.observed_criterion_F_min         ? 
_reflns.observed_criterion_I_max         ? 
_reflns.observed_criterion_I_min         ? 
_reflns.observed_criterion_sigma_F       ? 
_reflns.observed_criterion_sigma_I       ? 
_reflns.percent_possible_obs             98.9 
_reflns.R_free_details                   ? 
_reflns.Rmerge_F_all                     ? 
_reflns.Rmerge_F_obs                     ? 
_reflns.Friedel_coverage                 ? 
_reflns.number_gt                        ? 
_reflns.threshold_expression             ? 
_reflns.pdbx_redundancy                  11.1 
_reflns.pdbx_Rmerge_I_obs                0.202 
_reflns.pdbx_Rmerge_I_all                ? 
_reflns.pdbx_Rsym_value                  ? 
_reflns.pdbx_netI_over_av_sigmaI         ? 
_reflns.pdbx_netI_over_sigmaI            8.6 
_reflns.pdbx_res_netI_over_av_sigmaI_2   ? 
_reflns.pdbx_res_netI_over_sigmaI_2      ? 
_reflns.pdbx_chi_squared                 ? 
_reflns.pdbx_scaling_rejects             ? 
_reflns.pdbx_d_res_high_opt              ? 
_reflns.pdbx_d_res_low_opt               ? 
_reflns.pdbx_d_res_opt_method            ? 
_reflns.phase_calculation_details        ? 
_reflns.pdbx_Rrim_I_all                  ? 
_reflns.pdbx_Rpim_I_all                  0.063 
_reflns.pdbx_d_opt                       ? 
_reflns.pdbx_number_measured_all         ? 
_reflns.pdbx_diffrn_id                   1 
_reflns.pdbx_ordinal                     1 
_reflns.pdbx_CC_half                     ? 
_reflns.pdbx_R_split                     ? 
# 
_reflns_shell.d_res_high                  1.67 
_reflns_shell.d_res_low                   1.76 
_reflns_shell.meanI_over_sigI_all         ? 
_reflns_shell.meanI_over_sigI_obs         1.4 
_reflns_shell.number_measured_all         ? 
_reflns_shell.number_measured_obs         ? 
_reflns_shell.number_possible             ? 
_reflns_shell.number_unique_all           ? 
_reflns_shell.number_unique_obs           2852 
_reflns_shell.percent_possible_all        92.2 
_reflns_shell.percent_possible_obs        ? 
_reflns_shell.Rmerge_F_all                ? 
_reflns_shell.Rmerge_F_obs                ? 
_reflns_shell.Rmerge_I_all                ? 
_reflns_shell.Rmerge_I_obs                1.552 
_reflns_shell.meanI_over_sigI_gt          ? 
_reflns_shell.meanI_over_uI_all           ? 
_reflns_shell.meanI_over_uI_gt            ? 
_reflns_shell.number_measured_gt          ? 
_reflns_shell.number_unique_gt            ? 
_reflns_shell.percent_possible_gt         ? 
_reflns_shell.Rmerge_F_gt                 ? 
_reflns_shell.Rmerge_I_gt                 ? 
_reflns_shell.pdbx_redundancy             10.1 
_reflns_shell.pdbx_Rsym_value             ? 
_reflns_shell.pdbx_chi_squared            ? 
_reflns_shell.pdbx_netI_over_sigmaI_all   ? 
_reflns_shell.pdbx_netI_over_sigmaI_obs   ? 
_reflns_shell.pdbx_Rrim_I_all             ? 
_reflns_shell.pdbx_Rpim_I_all             0.506 
_reflns_shell.pdbx_rejects                ? 
_reflns_shell.pdbx_ordinal                1 
_reflns_shell.pdbx_diffrn_id              1 
_reflns_shell.pdbx_CC_half                0.474 
_reflns_shell.pdbx_R_split                ? 
# 
_refine.aniso_B[1][1]                            ? 
_refine.aniso_B[1][2]                            ? 
_refine.aniso_B[1][3]                            ? 
_refine.aniso_B[2][2]                            ? 
_refine.aniso_B[2][3]                            ? 
_refine.aniso_B[3][3]                            ? 
_refine.B_iso_max                                ? 
_refine.B_iso_mean                               ? 
_refine.B_iso_min                                ? 
_refine.correlation_coeff_Fo_to_Fc               ? 
_refine.correlation_coeff_Fo_to_Fc_free          ? 
_refine.details                                  ? 
_refine.diff_density_max                         ? 
_refine.diff_density_max_esd                     ? 
_refine.diff_density_min                         ? 
_refine.diff_density_min_esd                     ? 
_refine.diff_density_rms                         ? 
_refine.diff_density_rms_esd                     ? 
_refine.entry_id                                 5OI7 
_refine.pdbx_refine_id                           'X-RAY DIFFRACTION' 
_refine.ls_abs_structure_details                 ? 
_refine.ls_abs_structure_Flack                   ? 
_refine.ls_abs_structure_Flack_esd               ? 
_refine.ls_abs_structure_Rogers                  ? 
_refine.ls_abs_structure_Rogers_esd              ? 
_refine.ls_d_res_high                            1.670 
_refine.ls_d_res_low                             36.976 
_refine.ls_extinction_coef                       ? 
_refine.ls_extinction_coef_esd                   ? 
_refine.ls_extinction_expression                 ? 
_refine.ls_extinction_method                     ? 
_refine.ls_goodness_of_fit_all                   ? 
_refine.ls_goodness_of_fit_all_esd               ? 
_refine.ls_goodness_of_fit_obs                   ? 
_refine.ls_goodness_of_fit_obs_esd               ? 
_refine.ls_hydrogen_treatment                    ? 
_refine.ls_matrix_type                           ? 
_refine.ls_number_constraints                    ? 
_refine.ls_number_parameters                     ? 
_refine.ls_number_reflns_all                     ? 
_refine.ls_number_reflns_obs                     21329 
_refine.ls_number_reflns_R_free                  2011 
_refine.ls_number_reflns_R_work                  ? 
_refine.ls_number_restraints                     ? 
_refine.ls_percent_reflns_obs                    99.73 
_refine.ls_percent_reflns_R_free                 5.00 
_refine.ls_R_factor_all                          ? 
_refine.ls_R_factor_obs                          0.2043 
_refine.ls_R_factor_R_free                       0.2394 
_refine.ls_R_factor_R_free_error                 ? 
_refine.ls_R_factor_R_free_error_details         ? 
_refine.ls_R_factor_R_work                       0.2025 
_refine.ls_R_Fsqd_factor_obs                     ? 
_refine.ls_R_I_factor_obs                        ? 
_refine.ls_redundancy_reflns_all                 ? 
_refine.ls_redundancy_reflns_obs                 ? 
_refine.ls_restrained_S_all                      ? 
_refine.ls_restrained_S_obs                      ? 
_refine.ls_shift_over_esd_max                    ? 
_refine.ls_shift_over_esd_mean                   ? 
_refine.ls_structure_factor_coef                 ? 
_refine.ls_weighting_details                     ? 
_refine.ls_weighting_scheme                      ? 
_refine.ls_wR_factor_all                         ? 
_refine.ls_wR_factor_obs                         ? 
_refine.ls_wR_factor_R_free                      ? 
_refine.ls_wR_factor_R_work                      ? 
_refine.occupancy_max                            ? 
_refine.occupancy_min                            ? 
_refine.solvent_model_details                    ? 
_refine.solvent_model_param_bsol                 ? 
_refine.solvent_model_param_ksol                 ? 
_refine.ls_R_factor_gt                           ? 
_refine.ls_goodness_of_fit_gt                    ? 
_refine.ls_goodness_of_fit_ref                   ? 
_refine.ls_shift_over_su_max                     ? 
_refine.ls_shift_over_su_max_lt                  ? 
_refine.ls_shift_over_su_mean                    ? 
_refine.ls_shift_over_su_mean_lt                 ? 
_refine.pdbx_ls_sigma_I                          ? 
_refine.pdbx_ls_sigma_F                          0.04 
_refine.pdbx_ls_sigma_Fsqd                       ? 
_refine.pdbx_data_cutoff_high_absF               ? 
_refine.pdbx_data_cutoff_high_rms_absF           ? 
_refine.pdbx_data_cutoff_low_absF                ? 
_refine.pdbx_isotropic_thermal_model             ? 
_refine.pdbx_ls_cross_valid_method               'FREE R-VALUE' 
_refine.pdbx_method_to_determine_struct          'MOLECULAR REPLACEMENT' 
_refine.pdbx_starting_model                      2Q6Q 
_refine.pdbx_stereochemistry_target_values       ? 
_refine.pdbx_R_Free_selection_details            ? 
_refine.pdbx_stereochem_target_val_spec_case     ? 
_refine.pdbx_overall_ESU_R                       ? 
_refine.pdbx_overall_ESU_R_Free                  ? 
_refine.pdbx_solvent_vdw_probe_radii             1.11 
_refine.pdbx_solvent_ion_probe_radii             ? 
_refine.pdbx_solvent_shrinkage_radii             0.90 
_refine.pdbx_real_space_R                        ? 
_refine.pdbx_density_correlation                 ? 
_refine.pdbx_pd_number_of_powder_patterns        ? 
_refine.pdbx_pd_number_of_points                 ? 
_refine.pdbx_pd_meas_number_of_points            ? 
_refine.pdbx_pd_proc_ls_prof_R_factor            ? 
_refine.pdbx_pd_proc_ls_prof_wR_factor           ? 
_refine.pdbx_pd_Marquardt_correlation_coeff      ? 
_refine.pdbx_pd_Fsqrd_R_factor                   ? 
_refine.pdbx_pd_ls_matrix_band_width             ? 
_refine.pdbx_overall_phase_error                 27.30 
_refine.pdbx_overall_SU_R_free_Cruickshank_DPI   ? 
_refine.pdbx_overall_SU_R_free_Blow_DPI          ? 
_refine.pdbx_overall_SU_R_Blow_DPI               ? 
_refine.pdbx_TLS_residual_ADP_flag               ? 
_refine.pdbx_diffrn_id                           1 
_refine.overall_SU_B                             ? 
_refine.overall_SU_ML                            0.23 
_refine.overall_SU_R_Cruickshank_DPI             ? 
_refine.overall_SU_R_free                        ? 
_refine.overall_FOM_free_R_set                   ? 
_refine.overall_FOM_work_R_set                   ? 
_refine.pdbx_average_fsc_overall                 ? 
_refine.pdbx_average_fsc_work                    ? 
_refine.pdbx_average_fsc_free                    ? 
# 
_refine_hist.pdbx_refine_id                   'X-RAY DIFFRACTION' 
_refine_hist.cycle_id                         LAST 
_refine_hist.pdbx_number_atoms_protein        1448 
_refine_hist.pdbx_number_atoms_nucleic_acid   0 
_refine_hist.pdbx_number_atoms_ligand         8 
_refine_hist.number_atoms_solvent             227 
_refine_hist.number_atoms_total               1683 
_refine_hist.d_res_high                       1.670 
_refine_hist.d_res_low                        36.976 
# 
loop_
_refine_ls_restr.pdbx_refine_id 
_refine_ls_restr.criterion 
_refine_ls_restr.dev_ideal 
_refine_ls_restr.dev_ideal_target 
_refine_ls_restr.number 
_refine_ls_restr.rejects 
_refine_ls_restr.type 
_refine_ls_restr.weight 
_refine_ls_restr.pdbx_restraint_function 
'X-RAY DIFFRACTION' ? 0.002  ? 1487 ? f_bond_d           ? ? 
'X-RAY DIFFRACTION' ? 0.538  ? 1994 ? f_angle_d          ? ? 
'X-RAY DIFFRACTION' ? 12.160 ? 960  ? f_dihedral_angle_d ? ? 
'X-RAY DIFFRACTION' ? 0.029  ? 220  ? f_chiral_restr     ? ? 
'X-RAY DIFFRACTION' ? 0.002  ? 270  ? f_plane_restr      ? ? 
# 
loop_
_refine_ls_shell.pdbx_refine_id 
_refine_ls_shell.d_res_high 
_refine_ls_shell.d_res_low 
_refine_ls_shell.number_reflns_all 
_refine_ls_shell.number_reflns_obs 
_refine_ls_shell.number_reflns_R_free 
_refine_ls_shell.number_reflns_R_work 
_refine_ls_shell.percent_reflns_obs 
_refine_ls_shell.percent_reflns_R_free 
_refine_ls_shell.R_factor_all 
_refine_ls_shell.R_factor_obs 
_refine_ls_shell.R_factor_R_free 
_refine_ls_shell.R_factor_R_free_error 
_refine_ls_shell.R_factor_R_work 
_refine_ls_shell.redundancy_reflns_all 
_refine_ls_shell.redundancy_reflns_obs 
_refine_ls_shell.wR_factor_all 
_refine_ls_shell.wR_factor_obs 
_refine_ls_shell.wR_factor_R_free 
_refine_ls_shell.wR_factor_R_work 
_refine_ls_shell.pdbx_total_number_of_bins_used 
_refine_ls_shell.pdbx_phase_error 
_refine_ls_shell.pdbx_fsc_work 
_refine_ls_shell.pdbx_fsc_free 
'X-RAY DIFFRACTION' 1.6705 1.7122  . . 140 2664 97.00  . . . 0.3485 . 0.3336 . . . . . . . . . . 
'X-RAY DIFFRACTION' 1.7122 1.7585  . . 159 2700 100.00 . . . 0.3532 . 0.3154 . . . . . . . . . . 
'X-RAY DIFFRACTION' 1.7585 1.8103  . . 125 2762 100.00 . . . 0.3327 . 0.2866 . . . . . . . . . . 
'X-RAY DIFFRACTION' 1.8103 1.8687  . . 130 2756 100.00 . . . 0.3518 . 0.2787 . . . . . . . . . . 
'X-RAY DIFFRACTION' 1.8687 1.9355  . . 131 2735 100.00 . . . 0.2704 . 0.2611 . . . . . . . . . . 
'X-RAY DIFFRACTION' 1.9355 2.0130  . . 158 2737 100.00 . . . 0.2955 . 0.2507 . . . . . . . . . . 
'X-RAY DIFFRACTION' 2.0130 2.1046  . . 146 2723 100.00 . . . 0.2814 . 0.2237 . . . . . . . . . . 
'X-RAY DIFFRACTION' 2.1046 2.2155  . . 149 2746 100.00 . . . 0.2475 . 0.1934 . . . . . . . . . . 
'X-RAY DIFFRACTION' 2.2155 2.3543  . . 154 2718 100.00 . . . 0.2407 . 0.1810 . . . . . . . . . . 
'X-RAY DIFFRACTION' 2.3543 2.5361  . . 153 2740 100.00 . . . 0.2074 . 0.1826 . . . . . . . . . . 
'X-RAY DIFFRACTION' 2.5361 2.7912  . . 134 2731 100.00 . . . 0.2140 . 0.1826 . . . . . . . . . . 
'X-RAY DIFFRACTION' 2.7912 3.1949  . . 150 2760 100.00 . . . 0.2244 . 0.1772 . . . . . . . . . . 
'X-RAY DIFFRACTION' 3.1949 4.0244  . . 163 2716 100.00 . . . 0.2030 . 0.1571 . . . . . . . . . . 
'X-RAY DIFFRACTION' 4.0244 36.9849 . . 119 2756 99.00  . . . 0.2059 . 0.2025 . . . . . . . . . . 
# 
_struct.entry_id                     5OI7 
_struct.title                        'Human CEP85 - coiled coil domain 4' 
_struct.pdbx_model_details           ? 
_struct.pdbx_formula_weight          ? 
_struct.pdbx_formula_weight_method   ? 
_struct.pdbx_model_type_details      ? 
_struct.pdbx_CASP_flag               N 
# 
_struct_keywords.entry_id        5OI7 
_struct_keywords.text            'Centrosomes, centriole, CEP85, STIL, PROTEIN BINDING' 
_struct_keywords.pdbx_keywords   'PROTEIN BINDING' 
# 
loop_
_struct_asym.id 
_struct_asym.pdbx_blank_PDB_chainid_flag 
_struct_asym.pdbx_modified 
_struct_asym.entity_id 
_struct_asym.details 
A N N 1 ? 
B N N 1 ? 
C N N 2 ? 
D N N 3 ? 
E N N 3 ? 
# 
_struct_ref.id                         1 
_struct_ref.db_name                    UNP 
_struct_ref.db_code                    CEP85_HUMAN 
_struct_ref.pdbx_db_accession          Q6P2H3 
_struct_ref.pdbx_db_isoform            ? 
_struct_ref.entity_id                  1 
_struct_ref.pdbx_seq_one_letter_code   
;ESWQKRYDSLQKIVEKQQQKMDQLRSQVQSLEQEVAQEEGTSQALREEAQRRDSALQQLRTAVKELSVQNQDLIEKNLTL
QEHLRQA
;
_struct_ref.pdbx_align_begin           570 
# 
loop_
_struct_ref_seq.align_id 
_struct_ref_seq.ref_id 
_struct_ref_seq.pdbx_PDB_id_code 
_struct_ref_seq.pdbx_strand_id 
_struct_ref_seq.seq_align_beg 
_struct_ref_seq.pdbx_seq_align_beg_ins_code 
_struct_ref_seq.seq_align_end 
_struct_ref_seq.pdbx_seq_align_end_ins_code 
_struct_ref_seq.pdbx_db_accession 
_struct_ref_seq.db_align_beg 
_struct_ref_seq.pdbx_db_align_beg_ins_code 
_struct_ref_seq.db_align_end 
_struct_ref_seq.pdbx_db_align_end_ins_code 
_struct_ref_seq.pdbx_auth_seq_align_beg 
_struct_ref_seq.pdbx_auth_seq_align_end 
1 1 5OI7 A 2 ? 88 ? Q6P2H3 570 ? 656 ? 570 656 
2 1 5OI7 B 2 ? 88 ? Q6P2H3 570 ? 656 ? 570 656 
# 
loop_
_struct_ref_seq_dif.align_id 
_struct_ref_seq_dif.pdbx_pdb_id_code 
_struct_ref_seq_dif.mon_id 
_struct_ref_seq_dif.pdbx_pdb_strand_id 
_struct_ref_seq_dif.seq_num 
_struct_ref_seq_dif.pdbx_pdb_ins_code 
_struct_ref_seq_dif.pdbx_seq_db_name 
_struct_ref_seq_dif.pdbx_seq_db_accession_code 
_struct_ref_seq_dif.db_mon_id 
_struct_ref_seq_dif.pdbx_seq_db_seq_num 
_struct_ref_seq_dif.details 
_struct_ref_seq_dif.pdbx_auth_seq_num 
_struct_ref_seq_dif.pdbx_ordinal 
1 5OI7 GLY A 1 ? UNP Q6P2H3 ? ? 'expression tag' 569 1 
2 5OI7 GLY B 1 ? UNP Q6P2H3 ? ? 'expression tag' 569 2 
# 
_pdbx_struct_assembly.id                   1 
_pdbx_struct_assembly.details              author_and_software_defined_assembly 
_pdbx_struct_assembly.method_details       PISA 
_pdbx_struct_assembly.oligomeric_details   dimeric 
_pdbx_struct_assembly.oligomeric_count     2 
# 
loop_
_pdbx_struct_assembly_prop.biol_id 
_pdbx_struct_assembly_prop.type 
_pdbx_struct_assembly_prop.value 
_pdbx_struct_assembly_prop.details 
1 'ABSA (A^2)' 4760  ? 
1 MORE         -50   ? 
1 'SSA (A^2)'  12830 ? 
# 
_pdbx_struct_assembly_gen.assembly_id       1 
_pdbx_struct_assembly_gen.oper_expression   1 
_pdbx_struct_assembly_gen.asym_id_list      A,B,C,D,E 
# 
_pdbx_struct_assembly_auth_evidence.id                     1 
_pdbx_struct_assembly_auth_evidence.assembly_id            1 
_pdbx_struct_assembly_auth_evidence.experimental_support   'light scattering' 
_pdbx_struct_assembly_auth_evidence.details                'SEC-MALS experiments' 
# 
_pdbx_struct_oper_list.id                   1 
_pdbx_struct_oper_list.type                 'identity operation' 
_pdbx_struct_oper_list.name                 1_555 
_pdbx_struct_oper_list.symmetry_operation   x,y,z 
_pdbx_struct_oper_list.matrix[1][1]         1.0000000000 
_pdbx_struct_oper_list.matrix[1][2]         0.0000000000 
_pdbx_struct_oper_list.matrix[1][3]         0.0000000000 
_pdbx_struct_oper_list.vector[1]            0.0000000000 
_pdbx_struct_oper_list.matrix[2][1]         0.0000000000 
_pdbx_struct_oper_list.matrix[2][2]         1.0000000000 
_pdbx_struct_oper_list.matrix[2][3]         0.0000000000 
_pdbx_struct_oper_list.vector[2]            0.0000000000 
_pdbx_struct_oper_list.matrix[3][1]         0.0000000000 
_pdbx_struct_oper_list.matrix[3][2]         0.0000000000 
_pdbx_struct_oper_list.matrix[3][3]         1.0000000000 
_pdbx_struct_oper_list.vector[3]            0.0000000000 
# 
loop_
_struct_conf.conf_type_id 
_struct_conf.id 
_struct_conf.pdbx_PDB_helix_id 
_struct_conf.beg_label_comp_id 
_struct_conf.beg_label_asym_id 
_struct_conf.beg_label_seq_id 
_struct_conf.pdbx_beg_PDB_ins_code 
_struct_conf.end_label_comp_id 
_struct_conf.end_label_asym_id 
_struct_conf.end_label_seq_id 
_struct_conf.pdbx_end_PDB_ins_code 
_struct_conf.beg_auth_comp_id 
_struct_conf.beg_auth_asym_id 
_struct_conf.beg_auth_seq_id 
_struct_conf.end_auth_comp_id 
_struct_conf.end_auth_asym_id 
_struct_conf.end_auth_seq_id 
_struct_conf.pdbx_PDB_helix_class 
_struct_conf.details 
_struct_conf.pdbx_PDB_helix_length 
HELX_P HELX_P1 AA1 SER A 3 ? LEU A 85 ? SER A 571 LEU A 653 1 ? 83 
HELX_P HELX_P2 AA2 SER B 3 ? ARG B 86 ? SER B 571 ARG B 654 1 ? 84 
# 
_struct_conf_type.id          HELX_P 
_struct_conf_type.criteria    ? 
_struct_conf_type.reference   ? 
# 
_struct_site.id                   AC1 
_struct_site.pdbx_evidence_code   Software 
_struct_site.pdbx_auth_asym_id    B 
_struct_site.pdbx_auth_comp_id    MPD 
_struct_site.pdbx_auth_seq_id     701 
_struct_site.pdbx_auth_ins_code   ? 
_struct_site.pdbx_num_residues    4 
_struct_site.details              'binding site for residue MPD B 701' 
# 
loop_
_struct_site_gen.id 
_struct_site_gen.site_id 
_struct_site_gen.pdbx_num_res 
_struct_site_gen.label_comp_id 
_struct_site_gen.label_asym_id 
_struct_site_gen.label_seq_id 
_struct_site_gen.pdbx_auth_ins_code 
_struct_site_gen.auth_comp_id 
_struct_site_gen.auth_asym_id 
_struct_site_gen.auth_seq_id 
_struct_site_gen.label_atom_id 
_struct_site_gen.label_alt_id 
_struct_site_gen.symmetry 
_struct_site_gen.details 
1 AC1 4 TRP A 4  ? TRP A 572 . ? 4_555 ? 
2 AC1 4 HOH D .  ? HOH A 773 . ? 4_554 ? 
3 AC1 4 GLN B 38 ? GLN B 606 . ? 1_555 ? 
4 AC1 4 GLY B 41 ? GLY B 609 . ? 1_555 ? 
# 
loop_
_pdbx_validate_close_contact.id 
_pdbx_validate_close_contact.PDB_model_num 
_pdbx_validate_close_contact.auth_atom_id_1 
_pdbx_validate_close_contact.auth_asym_id_1 
_pdbx_validate_close_contact.auth_comp_id_1 
_pdbx_validate_close_contact.auth_seq_id_1 
_pdbx_validate_close_contact.PDB_ins_code_1 
_pdbx_validate_close_contact.label_alt_id_1 
_pdbx_validate_close_contact.auth_atom_id_2 
_pdbx_validate_close_contact.auth_asym_id_2 
_pdbx_validate_close_contact.auth_comp_id_2 
_pdbx_validate_close_contact.auth_seq_id_2 
_pdbx_validate_close_contact.PDB_ins_code_2 
_pdbx_validate_close_contact.label_alt_id_2 
_pdbx_validate_close_contact.dist 
1 1 O   A HOH 799 ? ? O B HOH 829 ? ? 2.04 
2 1 O   B HOH 904 ? ? O B HOH 913 ? ? 2.06 
3 1 O   B HOH 802 ? ? O B HOH 863 ? ? 2.12 
4 1 O   A HOH 799 ? ? O B HOH 898 ? ? 2.13 
5 1 OE1 B GLU 616 ? ? O B HOH 801 ? ? 2.13 
6 1 O   A HOH 797 ? ? O B HOH 911 ? ? 2.15 
# 
loop_
_pdbx_validate_symm_contact.id 
_pdbx_validate_symm_contact.PDB_model_num 
_pdbx_validate_symm_contact.auth_atom_id_1 
_pdbx_validate_symm_contact.auth_asym_id_1 
_pdbx_validate_symm_contact.auth_comp_id_1 
_pdbx_validate_symm_contact.auth_seq_id_1 
_pdbx_validate_symm_contact.PDB_ins_code_1 
_pdbx_validate_symm_contact.label_alt_id_1 
_pdbx_validate_symm_contact.site_symmetry_1 
_pdbx_validate_symm_contact.auth_atom_id_2 
_pdbx_validate_symm_contact.auth_asym_id_2 
_pdbx_validate_symm_contact.auth_comp_id_2 
_pdbx_validate_symm_contact.auth_seq_id_2 
_pdbx_validate_symm_contact.PDB_ins_code_2 
_pdbx_validate_symm_contact.label_alt_id_2 
_pdbx_validate_symm_contact.site_symmetry_2 
_pdbx_validate_symm_contact.dist 
1 1 O A HOH 786 ? ? 1_555 O B HOH 810 ? ? 4_554 2.03 
2 1 O A HOH 703 ? ? 1_555 O A HOH 709 ? ? 3_554 2.12 
# 
loop_
_chem_comp_atom.comp_id 
_chem_comp_atom.atom_id 
_chem_comp_atom.type_symbol 
_chem_comp_atom.pdbx_aromatic_flag 
_chem_comp_atom.pdbx_stereo_config 
_chem_comp_atom.pdbx_ordinal 
ALA N    N N N 1   
ALA CA   C N S 2   
ALA C    C N N 3   
ALA O    O N N 4   
ALA CB   C N N 5   
ALA OXT  O N N 6   
ALA H    H N N 7   
ALA H2   H N N 8   
ALA HA   H N N 9   
ALA HB1  H N N 10  
ALA HB2  H N N 11  
ALA HB3  H N N 12  
ALA HXT  H N N 13  
ARG N    N N N 14  
ARG CA   C N S 15  
ARG C    C N N 16  
ARG O    O N N 17  
ARG CB   C N N 18  
ARG CG   C N N 19  
ARG CD   C N N 20  
ARG NE   N N N 21  
ARG CZ   C N N 22  
ARG NH1  N N N 23  
ARG NH2  N N N 24  
ARG OXT  O N N 25  
ARG H    H N N 26  
ARG H2   H N N 27  
ARG HA   H N N 28  
ARG HB2  H N N 29  
ARG HB3  H N N 30  
ARG HG2  H N N 31  
ARG HG3  H N N 32  
ARG HD2  H N N 33  
ARG HD3  H N N 34  
ARG HE   H N N 35  
ARG HH11 H N N 36  
ARG HH12 H N N 37  
ARG HH21 H N N 38  
ARG HH22 H N N 39  
ARG HXT  H N N 40  
ASN N    N N N 41  
ASN CA   C N S 42  
ASN C    C N N 43  
ASN O    O N N 44  
ASN CB   C N N 45  
ASN CG   C N N 46  
ASN OD1  O N N 47  
ASN ND2  N N N 48  
ASN OXT  O N N 49  
ASN H    H N N 50  
ASN H2   H N N 51  
ASN HA   H N N 52  
ASN HB2  H N N 53  
ASN HB3  H N N 54  
ASN HD21 H N N 55  
ASN HD22 H N N 56  
ASN HXT  H N N 57  
ASP N    N N N 58  
ASP CA   C N S 59  
ASP C    C N N 60  
ASP O    O N N 61  
ASP CB   C N N 62  
ASP CG   C N N 63  
ASP OD1  O N N 64  
ASP OD2  O N N 65  
ASP OXT  O N N 66  
ASP H    H N N 67  
ASP H2   H N N 68  
ASP HA   H N N 69  
ASP HB2  H N N 70  
ASP HB3  H N N 71  
ASP HD2  H N N 72  
ASP HXT  H N N 73  
GLN N    N N N 74  
GLN CA   C N S 75  
GLN C    C N N 76  
GLN O    O N N 77  
GLN CB   C N N 78  
GLN CG   C N N 79  
GLN CD   C N N 80  
GLN OE1  O N N 81  
GLN NE2  N N N 82  
GLN OXT  O N N 83  
GLN H    H N N 84  
GLN H2   H N N 85  
GLN HA   H N N 86  
GLN HB2  H N N 87  
GLN HB3  H N N 88  
GLN HG2  H N N 89  
GLN HG3  H N N 90  
GLN HE21 H N N 91  
GLN HE22 H N N 92  
GLN HXT  H N N 93  
GLU N    N N N 94  
GLU CA   C N S 95  
GLU C    C N N 96  
GLU O    O N N 97  
GLU CB   C N N 98  
GLU CG   C N N 99  
GLU CD   C N N 100 
GLU OE1  O N N 101 
GLU OE2  O N N 102 
GLU OXT  O N N 103 
GLU H    H N N 104 
GLU H2   H N N 105 
GLU HA   H N N 106 
GLU HB2  H N N 107 
GLU HB3  H N N 108 
GLU HG2  H N N 109 
GLU HG3  H N N 110 
GLU HE2  H N N 111 
GLU HXT  H N N 112 
GLY N    N N N 113 
GLY CA   C N N 114 
GLY C    C N N 115 
GLY O    O N N 116 
GLY OXT  O N N 117 
GLY H    H N N 118 
GLY H2   H N N 119 
GLY HA2  H N N 120 
GLY HA3  H N N 121 
GLY HXT  H N N 122 
HIS N    N N N 123 
HIS CA   C N S 124 
HIS C    C N N 125 
HIS O    O N N 126 
HIS CB   C N N 127 
HIS CG   C Y N 128 
HIS ND1  N Y N 129 
HIS CD2  C Y N 130 
HIS CE1  C Y N 131 
HIS NE2  N Y N 132 
HIS OXT  O N N 133 
HIS H    H N N 134 
HIS H2   H N N 135 
HIS HA   H N N 136 
HIS HB2  H N N 137 
HIS HB3  H N N 138 
HIS HD1  H N N 139 
HIS HD2  H N N 140 
HIS HE1  H N N 141 
HIS HE2  H N N 142 
HIS HXT  H N N 143 
HOH O    O N N 144 
HOH H1   H N N 145 
HOH H2   H N N 146 
ILE N    N N N 147 
ILE CA   C N S 148 
ILE C    C N N 149 
ILE O    O N N 150 
ILE CB   C N S 151 
ILE CG1  C N N 152 
ILE CG2  C N N 153 
ILE CD1  C N N 154 
ILE OXT  O N N 155 
ILE H    H N N 156 
ILE H2   H N N 157 
ILE HA   H N N 158 
ILE HB   H N N 159 
ILE HG12 H N N 160 
ILE HG13 H N N 161 
ILE HG21 H N N 162 
ILE HG22 H N N 163 
ILE HG23 H N N 164 
ILE HD11 H N N 165 
ILE HD12 H N N 166 
ILE HD13 H N N 167 
ILE HXT  H N N 168 
LEU N    N N N 169 
LEU CA   C N S 170 
LEU C    C N N 171 
LEU O    O N N 172 
LEU CB   C N N 173 
LEU CG   C N N 174 
LEU CD1  C N N 175 
LEU CD2  C N N 176 
LEU OXT  O N N 177 
LEU H    H N N 178 
LEU H2   H N N 179 
LEU HA   H N N 180 
LEU HB2  H N N 181 
LEU HB3  H N N 182 
LEU HG   H N N 183 
LEU HD11 H N N 184 
LEU HD12 H N N 185 
LEU HD13 H N N 186 
LEU HD21 H N N 187 
LEU HD22 H N N 188 
LEU HD23 H N N 189 
LEU HXT  H N N 190 
LYS N    N N N 191 
LYS CA   C N S 192 
LYS C    C N N 193 
LYS O    O N N 194 
LYS CB   C N N 195 
LYS CG   C N N 196 
LYS CD   C N N 197 
LYS CE   C N N 198 
LYS NZ   N N N 199 
LYS OXT  O N N 200 
LYS H    H N N 201 
LYS H2   H N N 202 
LYS HA   H N N 203 
LYS HB2  H N N 204 
LYS HB3  H N N 205 
LYS HG2  H N N 206 
LYS HG3  H N N 207 
LYS HD2  H N N 208 
LYS HD3  H N N 209 
LYS HE2  H N N 210 
LYS HE3  H N N 211 
LYS HZ1  H N N 212 
LYS HZ2  H N N 213 
LYS HZ3  H N N 214 
LYS HXT  H N N 215 
MET N    N N N 216 
MET CA   C N S 217 
MET C    C N N 218 
MET O    O N N 219 
MET CB   C N N 220 
MET CG   C N N 221 
MET SD   S N N 222 
MET CE   C N N 223 
MET OXT  O N N 224 
MET H    H N N 225 
MET H2   H N N 226 
MET HA   H N N 227 
MET HB2  H N N 228 
MET HB3  H N N 229 
MET HG2  H N N 230 
MET HG3  H N N 231 
MET HE1  H N N 232 
MET HE2  H N N 233 
MET HE3  H N N 234 
MET HXT  H N N 235 
MPD C1   C N N 236 
MPD C2   C N N 237 
MPD O2   O N N 238 
MPD CM   C N N 239 
MPD C3   C N N 240 
MPD C4   C N S 241 
MPD O4   O N N 242 
MPD C5   C N N 243 
MPD H11  H N N 244 
MPD H12  H N N 245 
MPD H13  H N N 246 
MPD HO2  H N N 247 
MPD HM1  H N N 248 
MPD HM2  H N N 249 
MPD HM3  H N N 250 
MPD H31  H N N 251 
MPD H32  H N N 252 
MPD H4   H N N 253 
MPD HO4  H N N 254 
MPD H51  H N N 255 
MPD H52  H N N 256 
MPD H53  H N N 257 
SER N    N N N 258 
SER CA   C N S 259 
SER C    C N N 260 
SER O    O N N 261 
SER CB   C N N 262 
SER OG   O N N 263 
SER OXT  O N N 264 
SER H    H N N 265 
SER H2   H N N 266 
SER HA   H N N 267 
SER HB2  H N N 268 
SER HB3  H N N 269 
SER HG   H N N 270 
SER HXT  H N N 271 
THR N    N N N 272 
THR CA   C N S 273 
THR C    C N N 274 
THR O    O N N 275 
THR CB   C N R 276 
THR OG1  O N N 277 
THR CG2  C N N 278 
THR OXT  O N N 279 
THR H    H N N 280 
THR H2   H N N 281 
THR HA   H N N 282 
THR HB   H N N 283 
THR HG1  H N N 284 
THR HG21 H N N 285 
THR HG22 H N N 286 
THR HG23 H N N 287 
THR HXT  H N N 288 
TRP N    N N N 289 
TRP CA   C N S 290 
TRP C    C N N 291 
TRP O    O N N 292 
TRP CB   C N N 293 
TRP CG   C Y N 294 
TRP CD1  C Y N 295 
TRP CD2  C Y N 296 
TRP NE1  N Y N 297 
TRP CE2  C Y N 298 
TRP CE3  C Y N 299 
TRP CZ2  C Y N 300 
TRP CZ3  C Y N 301 
TRP CH2  C Y N 302 
TRP OXT  O N N 303 
TRP H    H N N 304 
TRP H2   H N N 305 
TRP HA   H N N 306 
TRP HB2  H N N 307 
TRP HB3  H N N 308 
TRP HD1  H N N 309 
TRP HE1  H N N 310 
TRP HE3  H N N 311 
TRP HZ2  H N N 312 
TRP HZ3  H N N 313 
TRP HH2  H N N 314 
TRP HXT  H N N 315 
TYR N    N N N 316 
TYR CA   C N S 317 
TYR C    C N N 318 
TYR O    O N N 319 
TYR CB   C N N 320 
TYR CG   C Y N 321 
TYR CD1  C Y N 322 
TYR CD2  C Y N 323 
TYR CE1  C Y N 324 
TYR CE2  C Y N 325 
TYR CZ   C Y N 326 
TYR OH   O N N 327 
TYR OXT  O N N 328 
TYR H    H N N 329 
TYR H2   H N N 330 
TYR HA   H N N 331 
TYR HB2  H N N 332 
TYR HB3  H N N 333 
TYR HD1  H N N 334 
TYR HD2  H N N 335 
TYR HE1  H N N 336 
TYR HE2  H N N 337 
TYR HH   H N N 338 
TYR HXT  H N N 339 
VAL N    N N N 340 
VAL CA   C N S 341 
VAL C    C N N 342 
VAL O    O N N 343 
VAL CB   C N N 344 
VAL CG1  C N N 345 
VAL CG2  C N N 346 
VAL OXT  O N N 347 
VAL H    H N N 348 
VAL H2   H N N 349 
VAL HA   H N N 350 
VAL HB   H N N 351 
VAL HG11 H N N 352 
VAL HG12 H N N 353 
VAL HG13 H N N 354 
VAL HG21 H N N 355 
VAL HG22 H N N 356 
VAL HG23 H N N 357 
VAL HXT  H N N 358 
# 
loop_
_chem_comp_bond.comp_id 
_chem_comp_bond.atom_id_1 
_chem_comp_bond.atom_id_2 
_chem_comp_bond.value_order 
_chem_comp_bond.pdbx_aromatic_flag 
_chem_comp_bond.pdbx_stereo_config 
_chem_comp_bond.pdbx_ordinal 
ALA N   CA   sing N N 1   
ALA N   H    sing N N 2   
ALA N   H2   sing N N 3   
ALA CA  C    sing N N 4   
ALA CA  CB   sing N N 5   
ALA CA  HA   sing N N 6   
ALA C   O    doub N N 7   
ALA C   OXT  sing N N 8   
ALA CB  HB1  sing N N 9   
ALA CB  HB2  sing N N 10  
ALA CB  HB3  sing N N 11  
ALA OXT HXT  sing N N 12  
ARG N   CA   sing N N 13  
ARG N   H    sing N N 14  
ARG N   H2   sing N N 15  
ARG CA  C    sing N N 16  
ARG CA  CB   sing N N 17  
ARG CA  HA   sing N N 18  
ARG C   O    doub N N 19  
ARG C   OXT  sing N N 20  
ARG CB  CG   sing N N 21  
ARG CB  HB2  sing N N 22  
ARG CB  HB3  sing N N 23  
ARG CG  CD   sing N N 24  
ARG CG  HG2  sing N N 25  
ARG CG  HG3  sing N N 26  
ARG CD  NE   sing N N 27  
ARG CD  HD2  sing N N 28  
ARG CD  HD3  sing N N 29  
ARG NE  CZ   sing N N 30  
ARG NE  HE   sing N N 31  
ARG CZ  NH1  sing N N 32  
ARG CZ  NH2  doub N N 33  
ARG NH1 HH11 sing N N 34  
ARG NH1 HH12 sing N N 35  
ARG NH2 HH21 sing N N 36  
ARG NH2 HH22 sing N N 37  
ARG OXT HXT  sing N N 38  
ASN N   CA   sing N N 39  
ASN N   H    sing N N 40  
ASN N   H2   sing N N 41  
ASN CA  C    sing N N 42  
ASN CA  CB   sing N N 43  
ASN CA  HA   sing N N 44  
ASN C   O    doub N N 45  
ASN C   OXT  sing N N 46  
ASN CB  CG   sing N N 47  
ASN CB  HB2  sing N N 48  
ASN CB  HB3  sing N N 49  
ASN CG  OD1  doub N N 50  
ASN CG  ND2  sing N N 51  
ASN ND2 HD21 sing N N 52  
ASN ND2 HD22 sing N N 53  
ASN OXT HXT  sing N N 54  
ASP N   CA   sing N N 55  
ASP N   H    sing N N 56  
ASP N   H2   sing N N 57  
ASP CA  C    sing N N 58  
ASP CA  CB   sing N N 59  
ASP CA  HA   sing N N 60  
ASP C   O    doub N N 61  
ASP C   OXT  sing N N 62  
ASP CB  CG   sing N N 63  
ASP CB  HB2  sing N N 64  
ASP CB  HB3  sing N N 65  
ASP CG  OD1  doub N N 66  
ASP CG  OD2  sing N N 67  
ASP OD2 HD2  sing N N 68  
ASP OXT HXT  sing N N 69  
GLN N   CA   sing N N 70  
GLN N   H    sing N N 71  
GLN N   H2   sing N N 72  
GLN CA  C    sing N N 73  
GLN CA  CB   sing N N 74  
GLN CA  HA   sing N N 75  
GLN C   O    doub N N 76  
GLN C   OXT  sing N N 77  
GLN CB  CG   sing N N 78  
GLN CB  HB2  sing N N 79  
GLN CB  HB3  sing N N 80  
GLN CG  CD   sing N N 81  
GLN CG  HG2  sing N N 82  
GLN CG  HG3  sing N N 83  
GLN CD  OE1  doub N N 84  
GLN CD  NE2  sing N N 85  
GLN NE2 HE21 sing N N 86  
GLN NE2 HE22 sing N N 87  
GLN OXT HXT  sing N N 88  
GLU N   CA   sing N N 89  
GLU N   H    sing N N 90  
GLU N   H2   sing N N 91  
GLU CA  C    sing N N 92  
GLU CA  CB   sing N N 93  
GLU CA  HA   sing N N 94  
GLU C   O    doub N N 95  
GLU C   OXT  sing N N 96  
GLU CB  CG   sing N N 97  
GLU CB  HB2  sing N N 98  
GLU CB  HB3  sing N N 99  
GLU CG  CD   sing N N 100 
GLU CG  HG2  sing N N 101 
GLU CG  HG3  sing N N 102 
GLU CD  OE1  doub N N 103 
GLU CD  OE2  sing N N 104 
GLU OE2 HE2  sing N N 105 
GLU OXT HXT  sing N N 106 
GLY N   CA   sing N N 107 
GLY N   H    sing N N 108 
GLY N   H2   sing N N 109 
GLY CA  C    sing N N 110 
GLY CA  HA2  sing N N 111 
GLY CA  HA3  sing N N 112 
GLY C   O    doub N N 113 
GLY C   OXT  sing N N 114 
GLY OXT HXT  sing N N 115 
HIS N   CA   sing N N 116 
HIS N   H    sing N N 117 
HIS N   H2   sing N N 118 
HIS CA  C    sing N N 119 
HIS CA  CB   sing N N 120 
HIS CA  HA   sing N N 121 
HIS C   O    doub N N 122 
HIS C   OXT  sing N N 123 
HIS CB  CG   sing N N 124 
HIS CB  HB2  sing N N 125 
HIS CB  HB3  sing N N 126 
HIS CG  ND1  sing Y N 127 
HIS CG  CD2  doub Y N 128 
HIS ND1 CE1  doub Y N 129 
HIS ND1 HD1  sing N N 130 
HIS CD2 NE2  sing Y N 131 
HIS CD2 HD2  sing N N 132 
HIS CE1 NE2  sing Y N 133 
HIS CE1 HE1  sing N N 134 
HIS NE2 HE2  sing N N 135 
HIS OXT HXT  sing N N 136 
HOH O   H1   sing N N 137 
HOH O   H2   sing N N 138 
ILE N   CA   sing N N 139 
ILE N   H    sing N N 140 
ILE N   H2   sing N N 141 
ILE CA  C    sing N N 142 
ILE CA  CB   sing N N 143 
ILE CA  HA   sing N N 144 
ILE C   O    doub N N 145 
ILE C   OXT  sing N N 146 
ILE CB  CG1  sing N N 147 
ILE CB  CG2  sing N N 148 
ILE CB  HB   sing N N 149 
ILE CG1 CD1  sing N N 150 
ILE CG1 HG12 sing N N 151 
ILE CG1 HG13 sing N N 152 
ILE CG2 HG21 sing N N 153 
ILE CG2 HG22 sing N N 154 
ILE CG2 HG23 sing N N 155 
ILE CD1 HD11 sing N N 156 
ILE CD1 HD12 sing N N 157 
ILE CD1 HD13 sing N N 158 
ILE OXT HXT  sing N N 159 
LEU N   CA   sing N N 160 
LEU N   H    sing N N 161 
LEU N   H2   sing N N 162 
LEU CA  C    sing N N 163 
LEU CA  CB   sing N N 164 
LEU CA  HA   sing N N 165 
LEU C   O    doub N N 166 
LEU C   OXT  sing N N 167 
LEU CB  CG   sing N N 168 
LEU CB  HB2  sing N N 169 
LEU CB  HB3  sing N N 170 
LEU CG  CD1  sing N N 171 
LEU CG  CD2  sing N N 172 
LEU CG  HG   sing N N 173 
LEU CD1 HD11 sing N N 174 
LEU CD1 HD12 sing N N 175 
LEU CD1 HD13 sing N N 176 
LEU CD2 HD21 sing N N 177 
LEU CD2 HD22 sing N N 178 
LEU CD2 HD23 sing N N 179 
LEU OXT HXT  sing N N 180 
LYS N   CA   sing N N 181 
LYS N   H    sing N N 182 
LYS N   H2   sing N N 183 
LYS CA  C    sing N N 184 
LYS CA  CB   sing N N 185 
LYS CA  HA   sing N N 186 
LYS C   O    doub N N 187 
LYS C   OXT  sing N N 188 
LYS CB  CG   sing N N 189 
LYS CB  HB2  sing N N 190 
LYS CB  HB3  sing N N 191 
LYS CG  CD   sing N N 192 
LYS CG  HG2  sing N N 193 
LYS CG  HG3  sing N N 194 
LYS CD  CE   sing N N 195 
LYS CD  HD2  sing N N 196 
LYS CD  HD3  sing N N 197 
LYS CE  NZ   sing N N 198 
LYS CE  HE2  sing N N 199 
LYS CE  HE3  sing N N 200 
LYS NZ  HZ1  sing N N 201 
LYS NZ  HZ2  sing N N 202 
LYS NZ  HZ3  sing N N 203 
LYS OXT HXT  sing N N 204 
MET N   CA   sing N N 205 
MET N   H    sing N N 206 
MET N   H2   sing N N 207 
MET CA  C    sing N N 208 
MET CA  CB   sing N N 209 
MET CA  HA   sing N N 210 
MET C   O    doub N N 211 
MET C   OXT  sing N N 212 
MET CB  CG   sing N N 213 
MET CB  HB2  sing N N 214 
MET CB  HB3  sing N N 215 
MET CG  SD   sing N N 216 
MET CG  HG2  sing N N 217 
MET CG  HG3  sing N N 218 
MET SD  CE   sing N N 219 
MET CE  HE1  sing N N 220 
MET CE  HE2  sing N N 221 
MET CE  HE3  sing N N 222 
MET OXT HXT  sing N N 223 
MPD C1  C2   sing N N 224 
MPD C1  H11  sing N N 225 
MPD C1  H12  sing N N 226 
MPD C1  H13  sing N N 227 
MPD C2  O2   sing N N 228 
MPD C2  CM   sing N N 229 
MPD C2  C3   sing N N 230 
MPD O2  HO2  sing N N 231 
MPD CM  HM1  sing N N 232 
MPD CM  HM2  sing N N 233 
MPD CM  HM3  sing N N 234 
MPD C3  C4   sing N N 235 
MPD C3  H31  sing N N 236 
MPD C3  H32  sing N N 237 
MPD C4  O4   sing N N 238 
MPD C4  C5   sing N N 239 
MPD C4  H4   sing N N 240 
MPD O4  HO4  sing N N 241 
MPD C5  H51  sing N N 242 
MPD C5  H52  sing N N 243 
MPD C5  H53  sing N N 244 
SER N   CA   sing N N 245 
SER N   H    sing N N 246 
SER N   H2   sing N N 247 
SER CA  C    sing N N 248 
SER CA  CB   sing N N 249 
SER CA  HA   sing N N 250 
SER C   O    doub N N 251 
SER C   OXT  sing N N 252 
SER CB  OG   sing N N 253 
SER CB  HB2  sing N N 254 
SER CB  HB3  sing N N 255 
SER OG  HG   sing N N 256 
SER OXT HXT  sing N N 257 
THR N   CA   sing N N 258 
THR N   H    sing N N 259 
THR N   H2   sing N N 260 
THR CA  C    sing N N 261 
THR CA  CB   sing N N 262 
THR CA  HA   sing N N 263 
THR C   O    doub N N 264 
THR C   OXT  sing N N 265 
THR CB  OG1  sing N N 266 
THR CB  CG2  sing N N 267 
THR CB  HB   sing N N 268 
THR OG1 HG1  sing N N 269 
THR CG2 HG21 sing N N 270 
THR CG2 HG22 sing N N 271 
THR CG2 HG23 sing N N 272 
THR OXT HXT  sing N N 273 
TRP N   CA   sing N N 274 
TRP N   H    sing N N 275 
TRP N   H2   sing N N 276 
TRP CA  C    sing N N 277 
TRP CA  CB   sing N N 278 
TRP CA  HA   sing N N 279 
TRP C   O    doub N N 280 
TRP C   OXT  sing N N 281 
TRP CB  CG   sing N N 282 
TRP CB  HB2  sing N N 283 
TRP CB  HB3  sing N N 284 
TRP CG  CD1  doub Y N 285 
TRP CG  CD2  sing Y N 286 
TRP CD1 NE1  sing Y N 287 
TRP CD1 HD1  sing N N 288 
TRP CD2 CE2  doub Y N 289 
TRP CD2 CE3  sing Y N 290 
TRP NE1 CE2  sing Y N 291 
TRP NE1 HE1  sing N N 292 
TRP CE2 CZ2  sing Y N 293 
TRP CE3 CZ3  doub Y N 294 
TRP CE3 HE3  sing N N 295 
TRP CZ2 CH2  doub Y N 296 
TRP CZ2 HZ2  sing N N 297 
TRP CZ3 CH2  sing Y N 298 
TRP CZ3 HZ3  sing N N 299 
TRP CH2 HH2  sing N N 300 
TRP OXT HXT  sing N N 301 
TYR N   CA   sing N N 302 
TYR N   H    sing N N 303 
TYR N   H2   sing N N 304 
TYR CA  C    sing N N 305 
TYR CA  CB   sing N N 306 
TYR CA  HA   sing N N 307 
TYR C   O    doub N N 308 
TYR C   OXT  sing N N 309 
TYR CB  CG   sing N N 310 
TYR CB  HB2  sing N N 311 
TYR CB  HB3  sing N N 312 
TYR CG  CD1  doub Y N 313 
TYR CG  CD2  sing Y N 314 
TYR CD1 CE1  sing Y N 315 
TYR CD1 HD1  sing N N 316 
TYR CD2 CE2  doub Y N 317 
TYR CD2 HD2  sing N N 318 
TYR CE1 CZ   doub Y N 319 
TYR CE1 HE1  sing N N 320 
TYR CE2 CZ   sing Y N 321 
TYR CE2 HE2  sing N N 322 
TYR CZ  OH   sing N N 323 
TYR OH  HH   sing N N 324 
TYR OXT HXT  sing N N 325 
VAL N   CA   sing N N 326 
VAL N   H    sing N N 327 
VAL N   H2   sing N N 328 
VAL CA  C    sing N N 329 
VAL CA  CB   sing N N 330 
VAL CA  HA   sing N N 331 
VAL C   O    doub N N 332 
VAL C   OXT  sing N N 333 
VAL CB  CG1  sing N N 334 
VAL CB  CG2  sing N N 335 
VAL CB  HB   sing N N 336 
VAL CG1 HG11 sing N N 337 
VAL CG1 HG12 sing N N 338 
VAL CG1 HG13 sing N N 339 
VAL CG2 HG21 sing N N 340 
VAL CG2 HG22 sing N N 341 
VAL CG2 HG23 sing N N 342 
VAL OXT HXT  sing N N 343 
# 
_pdbx_audit_support.funding_organization   'Medical Research Council (United Kingdom)' 
_pdbx_audit_support.country                'United Kingdom' 
_pdbx_audit_support.grant_number           MC_UP_1201/3 
_pdbx_audit_support.ordinal                1 
# 
_pdbx_initial_refinement_model.id               1 
_pdbx_initial_refinement_model.entity_id_list   ? 
_pdbx_initial_refinement_model.type             'experimental model' 
_pdbx_initial_refinement_model.source_name      PDB 
_pdbx_initial_refinement_model.accession_code   2Q6Q 
_pdbx_initial_refinement_model.details          ? 
# 
_atom_sites.entry_id                    5OI7 
_atom_sites.fract_transf_matrix[1][1]   -0.02467133 
_atom_sites.fract_transf_matrix[1][2]   0.00496772 
_atom_sites.fract_transf_matrix[1][3]   0.00785541 
_atom_sites.fract_transf_matrix[2][1]   0.00154757 
_atom_sites.fract_transf_matrix[2][2]   0.01301675 
_atom_sites.fract_transf_matrix[2][3]   -0.00337129 
_atom_sites.fract_transf_matrix[3][1]   -0.00260285 
_atom_sites.fract_transf_matrix[3][2]   -0.00155334 
_atom_sites.fract_transf_matrix[3][3]   -0.00719238 
_atom_sites.fract_transf_vector[1]      -0.254356 
_atom_sites.fract_transf_vector[2]      -0.125918 
_atom_sites.fract_transf_vector[3]      -0.239342 
# 
loop_
_atom_type.symbol 
C 
H 
N 
O 
S 
# 
loop_
_atom_site.group_PDB 
_atom_site.id 
_atom_site.type_symbol 
_atom_site.label_atom_id 
_atom_site.label_alt_id 
_atom_site.label_comp_id 
_atom_site.label_asym_id 
_atom_site.label_entity_id 
_atom_site.label_seq_id 
_atom_site.pdbx_PDB_ins_code 
_atom_site.Cartn_x 
_atom_site.Cartn_y 
_atom_site.Cartn_z 
_atom_site.occupancy 
_atom_site.B_iso_or_equiv 
_atom_site.pdbx_formal_charge 
_atom_site.auth_seq_id 
_atom_site.auth_comp_id 
_atom_site.auth_asym_id 
_atom_site.auth_atom_id 
_atom_site.pdbx_PDB_model_num 
ATOM   1    N N   A GLY A 1 1  ? -13.253 -6.174  -61.640 0.43 28.00 ? 569 GLY A N   1 
ATOM   2    N N   B GLY A 1 1  ? -15.460 -6.804  -63.026 0.57 28.33 ? 569 GLY A N   1 
ATOM   3    C CA  A GLY A 1 1  ? -14.342 -7.001  -62.126 0.43 27.80 ? 569 GLY A CA  1 
ATOM   4    C CA  B GLY A 1 1  ? -14.335 -7.000  -62.129 0.57 27.79 ? 569 GLY A CA  1 
ATOM   5    C C   A GLY A 1 1  ? -14.481 -8.313  -61.379 0.43 24.06 ? 569 GLY A C   1 
ATOM   6    C C   B GLY A 1 1  ? -14.402 -8.324  -61.395 0.57 23.99 ? 569 GLY A C   1 
ATOM   7    O O   A GLY A 1 1  ? -14.867 -9.329  -61.955 0.43 26.41 ? 569 GLY A O   1 
ATOM   8    O O   B GLY A 1 1  ? -14.664 -9.363  -61.998 0.57 26.79 ? 569 GLY A O   1 
ATOM   9    N N   . GLU A 1 2  ? -14.167 -8.290  -60.088 1.00 20.27 ? 570 GLU A N   1 
ATOM   10   C CA  . GLU A 1 2  ? -14.257 -9.496  -59.281 1.00 25.46 ? 570 GLU A CA  1 
ATOM   11   C C   . GLU A 1 2  ? -15.716 -9.865  -59.042 1.00 19.55 ? 570 GLU A C   1 
ATOM   12   O O   . GLU A 1 2  ? -16.566 -8.996  -58.828 1.00 18.52 ? 570 GLU A O   1 
ATOM   13   C CB  . GLU A 1 2  ? -13.539 -9.296  -57.949 1.00 30.43 ? 570 GLU A CB  1 
ATOM   14   C CG  . GLU A 1 2  ? -12.135 -8.741  -58.098 1.00 35.40 ? 570 GLU A CG  1 
ATOM   15   C CD  . GLU A 1 2  ? -11.810 -7.699  -57.047 1.00 53.57 ? 570 GLU A CD  1 
ATOM   16   O OE1 . GLU A 1 2  ? -11.656 -8.073  -55.866 1.00 59.90 ? 570 GLU A OE1 1 
ATOM   17   O OE2 . GLU A 1 2  ? -11.724 -6.502  -57.403 1.00 42.21 ? 570 GLU A OE2 1 
ATOM   18   N N   . SER A 1 3  ? -16.002 -11.163 -59.087 1.00 17.00 ? 571 SER A N   1 
ATOM   19   C CA  . SER A 1 3  ? -17.344 -11.630 -58.784 1.00 21.34 ? 571 SER A CA  1 
ATOM   20   C C   . SER A 1 3  ? -17.685 -11.316 -57.332 1.00 18.75 ? 571 SER A C   1 
ATOM   21   O O   . SER A 1 3  ? -16.814 -11.023 -56.509 1.00 16.96 ? 571 SER A O   1 
ATOM   22   C CB  . SER A 1 3  ? -17.464 -13.134 -59.033 1.00 18.04 ? 571 SER A CB  1 
ATOM   23   O OG  . SER A 1 3  ? -16.663 -13.862 -58.115 1.00 17.00 ? 571 SER A OG  1 
ATOM   24   N N   . TRP A 1 4  ? -18.979 -11.386 -57.019 1.00 13.27 ? 572 TRP A N   1 
ATOM   25   C CA  . TRP A 1 4  ? -19.389 -11.180 -55.635 1.00 15.55 ? 572 TRP A CA  1 
ATOM   26   C C   . TRP A 1 4  ? -18.893 -12.300 -54.735 1.00 13.84 ? 572 TRP A C   1 
ATOM   27   O O   . TRP A 1 4  ? -18.553 -12.051 -53.572 1.00 16.24 ? 572 TRP A O   1 
ATOM   28   C CB  . TRP A 1 4  ? -20.909 -11.032 -55.550 1.00 15.22 ? 572 TRP A CB  1 
ATOM   29   C CG  . TRP A 1 4  ? -21.353 -9.662  -55.943 1.00 13.98 ? 572 TRP A CG  1 
ATOM   30   C CD1 . TRP A 1 4  ? -22.016 -9.304  -57.083 1.00 13.71 ? 572 TRP A CD1 1 
ATOM   31   C CD2 . TRP A 1 4  ? -21.133 -8.451  -55.210 1.00 14.80 ? 572 TRP A CD2 1 
ATOM   32   N NE1 . TRP A 1 4  ? -22.237 -7.947  -57.095 1.00 15.52 ? 572 TRP A NE1 1 
ATOM   33   C CE2 . TRP A 1 4  ? -21.703 -7.400  -55.958 1.00 21.14 ? 572 TRP A CE2 1 
ATOM   34   C CE3 . TRP A 1 4  ? -20.513 -8.154  -53.989 1.00 15.41 ? 572 TRP A CE3 1 
ATOM   35   C CZ2 . TRP A 1 4  ? -21.672 -6.074  -55.525 1.00 17.56 ? 572 TRP A CZ2 1 
ATOM   36   C CZ3 . TRP A 1 4  ? -20.484 -6.837  -53.561 1.00 16.68 ? 572 TRP A CZ3 1 
ATOM   37   C CH2 . TRP A 1 4  ? -21.059 -5.814  -54.326 1.00 14.16 ? 572 TRP A CH2 1 
ATOM   38   N N   . GLN A 1 5  ? -18.832 -13.531 -55.247 1.00 13.42 ? 573 GLN A N   1 
ATOM   39   C CA  . GLN A 1 5  ? -18.212 -14.612 -54.489 1.00 15.65 ? 573 GLN A CA  1 
ATOM   40   C C   . GLN A 1 5  ? -16.770 -14.273 -54.129 1.00 14.10 ? 573 GLN A C   1 
ATOM   41   O O   . GLN A 1 5  ? -16.341 -14.484 -52.988 1.00 14.75 ? 573 GLN A O   1 
ATOM   42   C CB  . GLN A 1 5  ? -18.268 -15.916 -55.286 1.00 15.95 ? 573 GLN A CB  1 
ATOM   43   C CG  . GLN A 1 5  ? -17.558 -17.078 -54.611 1.00 13.14 ? 573 GLN A CG  1 
ATOM   44   C CD  . GLN A 1 5  ? -17.459 -18.303 -55.502 1.00 23.01 ? 573 GLN A CD  1 
ATOM   45   O OE1 . GLN A 1 5  ? -18.389 -19.103 -55.584 1.00 27.82 ? 573 GLN A OE1 1 
ATOM   46   N NE2 . GLN A 1 5  ? -16.325 -18.451 -56.178 1.00 26.40 ? 573 GLN A NE2 1 
ATOM   47   N N   . LYS A 1 6  ? -16.004 -13.747 -55.088 1.00 11.87 ? 574 LYS A N   1 
ATOM   48   C CA  . LYS A 1 6  ? -14.611 -13.406 -54.809 1.00 13.14 ? 574 LYS A CA  1 
ATOM   49   C C   . LYS A 1 6  ? -14.511 -12.244 -53.831 1.00 14.25 ? 574 LYS A C   1 
ATOM   50   O O   . LYS A 1 6  ? -13.619 -12.220 -52.977 1.00 15.33 ? 574 LYS A O   1 
ATOM   51   C CB  . LYS A 1 6  ? -13.872 -13.063 -56.099 1.00 13.70 ? 574 LYS A CB  1 
ATOM   52   C CG  . LYS A 1 6  ? -12.447 -12.583 -55.859 1.00 25.37 ? 574 LYS A CG  1 
ATOM   53   C CD  . LYS A 1 6  ? -11.541 -13.737 -55.457 1.00 29.23 ? 574 LYS A CD  1 
ATOM   54   C CE  . LYS A 1 6  ? -10.416 -13.285 -54.532 1.00 52.41 ? 574 LYS A CE  1 
ATOM   55   N NZ  . LYS A 1 6  ? -10.920 -12.888 -53.183 1.00 28.31 ? 574 LYS A NZ  1 
ATOM   56   N N   . ARG A 1 7  ? -15.398 -11.256 -53.958 1.00 13.66 ? 575 ARG A N   1 
ATOM   57   C CA  . ARG A 1 7  ? -15.397 -10.152 -53.006 1.00 13.31 ? 575 ARG A CA  1 
ATOM   58   C C   . ARG A 1 7  ? -15.790 -10.638 -51.617 1.00 15.30 ? 575 ARG A C   1 
ATOM   59   O O   . ARG A 1 7  ? -15.241 -10.178 -50.608 1.00 16.56 ? 575 ARG A O   1 
ATOM   60   C CB  . ARG A 1 7  ? -16.335 -9.047  -53.488 1.00 13.40 ? 575 ARG A CB  1 
ATOM   61   C CG  . ARG A 1 7  ? -15.931 -8.457  -54.832 1.00 13.76 ? 575 ARG A CG  1 
ATOM   62   C CD  . ARG A 1 7  ? -16.941 -7.427  -55.295 1.00 15.19 ? 575 ARG A CD  1 
ATOM   63   N NE  . ARG A 1 7  ? -16.663 -6.959  -56.649 1.00 16.82 ? 575 ARG A NE  1 
ATOM   64   C CZ  . ARG A 1 7  ? -16.035 -5.825  -56.941 1.00 17.37 ? 575 ARG A CZ  1 
ATOM   65   N NH1 . ARG A 1 7  ? -15.606 -5.032  -55.970 1.00 20.95 ? 575 ARG A NH1 1 
ATOM   66   N NH2 . ARG A 1 7  ? -15.841 -5.485  -58.212 1.00 23.10 ? 575 ARG A NH2 1 
ATOM   67   N N   . TYR A 1 8  ? -16.732 -11.580 -51.549 1.00 12.86 ? 576 TYR A N   1 
ATOM   68   C CA  . TYR A 1 8  ? -17.062 -12.211 -50.274 1.00 12.96 ? 576 TYR A CA  1 
ATOM   69   C C   . TYR A 1 8  ? -15.833 -12.871 -49.662 1.00 14.71 ? 576 TYR A C   1 
ATOM   70   O O   . TYR A 1 8  ? -15.548 -12.697 -48.471 1.00 14.81 ? 576 TYR A O   1 
ATOM   71   C CB  . TYR A 1 8  ? -18.176 -13.240 -50.479 1.00 13.09 ? 576 TYR A CB  1 
ATOM   72   C CG  . TYR A 1 8  ? -18.537 -14.022 -49.234 1.00 11.69 ? 576 TYR A CG  1 
ATOM   73   C CD1 . TYR A 1 8  ? -17.864 -15.190 -48.902 1.00 15.88 ? 576 TYR A CD1 1 
ATOM   74   C CD2 . TYR A 1 8  ? -19.558 -13.594 -48.397 1.00 16.56 ? 576 TYR A CD2 1 
ATOM   75   C CE1 . TYR A 1 8  ? -18.200 -15.910 -47.764 1.00 24.22 ? 576 TYR A CE1 1 
ATOM   76   C CE2 . TYR A 1 8  ? -19.901 -14.304 -47.267 1.00 17.48 ? 576 TYR A CE2 1 
ATOM   77   C CZ  . TYR A 1 8  ? -19.221 -15.458 -46.953 1.00 22.65 ? 576 TYR A CZ  1 
ATOM   78   O OH  . TYR A 1 8  ? -19.567 -16.158 -45.821 1.00 29.03 ? 576 TYR A OH  1 
ATOM   79   N N   . ASP A 1 9  ? -15.098 -13.650 -50.463 1.00 11.30 ? 577 ASP A N   1 
ATOM   80   C CA  . ASP A 1 9  ? -13.903 -14.321 -49.957 1.00 13.41 ? 577 ASP A CA  1 
ATOM   81   C C   . ASP A 1 9  ? -12.889 -13.321 -49.417 1.00 13.43 ? 577 ASP A C   1 
ATOM   82   O O   . ASP A 1 9  ? -12.242 -13.574 -48.394 1.00 15.65 ? 577 ASP A O   1 
ATOM   83   C CB  . ASP A 1 9  ? -13.259 -15.173 -51.052 1.00 16.99 ? 577 ASP A CB  1 
ATOM   84   C CG  . ASP A 1 9  ? -14.038 -16.441 -51.345 1.00 13.51 ? 577 ASP A CG  1 
ATOM   85   O OD1 . ASP A 1 9  ? -14.821 -16.886 -50.479 1.00 18.31 ? 577 ASP A OD1 1 
ATOM   86   O OD2 . ASP A 1 9  ? -13.854 -16.993 -52.452 1.00 19.78 ? 577 ASP A OD2 1 
ATOM   87   N N   . SER A 1 10 ? -12.714 -12.192 -50.107 1.00 14.36 ? 578 SER A N   1 
ATOM   88   C CA  . SER A 1 10 ? -11.789 -11.167 -49.625 1.00 14.40 ? 578 SER A CA  1 
ATOM   89   C C   . SER A 1 10 ? -12.272 -10.575 -48.309 1.00 14.16 ? 578 SER A C   1 
ATOM   90   O O   . SER A 1 10 ? -11.472 -10.332 -47.396 1.00 16.49 ? 578 SER A O   1 
ATOM   91   C CB  . SER A 1 10 ? -11.625 -10.066 -50.675 1.00 19.04 ? 578 SER A CB  1 
ATOM   92   O OG  . SER A 1 10 ? -10.855 -10.510 -51.779 1.00 19.12 ? 578 SER A OG  1 
ATOM   93   N N   . LEU A 1 11 ? -13.578 -10.331 -48.197 1.00 14.33 ? 579 LEU A N   1 
ATOM   94   C CA  . LEU A 1 11 ? -14.127 -9.809  -46.951 1.00 18.05 ? 579 LEU A CA  1 
ATOM   95   C C   . LEU A 1 11 ? -13.982 -10.824 -45.824 1.00 15.97 ? 579 LEU A C   1 
ATOM   96   O O   . LEU A 1 11 ? -13.723 -10.449 -44.675 1.00 16.61 ? 579 LEU A O   1 
ATOM   97   C CB  . LEU A 1 11 ? -15.591 -9.414  -47.150 1.00 18.78 ? 579 LEU A CB  1 
ATOM   98   C CG  . LEU A 1 11 ? -16.200 -8.486  -46.094 1.00 18.38 ? 579 LEU A CG  1 
ATOM   99   C CD1 . LEU A 1 11 ? -15.367 -7.218  -45.965 1.00 23.39 ? 579 LEU A CD1 1 
ATOM   100  C CD2 . LEU A 1 11 ? -17.650 -8.146  -46.419 1.00 22.55 ? 579 LEU A CD2 1 
ATOM   101  N N   . GLN A 1 12 ? -14.121 -12.118 -46.135 1.00 14.30 ? 580 GLN A N   1 
ATOM   102  C CA  . GLN A 1 12 ? -13.996 -13.135 -45.095 1.00 18.28 ? 580 GLN A CA  1 
ATOM   103  C C   . GLN A 1 12 ? -12.575 -13.212 -44.554 1.00 16.80 ? 580 GLN A C   1 
ATOM   104  O O   . GLN A 1 12 ? -12.377 -13.535 -43.378 1.00 17.04 ? 580 GLN A O   1 
ATOM   105  C CB  . GLN A 1 12 ? -14.436 -14.501 -45.626 1.00 17.53 ? 580 GLN A CB  1 
ATOM   106  C CG  . GLN A 1 12 ? -14.132 -15.670 -44.693 1.00 14.27 ? 580 GLN A CG  1 
ATOM   107  C CD  . GLN A 1 12 ? -14.909 -15.611 -43.387 1.00 15.56 ? 580 GLN A CD  1 
ATOM   108  O OE1 . GLN A 1 12 ? -15.961 -14.982 -43.307 1.00 21.79 ? 580 GLN A OE1 1 
ATOM   109  N NE2 . GLN A 1 12 ? -14.387 -16.271 -42.354 1.00 20.40 ? 580 GLN A NE2 1 
ATOM   110  N N   . LYS A 1 13 ? -11.573 -12.930 -45.391 1.00 17.07 ? 581 LYS A N   1 
ATOM   111  C CA  . LYS A 1 13 ? -10.207 -12.854 -44.881 1.00 21.53 ? 581 LYS A CA  1 
ATOM   112  C C   . LYS A 1 13 ? -10.075 -11.734 -43.857 1.00 19.06 ? 581 LYS A C   1 
ATOM   113  O O   . LYS A 1 13 ? -9.343  -11.864 -42.868 1.00 17.98 ? 581 LYS A O   1 
ATOM   114  C CB  . LYS A 1 13 ? -9.219  -12.649 -46.030 1.00 15.95 ? 581 LYS A CB  1 
ATOM   115  C CG  . LYS A 1 13 ? -9.181  -13.801 -47.025 1.00 16.50 ? 581 LYS A CG  1 
ATOM   116  C CD  . LYS A 1 13 ? -8.416  -13.422 -48.282 1.00 47.57 ? 581 LYS A CD  1 
ATOM   117  C CE  . LYS A 1 13 ? -6.968  -13.143 -47.966 1.00 28.67 ? 581 LYS A CE  1 
ATOM   118  N NZ  . LYS A 1 13 ? -6.228  -12.532 -49.104 1.00 25.82 ? 581 LYS A NZ  1 
ATOM   119  N N   . ILE A 1 14 ? -10.789 -10.627 -44.075 1.00 15.05 ? 582 ILE A N   1 
ATOM   120  C CA  . ILE A 1 14 ? -10.773 -9.531  -43.111 1.00 17.49 ? 582 ILE A CA  1 
ATOM   121  C C   . ILE A 1 14 ? -11.451 -9.952  -41.812 1.00 17.63 ? 582 ILE A C   1 
ATOM   122  O O   . ILE A 1 14 ? -10.959 -9.662  -40.714 1.00 18.74 ? 582 ILE A O   1 
ATOM   123  C CB  . ILE A 1 14 ? -11.432 -8.283  -43.725 1.00 14.05 ? 582 ILE A CB  1 
ATOM   124  C CG1 . ILE A 1 14 ? -10.511 -7.665  -44.779 1.00 16.09 ? 582 ILE A CG1 1 
ATOM   125  C CG2 . ILE A 1 14 ? -11.776 -7.263  -42.649 1.00 20.61 ? 582 ILE A CG2 1 
ATOM   126  C CD1 . ILE A 1 14 ? -11.166 -6.579  -45.603 1.00 24.32 ? 582 ILE A CD1 1 
ATOM   127  N N   . VAL A 1 15 ? -12.586 -10.647 -41.913 1.00 14.34 ? 583 VAL A N   1 
ATOM   128  C CA  . VAL A 1 15 ? -13.253 -11.162 -40.718 1.00 15.36 ? 583 VAL A CA  1 
ATOM   129  C C   . VAL A 1 15 ? -12.302 -12.036 -39.906 1.00 16.65 ? 583 VAL A C   1 
ATOM   130  O O   . VAL A 1 15 ? -12.239 -11.937 -38.673 1.00 17.17 ? 583 VAL A O   1 
ATOM   131  C CB  . VAL A 1 15 ? -14.530 -11.930 -41.113 1.00 16.39 ? 583 VAL A CB  1 
ATOM   132  C CG1 . VAL A 1 15 ? -15.053 -12.745 -39.944 1.00 15.53 ? 583 VAL A CG1 1 
ATOM   133  C CG2 . VAL A 1 15 ? -15.591 -10.968 -41.623 1.00 16.62 ? 583 VAL A CG2 1 
ATOM   134  N N   . GLU A 1 16 ? -11.552 -12.909 -40.582 1.00 15.91 ? 584 GLU A N   1 
ATOM   135  C CA  . GLU A 1 16 ? -10.644 -13.810 -39.875 1.00 16.97 ? 584 GLU A CA  1 
ATOM   136  C C   . GLU A 1 16 ? -9.478  -13.052 -39.252 1.00 18.49 ? 584 GLU A C   1 
ATOM   137  O O   . GLU A 1 16 ? -9.090  -13.327 -38.110 1.00 17.35 ? 584 GLU A O   1 
ATOM   138  C CB  . GLU A 1 16 ? -10.145 -14.894 -40.831 1.00 14.40 ? 584 GLU A CB  1 
ATOM   139  C CG  . GLU A 1 16 ? -11.254 -15.839 -41.277 1.00 17.12 ? 584 GLU A CG  1 
ATOM   140  C CD  . GLU A 1 16 ? -10.823 -16.803 -42.367 1.00 33.32 ? 584 GLU A CD  1 
ATOM   141  O OE1 . GLU A 1 16 ? -9.645  -16.765 -42.784 1.00 37.67 ? 584 GLU A OE1 1 
ATOM   142  O OE2 . GLU A 1 16 ? -11.673 -17.602 -42.808 1.00 25.10 ? 584 GLU A OE2 1 
ATOM   143  N N   . LYS A 1 17 ? -8.910  -12.090 -39.979 1.00 19.73 ? 585 LYS A N   1 
ATOM   144  C CA  . LYS A 1 17 ? -7.791  -11.329 -39.432 1.00 18.69 ? 585 LYS A CA  1 
ATOM   145  C C   . LYS A 1 17 ? -8.236  -10.425 -38.290 1.00 19.47 ? 585 LYS A C   1 
ATOM   146  O O   . LYS A 1 17 ? -7.492  -10.244 -37.318 1.00 20.44 ? 585 LYS A O   1 
ATOM   147  C CB  . LYS A 1 17 ? -7.116  -10.529 -40.545 1.00 17.98 ? 585 LYS A CB  1 
ATOM   148  C CG  . LYS A 1 17 ? -6.366  -11.425 -41.524 1.00 18.36 ? 585 LYS A CG  1 
ATOM   149  C CD  . LYS A 1 17 ? -6.338  -10.867 -42.936 1.00 40.61 ? 585 LYS A CD  1 
ATOM   150  C CE  . LYS A 1 17 ? -5.217  -9.868  -43.128 1.00 32.18 ? 585 LYS A CE  1 
ATOM   151  N NZ  . LYS A 1 17 ? -5.145  -9.433  -44.551 1.00 59.59 ? 585 LYS A NZ  1 
ATOM   152  N N   . GLN A 1 18 ? -9.444  -9.861  -38.379 1.00 14.75 ? 586 GLN A N   1 
ATOM   153  C CA  . GLN A 1 18 ? -9.977  -9.091  -37.258 1.00 14.24 ? 586 GLN A CA  1 
ATOM   154  C C   . GLN A 1 18 ? -10.292 -9.981  -36.060 1.00 22.37 ? 586 GLN A C   1 
ATOM   155  O O   . GLN A 1 18 ? -10.162 -9.539  -34.911 1.00 22.01 ? 586 GLN A O   1 
ATOM   156  C CB  . GLN A 1 18 ? -11.221 -8.317  -37.696 1.00 15.34 ? 586 GLN A CB  1 
ATOM   157  C CG  . GLN A 1 18 ? -10.910 -7.236  -38.723 1.00 23.61 ? 586 GLN A CG  1 
ATOM   158  C CD  . GLN A 1 18 ? -12.056 -6.269  -38.954 1.00 21.76 ? 586 GLN A CD  1 
ATOM   159  O OE1 . GLN A 1 18 ? -11.841 -5.132  -39.375 1.00 24.48 ? 586 GLN A OE1 1 
ATOM   160  N NE2 . GLN A 1 18 ? -13.279 -6.718  -38.691 1.00 21.10 ? 586 GLN A NE2 1 
ATOM   161  N N   . GLN A 1 19 ? -10.702 -11.230 -36.296 1.00 17.60 ? 587 GLN A N   1 
ATOM   162  C CA  . GLN A 1 19 ? -10.938 -12.134 -35.174 1.00 16.64 ? 587 GLN A CA  1 
ATOM   163  C C   . GLN A 1 19 ? -9.637  -12.466 -34.455 1.00 19.83 ? 587 GLN A C   1 
ATOM   164  O O   . GLN A 1 19 ? -9.606  -12.559 -33.221 1.00 21.60 ? 587 GLN A O   1 
ATOM   165  C CB  . GLN A 1 19 ? -11.623 -13.412 -35.654 1.00 15.68 ? 587 GLN A CB  1 
ATOM   166  C CG  . GLN A 1 19 ? -12.221 -14.220 -34.523 1.00 22.91 ? 587 GLN A CG  1 
ATOM   167  C CD  . GLN A 1 19 ? -13.319 -13.465 -33.802 1.00 33.35 ? 587 GLN A CD  1 
ATOM   168  O OE1 . GLN A 1 19 ? -14.051 -12.683 -34.412 1.00 36.41 ? 587 GLN A OE1 1 
ATOM   169  N NE2 . GLN A 1 19 ? -13.434 -13.683 -32.496 1.00 43.29 ? 587 GLN A NE2 1 
ATOM   170  N N   . GLN A 1 20 ? -8.557  -12.656 -35.213 1.00 16.91 ? 588 GLN A N   1 
ATOM   171  C CA  . GLN A 1 20 ? -7.246  -12.890 -34.616 1.00 18.23 ? 588 GLN A CA  1 
ATOM   172  C C   . GLN A 1 20 ? -6.836  -11.718 -33.732 1.00 19.42 ? 588 GLN A C   1 
ATOM   173  O O   . GLN A 1 20 ? -6.378  -11.909 -32.601 1.00 20.77 ? 588 GLN A O   1 
ATOM   174  C CB  . GLN A 1 20 ? -6.216  -13.130 -35.722 1.00 20.88 ? 588 GLN A CB  1 
ATOM   175  C CG  . GLN A 1 20 ? -4.784  -13.316 -35.239 1.00 24.56 ? 588 GLN A CG  1 
ATOM   176  C CD  . GLN A 1 20 ? -3.818  -13.623 -36.375 1.00 42.42 ? 588 GLN A CD  1 
ATOM   177  O OE1 . GLN A 1 20 ? -3.908  -13.045 -37.461 1.00 41.62 ? 588 GLN A OE1 1 
ATOM   178  N NE2 . GLN A 1 20 ? -2.892  -14.544 -36.129 1.00 36.45 ? 588 GLN A NE2 1 
ATOM   179  N N   . LYS A 1 21 ? -7.006  -10.490 -34.232 1.00 13.84 ? 589 LYS A N   1 
ATOM   180  C CA  . LYS A 1 21 ? -6.642  -9.313  -33.450 1.00 15.81 ? 589 LYS A CA  1 
ATOM   181  C C   . LYS A 1 21 ? -7.550  -9.154  -32.239 1.00 16.29 ? 589 LYS A C   1 
ATOM   182  O O   . LYS A 1 21 ? -7.101  -8.734  -31.166 1.00 20.45 ? 589 LYS A O   1 
ATOM   183  C CB  . LYS A 1 21 ? -6.692  -8.064  -34.332 1.00 23.92 ? 589 LYS A CB  1 
ATOM   184  C CG  . LYS A 1 21 ? -5.636  -8.045  -35.428 1.00 34.33 ? 589 LYS A CG  1 
ATOM   185  C CD  . LYS A 1 21 ? -5.791  -6.835  -36.338 1.00 66.63 ? 589 LYS A CD  1 
ATOM   186  C CE  . LYS A 1 21 ? -4.741  -6.833  -37.442 1.00 55.93 ? 589 LYS A CE  1 
ATOM   187  N NZ  . LYS A 1 21 ? -4.908  -5.681  -38.374 1.00 68.78 ? 589 LYS A NZ  1 
ATOM   188  N N   . MET A 1 22 ? -8.831  -9.493  -32.387 1.00 15.80 ? 590 MET A N   1 
ATOM   189  C CA  . MET A 1 22 ? -9.755  -9.402  -31.263 1.00 19.13 ? 590 MET A CA  1 
ATOM   190  C C   . MET A 1 22 ? -9.398  -10.407 -30.173 1.00 16.97 ? 590 MET A C   1 
ATOM   191  O O   . MET A 1 22 ? -9.438  -10.080 -28.981 1.00 19.30 ? 590 MET A O   1 
ATOM   192  C CB  . MET A 1 22 ? -11.183 -9.622  -31.754 1.00 19.85 ? 590 MET A CB  1 
ATOM   193  C CG  . MET A 1 22 ? -12.261 -9.241  -30.765 1.00 28.87 ? 590 MET A CG  1 
ATOM   194  S SD  . MET A 1 22 ? -13.879 -9.626  -31.451 1.00 44.42 ? 590 MET A SD  1 
ATOM   195  C CE  . MET A 1 22 ? -13.558 -9.332  -33.190 1.00 15.33 ? 590 MET A CE  1 
ATOM   196  N N   . ASP A 1 23 ? -9.059  -11.638 -30.563 1.00 19.83 ? 591 ASP A N   1 
ATOM   197  C CA  . ASP A 1 23 ? -8.629  -12.630 -29.581 1.00 21.68 ? 591 ASP A CA  1 
ATOM   198  C C   . ASP A 1 23 ? -7.352  -12.188 -28.879 1.00 22.17 ? 591 ASP A C   1 
ATOM   199  O O   . ASP A 1 23 ? -7.191  -12.397 -27.671 1.00 22.97 ? 591 ASP A O   1 
ATOM   200  C CB  . ASP A 1 23 ? -8.422  -13.986 -30.256 1.00 21.02 ? 591 ASP A CB  1 
ATOM   201  C CG  . ASP A 1 23 ? -9.717  -14.594 -30.752 1.00 32.09 ? 591 ASP A CG  1 
ATOM   202  O OD1 . ASP A 1 23 ? -10.795 -14.060 -30.421 1.00 38.62 ? 591 ASP A OD1 1 
ATOM   203  O OD2 . ASP A 1 23 ? -9.654  -15.611 -31.476 1.00 40.66 ? 591 ASP A OD2 1 
ATOM   204  N N   . GLN A 1 24 ? -6.422  -11.589 -29.623 1.00 19.79 ? 592 GLN A N   1 
ATOM   205  C CA  . GLN A 1 24 ? -5.197  -11.106 -28.999 1.00 17.64 ? 592 GLN A CA  1 
ATOM   206  C C   . GLN A 1 24 ? -5.482  -9.964  -28.032 1.00 23.70 ? 592 GLN A C   1 
ATOM   207  O O   . GLN A 1 24 ? -4.855  -9.881  -26.968 1.00 18.86 ? 592 GLN A O   1 
ATOM   208  C CB  . GLN A 1 24 ? -4.197  -10.690 -30.078 1.00 18.09 ? 592 GLN A CB  1 
ATOM   209  C CG  . GLN A 1 24 ? -3.710  -11.884 -30.912 1.00 21.25 ? 592 GLN A CG  1 
ATOM   210  C CD  . GLN A 1 24 ? -2.840  -11.486 -32.092 1.00 32.24 ? 592 GLN A CD  1 
ATOM   211  O OE1 . GLN A 1 24 ? -2.751  -10.310 -32.444 1.00 30.44 ? 592 GLN A OE1 1 
ATOM   212  N NE2 . GLN A 1 24 ? -2.192  -12.471 -32.710 1.00 28.48 ? 592 GLN A NE2 1 
ATOM   213  N N   . LEU A 1 25 ? -6.437  -9.095  -28.367 1.00 15.30 ? 593 LEU A N   1 
ATOM   214  C CA  . LEU A 1 25 ? -6.820  -8.030  -27.447 1.00 19.42 ? 593 LEU A CA  1 
ATOM   215  C C   . LEU A 1 25 ? -7.461  -8.598  -26.188 1.00 24.82 ? 593 LEU A C   1 
ATOM   216  O O   . LEU A 1 25 ? -7.208  -8.109  -25.082 1.00 19.36 ? 593 LEU A O   1 
ATOM   217  C CB  . LEU A 1 25 ? -7.767  -7.050  -28.140 1.00 16.45 ? 593 LEU A CB  1 
ATOM   218  C CG  . LEU A 1 25 ? -7.117  -6.125  -29.174 1.00 25.43 ? 593 LEU A CG  1 
ATOM   219  C CD1 . LEU A 1 25 ? -8.170  -5.394  -29.991 1.00 16.33 ? 593 LEU A CD1 1 
ATOM   220  C CD2 . LEU A 1 25 ? -6.182  -5.134  -28.493 1.00 23.49 ? 593 LEU A CD2 1 
ATOM   221  N N   . ARG A 1 26 ? -8.296  -9.629  -26.334 1.00 17.82 ? 594 ARG A N   1 
ATOM   222  C CA  . ARG A 1 26 ? -8.918  -10.235 -25.160 1.00 20.16 ? 594 ARG A CA  1 
ATOM   223  C C   . ARG A 1 26 ? -7.876  -10.867 -24.243 1.00 19.23 ? 594 ARG A C   1 
ATOM   224  O O   . ARG A 1 26 ? -8.001  -10.795 -23.014 1.00 20.08 ? 594 ARG A O   1 
ATOM   225  C CB  . ARG A 1 26 ? -9.955  -11.274 -25.582 1.00 19.81 ? 594 ARG A CB  1 
ATOM   226  C CG  . ARG A 1 26 ? -11.203 -10.684 -26.211 1.00 18.93 ? 594 ARG A CG  1 
ATOM   227  C CD  . ARG A 1 26 ? -12.342 -11.685 -26.177 1.00 35.29 ? 594 ARG A CD  1 
ATOM   228  N NE  . ARG A 1 26 ? -13.434 -11.311 -27.070 1.00 34.31 ? 594 ARG A NE  1 
ATOM   229  C CZ  . ARG A 1 26 ? -14.451 -10.529 -26.723 1.00 39.38 ? 594 ARG A CZ  1 
ATOM   230  N NH1 . ARG A 1 26 ? -14.516 -10.026 -25.496 1.00 38.46 ? 594 ARG A NH1 1 
ATOM   231  N NH2 . ARG A 1 26 ? -15.402 -10.250 -27.605 1.00 40.00 ? 594 ARG A NH2 1 
ATOM   232  N N   . SER A 1 27 ? -6.854  -11.509 -24.816 1.00 21.08 ? 595 SER A N   1 
ATOM   233  C CA  . SER A 1 27 ? -5.795  -12.079 -23.986 1.00 16.87 ? 595 SER A CA  1 
ATOM   234  C C   . SER A 1 27 ? -5.015  -10.988 -23.268 1.00 25.40 ? 595 SER A C   1 
ATOM   235  O O   . SER A 1 27 ? -4.689  -11.125 -22.083 1.00 20.54 ? 595 SER A O   1 
ATOM   236  C CB  . SER A 1 27 ? -4.853  -12.938 -24.829 1.00 21.24 ? 595 SER A CB  1 
ATOM   237  O OG  . SER A 1 27 ? -5.479  -14.147 -25.219 1.00 48.28 ? 595 SER A OG  1 
ATOM   238  N N   . GLN A 1 28 ? -4.707  -9.896  -23.969 1.00 16.41 ? 596 GLN A N   1 
ATOM   239  C CA  . GLN A 1 28 ? -4.027  -8.780  -23.322 1.00 18.44 ? 596 GLN A CA  1 
ATOM   240  C C   . GLN A 1 28 ? -4.864  -8.215  -22.180 1.00 24.63 ? 596 GLN A C   1 
ATOM   241  O O   . GLN A 1 28 ? -4.336  -7.905  -21.107 1.00 20.91 ? 596 GLN A O   1 
ATOM   242  C CB  . GLN A 1 28 ? -3.712  -7.689  -24.345 1.00 17.67 ? 596 GLN A CB  1 
ATOM   243  C CG  . GLN A 1 28 ? -2.895  -6.540  -23.776 1.00 25.36 ? 596 GLN A CG  1 
ATOM   244  C CD  . GLN A 1 28 ? -2.567  -5.488  -24.815 1.00 32.92 ? 596 GLN A CD  1 
ATOM   245  O OE1 . GLN A 1 28 ? -3.082  -5.521  -25.932 1.00 25.30 ? 596 GLN A OE1 1 
ATOM   246  N NE2 . GLN A 1 28 ? -1.704  -4.546  -24.449 1.00 28.83 ? 596 GLN A NE2 1 
ATOM   247  N N   . VAL A 1 29 ? -6.174  -8.074  -22.393 1.00 19.95 ? 597 VAL A N   1 
ATOM   248  C CA  . VAL A 1 29 ? -7.039  -7.560  -21.336 1.00 20.43 ? 597 VAL A CA  1 
ATOM   249  C C   . VAL A 1 29 ? -7.014  -8.490  -20.131 1.00 23.67 ? 597 VAL A C   1 
ATOM   250  O O   . VAL A 1 29 ? -6.919  -8.042  -18.981 1.00 22.48 ? 597 VAL A O   1 
ATOM   251  C CB  . VAL A 1 29 ? -8.470  -7.354  -21.867 1.00 15.82 ? 597 VAL A CB  1 
ATOM   252  C CG1 . VAL A 1 29 ? -9.448  -7.214  -20.712 1.00 19.77 ? 597 VAL A CG1 1 
ATOM   253  C CG2 . VAL A 1 29 ? -8.526  -6.125  -22.767 1.00 18.21 ? 597 VAL A CG2 1 
ATOM   254  N N   . GLN A 1 30 ? -7.087  -9.801  -20.373 1.00 19.52 ? 598 GLN A N   1 
ATOM   255  C CA  . GLN A 1 30 ? -7.031  -10.758 -19.272 1.00 20.77 ? 598 GLN A CA  1 
ATOM   256  C C   . GLN A 1 30 ? -5.729  -10.624 -18.493 1.00 18.50 ? 598 GLN A C   1 
ATOM   257  O O   . GLN A 1 30 ? -5.732  -10.624 -17.255 1.00 21.69 ? 598 GLN A O   1 
ATOM   258  C CB  . GLN A 1 30 ? -7.195  -12.178 -19.814 1.00 26.93 ? 598 GLN A CB  1 
ATOM   259  C CG  . GLN A 1 30 ? -7.416  -13.239 -18.756 1.00 27.67 ? 598 GLN A CG  1 
ATOM   260  C CD  . GLN A 1 30 ? -7.856  -14.560 -19.355 1.00 36.14 ? 598 GLN A CD  1 
ATOM   261  O OE1 . GLN A 1 30 ? -7.066  -15.263 -19.988 1.00 37.09 ? 598 GLN A OE1 1 
ATOM   262  N NE2 . GLN A 1 30 ? -9.126  -14.900 -19.169 1.00 39.73 ? 598 GLN A NE2 1 
ATOM   263  N N   . SER A 1 31 ? -4.604  -10.508 -19.201 1.00 15.93 ? 599 SER A N   1 
ATOM   264  C CA  . SER A 1 31 ? -3.319  -10.321 -18.532 1.00 17.27 ? 599 SER A CA  1 
ATOM   265  C C   . SER A 1 31 ? -3.300  -9.030  -17.725 1.00 19.11 ? 599 SER A C   1 
ATOM   266  O O   . SER A 1 31 ? -2.751  -8.992  -16.618 1.00 19.51 ? 599 SER A O   1 
ATOM   267  C CB  . SER A 1 31 ? -2.185  -10.325 -19.555 1.00 20.78 ? 599 SER A CB  1 
ATOM   268  O OG  . SER A 1 31 ? -2.005  -11.616 -20.115 1.00 28.29 ? 599 SER A OG  1 
ATOM   269  N N   . LEU A 1 32 ? -3.886  -7.959  -18.266 1.00 15.65 ? 600 LEU A N   1 
ATOM   270  C CA  . LEU A 1 32 ? -3.908  -6.688  -17.546 1.00 17.06 ? 600 LEU A CA  1 
ATOM   271  C C   . LEU A 1 32 ? -4.849  -6.732  -16.353 1.00 16.23 ? 600 LEU A C   1 
ATOM   272  O O   . LEU A 1 32 ? -4.596  -6.070  -15.341 1.00 20.93 ? 600 LEU A O   1 
ATOM   273  C CB  . LEU A 1 32 ? -4.301  -5.555  -18.494 1.00 15.56 ? 600 LEU A CB  1 
ATOM   274  C CG  . LEU A 1 32 ? -3.186  -5.091  -19.430 1.00 18.41 ? 600 LEU A CG  1 
ATOM   275  C CD1 . LEU A 1 32 ? -3.744  -4.218  -20.551 1.00 15.51 ? 600 LEU A CD1 1 
ATOM   276  C CD2 . LEU A 1 32 ? -2.116  -4.344  -18.641 1.00 21.77 ? 600 LEU A CD2 1 
ATOM   277  N N   . GLU A 1 33 ? -5.943  -7.493  -16.447 1.00 17.20 ? 601 GLU A N   1 
ATOM   278  C CA  . GLU A 1 33 ? -6.825  -7.643  -15.292 1.00 19.12 ? 601 GLU A CA  1 
ATOM   279  C C   . GLU A 1 33 ? -6.144  -8.422  -14.173 1.00 23.74 ? 601 GLU A C   1 
ATOM   280  O O   . GLU A 1 33 ? -6.384  -8.145  -12.992 1.00 20.91 ? 601 GLU A O   1 
ATOM   281  C CB  . GLU A 1 33 ? -8.134  -8.317  -15.713 1.00 19.37 ? 601 GLU A CB  1 
ATOM   282  C CG  . GLU A 1 33 ? -9.026  -7.421  -16.566 1.00 17.47 ? 601 GLU A CG  1 
ATOM   283  C CD  . GLU A 1 33 ? -10.277 -8.125  -17.058 1.00 32.24 ? 601 GLU A CD  1 
ATOM   284  O OE1 . GLU A 1 33 ? -10.244 -9.364  -17.221 1.00 30.55 ? 601 GLU A OE1 1 
ATOM   285  O OE2 . GLU A 1 33 ? -11.295 -7.436  -17.282 1.00 34.38 ? 601 GLU A OE2 1 
ATOM   286  N N   . GLN A 1 34 ? -5.292  -9.389  -14.520 1.00 18.79 ? 602 GLN A N   1 
ATOM   287  C CA  . GLN A 1 34 ? -4.492  -10.066 -13.504 1.00 18.91 ? 602 GLN A CA  1 
ATOM   288  C C   . GLN A 1 34 ? -3.481  -9.111  -12.882 1.00 19.07 ? 602 GLN A C   1 
ATOM   289  O O   . GLN A 1 34 ? -3.260  -9.130  -11.664 1.00 19.95 ? 602 GLN A O   1 
ATOM   290  C CB  . GLN A 1 34 ? -3.784  -11.277 -14.118 1.00 20.79 ? 602 GLN A CB  1 
ATOM   291  C CG  . GLN A 1 34 ? -2.603  -11.809 -13.309 1.00 26.04 ? 602 GLN A CG  1 
ATOM   292  C CD  . GLN A 1 34 ? -3.029  -12.648 -12.118 1.00 41.64 ? 602 GLN A CD  1 
ATOM   293  O OE1 . GLN A 1 34 ? -3.543  -13.757 -12.275 1.00 45.28 ? 602 GLN A OE1 1 
ATOM   294  N NE2 . GLN A 1 34 ? -2.811  -12.124 -10.917 1.00 52.89 ? 602 GLN A NE2 1 
ATOM   295  N N   . GLU A 1 35 ? -2.859  -8.268  -13.707 1.00 16.71 ? 603 GLU A N   1 
ATOM   296  C CA  . GLU A 1 35 ? -1.874  -7.318  -13.201 1.00 16.47 ? 603 GLU A CA  1 
ATOM   297  C C   . GLU A 1 35 ? -2.519  -6.313  -12.254 1.00 18.36 ? 603 GLU A C   1 
ATOM   298  O O   . GLU A 1 35 ? -1.951  -5.983  -11.203 1.00 17.73 ? 603 GLU A O   1 
ATOM   299  C CB  . GLU A 1 35 ? -1.194  -6.614  -14.374 1.00 16.45 ? 603 GLU A CB  1 
ATOM   300  C CG  . GLU A 1 35 ? 0.054   -5.829  -14.027 1.00 18.92 ? 603 GLU A CG  1 
ATOM   301  C CD  . GLU A 1 35 ? 0.715   -5.255  -15.265 1.00 20.30 ? 603 GLU A CD  1 
ATOM   302  O OE1 . GLU A 1 35 ? 0.229   -5.539  -16.381 1.00 31.07 ? 603 GLU A OE1 1 
ATOM   303  O OE2 . GLU A 1 35 ? 1.711   -4.517  -15.133 1.00 28.98 ? 603 GLU A OE2 1 
ATOM   304  N N   . VAL A 1 36 ? -3.709  -5.818  -12.603 1.00 17.80 ? 604 VAL A N   1 
ATOM   305  C CA  . VAL A 1 36 ? -4.440  -4.924  -11.703 1.00 15.35 ? 604 VAL A CA  1 
ATOM   306  C C   . VAL A 1 36 ? -4.763  -5.638  -10.398 1.00 21.56 ? 604 VAL A C   1 
ATOM   307  O O   . VAL A 1 36 ? -4.563  -5.097  -9.305  1.00 17.80 ? 604 VAL A O   1 
ATOM   308  C CB  . VAL A 1 36 ? -5.722  -4.406  -12.382 1.00 17.69 ? 604 VAL A CB  1 
ATOM   309  C CG1 . VAL A 1 36 ? -6.575  -3.639  -11.378 1.00 25.73 ? 604 VAL A CG1 1 
ATOM   310  C CG2 . VAL A 1 36 ? -5.380  -3.533  -13.574 1.00 23.11 ? 604 VAL A CG2 1 
ATOM   311  N N   . ALA A 1 37 ? -5.288  -6.861  -10.494 1.00 17.92 ? 605 ALA A N   1 
ATOM   312  C CA  . ALA A 1 37 ? -5.698  -7.582  -9.292  1.00 20.59 ? 605 ALA A CA  1 
ATOM   313  C C   . ALA A 1 37 ? -4.517  -7.836  -8.363  1.00 18.48 ? 605 ALA A C   1 
ATOM   314  O O   . ALA A 1 37 ? -4.645  -7.719  -7.138  1.00 18.34 ? 605 ALA A O   1 
ATOM   315  C CB  . ALA A 1 37 ? -6.376  -8.898  -9.677  1.00 21.03 ? 605 ALA A CB  1 
ATOM   316  N N   . GLN A 1 38 ? -3.357  -8.190  -8.917  1.00 18.85 ? 606 GLN A N   1 
ATOM   317  C CA  . GLN A 1 38 ? -2.210  -8.448  -8.056  1.00 22.48 ? 606 GLN A CA  1 
ATOM   318  C C   . GLN A 1 38 ? -1.691  -7.167  -7.418  1.00 17.57 ? 606 GLN A C   1 
ATOM   319  O O   . GLN A 1 38 ? -1.224  -7.191  -6.274  1.00 19.95 ? 606 GLN A O   1 
ATOM   320  C CB  . GLN A 1 38 ? -1.099  -9.149  -8.840  1.00 24.74 ? 606 GLN A CB  1 
ATOM   321  C CG  . GLN A 1 38 ? -0.337  -8.269  -9.808  1.00 37.46 ? 606 GLN A CG  1 
ATOM   322  C CD  . GLN A 1 38 ? 0.767   -9.028  -10.524 1.00 51.81 ? 606 GLN A CD  1 
ATOM   323  O OE1 . GLN A 1 38 ? 0.696   -10.248 -10.681 1.00 38.45 ? 606 GLN A OE1 1 
ATOM   324  N NE2 . GLN A 1 38 ? 1.798   -8.307  -10.955 1.00 36.33 ? 606 GLN A NE2 1 
ATOM   325  N N   . GLU A 1 39 ? -1.779  -6.037  -8.124  1.00 15.90 ? 607 GLU A N   1 
ATOM   326  C CA  . GLU A 1 39 ? -1.288  -4.788  -7.549  1.00 17.53 ? 607 GLU A CA  1 
ATOM   327  C C   . GLU A 1 39 ? -2.235  -4.267  -6.475  1.00 14.60 ? 607 GLU A C   1 
ATOM   328  O O   . GLU A 1 39 ? -1.789  -3.708  -5.463  1.00 14.30 ? 607 GLU A O   1 
ATOM   329  C CB  . GLU A 1 39 ? -1.084  -3.746  -8.649  1.00 20.46 ? 607 GLU A CB  1 
ATOM   330  C CG  . GLU A 1 39 ? -0.114  -2.642  -8.259  1.00 19.95 ? 607 GLU A CG  1 
ATOM   331  C CD  . GLU A 1 39 ? 1.259   -3.176  -7.901  1.00 20.52 ? 607 GLU A CD  1 
ATOM   332  O OE1 . GLU A 1 39 ? 1.696   -4.175  -8.520  1.00 17.85 ? 607 GLU A OE1 1 
ATOM   333  O OE2 . GLU A 1 39 ? 1.896   -2.601  -6.995  1.00 20.63 ? 607 GLU A OE2 1 
ATOM   334  N N   . GLU A 1 40 ? -3.546  -4.431  -6.677  1.00 13.29 ? 608 GLU A N   1 
ATOM   335  C CA  . GLU A 1 40 ? -4.494  -4.090  -5.623  1.00 16.96 ? 608 GLU A CA  1 
ATOM   336  C C   . GLU A 1 40 ? -4.345  -5.025  -4.432  1.00 13.33 ? 608 GLU A C   1 
ATOM   337  O O   . GLU A 1 40 ? -4.500  -4.596  -3.283  1.00 14.11 ? 608 GLU A O   1 
ATOM   338  C CB  . GLU A 1 40 ? -5.924  -4.125  -6.164  1.00 19.99 ? 608 GLU A CB  1 
ATOM   339  C CG  . GLU A 1 40 ? -6.183  -3.085  -7.244  1.00 15.55 ? 608 GLU A CG  1 
ATOM   340  C CD  . GLU A 1 40 ? -7.628  -3.042  -7.697  1.00 38.47 ? 608 GLU A CD  1 
ATOM   341  O OE1 . GLU A 1 40 ? -8.252  -4.118  -7.816  1.00 36.06 ? 608 GLU A OE1 1 
ATOM   342  O OE2 . GLU A 1 40 ? -8.140  -1.928  -7.935  1.00 43.27 ? 608 GLU A OE2 1 
ATOM   343  N N   . GLY A 1 41 ? -4.032  -6.297  -4.680  1.00 14.50 ? 609 GLY A N   1 
ATOM   344  C CA  . GLY A 1 41 ? -3.755  -7.200  -3.575  1.00 21.15 ? 609 GLY A CA  1 
ATOM   345  C C   . GLY A 1 41 ? -2.508  -6.799  -2.812  1.00 16.45 ? 609 GLY A C   1 
ATOM   346  O O   . GLY A 1 41 ? -2.462  -6.889  -1.582  1.00 14.84 ? 609 GLY A O   1 
ATOM   347  N N   . THR A 1 42 ? -1.478  -6.349  -3.531  1.00 13.73 ? 610 THR A N   1 
ATOM   348  C CA  . THR A 1 42 ? -0.275  -5.857  -2.869  1.00 13.81 ? 610 THR A CA  1 
ATOM   349  C C   . THR A 1 42 ? -0.582  -4.635  -2.012  1.00 13.88 ? 610 THR A C   1 
ATOM   350  O O   . THR A 1 42 ? -0.151  -4.551  -0.855  1.00 13.14 ? 610 THR A O   1 
ATOM   351  C CB  . THR A 1 42 ? 0.797   -5.542  -3.914  1.00 16.85 ? 610 THR A CB  1 
ATOM   352  O OG1 . THR A 1 42 ? 1.204   -6.759  -4.551  1.00 19.08 ? 610 THR A OG1 1 
ATOM   353  C CG2 . THR A 1 42 ? 2.012   -4.877  -3.270  1.00 20.00 ? 610 THR A CG2 1 
ATOM   354  N N   . SER A 1 43 ? -1.334  -3.674  -2.557  1.00 14.80 ? 611 SER A N   1 
ATOM   355  C CA  A SER A 1 43 ? -1.663  -2.470  -1.795  0.74 16.27 ? 611 SER A CA  1 
ATOM   356  C CA  B SER A 1 43 ? -1.659  -2.472  -1.794  0.26 16.18 ? 611 SER A CA  1 
ATOM   357  C C   . SER A 1 43 ? -2.457  -2.813  -0.538  1.00 16.07 ? 611 SER A C   1 
ATOM   358  O O   . SER A 1 43 ? -2.182  -2.288  0.547   1.00 14.32 ? 611 SER A O   1 
ATOM   359  C CB  A SER A 1 43 ? -2.440  -1.486  -2.670  0.74 14.92 ? 611 SER A CB  1 
ATOM   360  C CB  B SER A 1 43 ? -2.423  -1.479  -2.672  0.26 14.95 ? 611 SER A CB  1 
ATOM   361  O OG  A SER A 1 43 ? -1.575  -0.811  -3.566  0.74 13.71 ? 611 SER A OG  1 
ATOM   362  O OG  B SER A 1 43 ? -3.668  -2.012  -3.096  0.26 11.48 ? 611 SER A OG  1 
ATOM   363  N N   . GLN A 1 44 ? -3.455  -3.694  -0.665  1.00 11.27 ? 612 GLN A N   1 
ATOM   364  C CA  . GLN A 1 44 ? -4.260  -4.051  0.502   1.00 13.37 ? 612 GLN A CA  1 
ATOM   365  C C   . GLN A 1 44 ? -3.421  -4.777  1.550   1.00 11.19 ? 612 GLN A C   1 
ATOM   366  O O   . GLN A 1 44 ? -3.613  -4.580  2.755   1.00 15.27 ? 612 GLN A O   1 
ATOM   367  C CB  . GLN A 1 44 ? -5.455  -4.908  0.084   1.00 17.57 ? 612 GLN A CB  1 
ATOM   368  C CG  . GLN A 1 44 ? -6.340  -5.353  1.245   1.00 14.85 ? 612 GLN A CG  1 
ATOM   369  C CD  . GLN A 1 44 ? -6.867  -4.187  2.078   1.00 21.82 ? 612 GLN A CD  1 
ATOM   370  O OE1 . GLN A 1 44 ? -7.087  -3.090  1.565   1.00 27.40 ? 612 GLN A OE1 1 
ATOM   371  N NE2 . GLN A 1 44 ? -7.060  -4.424  3.375   1.00 25.76 ? 612 GLN A NE2 1 
ATOM   372  N N   . ALA A 1 45 ? -2.493  -5.631  1.111   1.00 14.98 ? 613 ALA A N   1 
ATOM   373  C CA  . ALA A 1 45 ? -1.613  -6.301  2.066   1.00 17.80 ? 613 ALA A CA  1 
ATOM   374  C C   . ALA A 1 45 ? -0.746  -5.293  2.807   1.00 18.00 ? 613 ALA A C   1 
ATOM   375  O O   . ALA A 1 45 ? -0.519  -5.422  4.016   1.00 17.70 ? 613 ALA A O   1 
ATOM   376  C CB  . ALA A 1 45 ? -0.744  -7.335  1.352   1.00 19.51 ? 613 ALA A CB  1 
ATOM   377  N N   . LEU A 1 46 ? -0.252  -4.278  2.096   1.00 13.98 ? 614 LEU A N   1 
ATOM   378  C CA  . LEU A 1 46 ? 0.534   -3.234  2.748   1.00 19.88 ? 614 LEU A CA  1 
ATOM   379  C C   . LEU A 1 46 ? -0.314  -2.447  3.742   1.00 12.08 ? 614 LEU A C   1 
ATOM   380  O O   . LEU A 1 46 ? 0.178   -2.045  4.804   1.00 15.36 ? 614 LEU A O   1 
ATOM   381  C CB  . LEU A 1 46 ? 1.150   -2.309  1.695   1.00 16.56 ? 614 LEU A CB  1 
ATOM   382  C CG  . LEU A 1 46 ? 2.287   -2.877  0.837   1.00 14.18 ? 614 LEU A CG  1 
ATOM   383  C CD1 . LEU A 1 46 ? 2.537   -2.018  -0.406  1.00 15.68 ? 614 LEU A CD1 1 
ATOM   384  C CD2 . LEU A 1 46 ? 3.568   -3.004  1.646   1.00 14.24 ? 614 LEU A CD2 1 
ATOM   385  N N   . ARG A 1 47 ? -1.591  -2.213  3.421   1.00 10.82 ? 615 ARG A N   1 
ATOM   386  C CA  . ARG A 1 47 ? -2.472  -1.545  4.377   1.00 12.98 ? 615 ARG A CA  1 
ATOM   387  C C   . ARG A 1 47 ? -2.694  -2.405  5.616   1.00 15.27 ? 615 ARG A C   1 
ATOM   388  O O   . ARG A 1 47 ? -2.783  -1.884  6.732   1.00 17.90 ? 615 ARG A O   1 
ATOM   389  C CB  . ARG A 1 47 ? -3.811  -1.203  3.726   1.00 15.45 ? 615 ARG A CB  1 
ATOM   390  C CG  . ARG A 1 47 ? -3.730  -0.077  2.713   1.00 12.42 ? 615 ARG A CG  1 
ATOM   391  C CD  . ARG A 1 47 ? -5.119  0.314   2.229   1.00 23.42 ? 615 ARG A CD  1 
ATOM   392  N NE  . ARG A 1 47 ? -5.064  1.470   1.346   1.00 39.61 ? 615 ARG A NE  1 
ATOM   393  C CZ  . ARG A 1 47 ? -4.980  1.396   0.023   1.00 46.86 ? 615 ARG A CZ  1 
ATOM   394  N NH1 . ARG A 1 47 ? -4.949  0.214   -0.581  1.00 32.27 ? 615 ARG A NH1 1 
ATOM   395  N NH2 . ARG A 1 47 ? -4.926  2.509   -0.695  1.00 34.18 ? 615 ARG A NH2 1 
ATOM   396  N N   . GLU A 1 48 ? -2.796  -3.726  5.435   1.00 13.48 ? 616 GLU A N   1 
ATOM   397  C CA  . GLU A 1 48 ? -2.890  -4.625  6.584   1.00 11.35 ? 616 GLU A CA  1 
ATOM   398  C C   . GLU A 1 48 ? -1.668  -4.476  7.479   1.00 14.58 ? 616 GLU A C   1 
ATOM   399  O O   . GLU A 1 48 ? -1.788  -4.362  8.705   1.00 16.28 ? 616 GLU A O   1 
ATOM   400  C CB  . GLU A 1 48 ? -3.025  -6.075  6.112   1.00 17.12 ? 616 GLU A CB  1 
ATOM   401  C CG  . GLU A 1 48 ? -4.244  -6.351  5.266   1.00 19.05 ? 616 GLU A CG  1 
ATOM   402  C CD  . GLU A 1 48 ? -5.533  -6.295  6.056   1.00 31.38 ? 616 GLU A CD  1 
ATOM   403  O OE1 . GLU A 1 48 ? -5.470  -6.198  7.301   1.00 32.44 ? 616 GLU A OE1 1 
ATOM   404  O OE2 . GLU A 1 48 ? -6.611  -6.353  5.429   1.00 35.74 ? 616 GLU A OE2 1 
ATOM   405  N N   . GLU A 1 49 ? -0.478  -4.491  6.876   1.00 13.09 ? 617 GLU A N   1 
ATOM   406  C CA  . GLU A 1 49 ? 0.748   -4.313  7.645   1.00 16.10 ? 617 GLU A CA  1 
ATOM   407  C C   . GLU A 1 49 ? 0.773   -2.947  8.319   1.00 17.38 ? 617 GLU A C   1 
ATOM   408  O O   . GLU A 1 49 ? 1.182   -2.825  9.481   1.00 18.49 ? 617 GLU A O   1 
ATOM   409  C CB  . GLU A 1 49 ? 1.963   -4.509  6.730   1.00 14.66 ? 617 GLU A CB  1 
ATOM   410  C CG  . GLU A 1 49 ? 2.102   -5.947  6.214   1.00 21.19 ? 617 GLU A CG  1 
ATOM   411  C CD  . GLU A 1 49 ? 3.135   -6.124  5.102   1.00 22.48 ? 617 GLU A CD  1 
ATOM   412  O OE1 . GLU A 1 49 ? 3.865   -5.168  4.765   1.00 22.05 ? 617 GLU A OE1 1 
ATOM   413  O OE2 . GLU A 1 49 ? 3.209   -7.243  4.553   1.00 30.10 ? 617 GLU A OE2 1 
ATOM   414  N N   . ALA A 1 50 ? 0.303   -1.912  7.617   1.00 11.52 ? 618 ALA A N   1 
ATOM   415  C CA  . ALA A 1 50 ? 0.300   -0.570  8.192   1.00 13.22 ? 618 ALA A CA  1 
ATOM   416  C C   . ALA A 1 50 ? -0.582  -0.502  9.430   1.00 19.20 ? 618 ALA A C   1 
ATOM   417  O O   . ALA A 1 50 ? -0.238  0.168   10.414  1.00 16.69 ? 618 ALA A O   1 
ATOM   418  C CB  . ALA A 1 50 ? -0.161  0.450   7.148   1.00 14.20 ? 618 ALA A CB  1 
ATOM   419  N N   . GLN A 1 51 ? -1.726  -1.191  9.400   1.00 14.61 ? 619 GLN A N   1 
ATOM   420  C CA  . GLN A 1 51 ? -2.636  -1.163  10.542  1.00 13.88 ? 619 GLN A CA  1 
ATOM   421  C C   . GLN A 1 51 ? -1.983  -1.760  11.781  1.00 19.59 ? 619 GLN A C   1 
ATOM   422  O O   . GLN A 1 51 ? -2.144  -1.241  12.892  1.00 15.45 ? 619 GLN A O   1 
ATOM   423  C CB  . GLN A 1 51 ? -3.921  -1.914  10.199  1.00 17.76 ? 619 GLN A CB  1 
ATOM   424  C CG  . GLN A 1 51 ? -4.936  -1.965  11.324  1.00 38.26 ? 619 GLN A CG  1 
ATOM   425  C CD  . GLN A 1 51 ? -6.198  -2.701  10.923  1.00 41.51 ? 619 GLN A CD  1 
ATOM   426  O OE1 . GLN A 1 51 ? -6.465  -2.898  9.736   1.00 46.90 ? 619 GLN A OE1 1 
ATOM   427  N NE2 . GLN A 1 51 ? -6.981  -3.116  11.911  1.00 58.70 ? 619 GLN A NE2 1 
ATOM   428  N N   . ARG A 1 52 ? -1.242  -2.853  11.611  1.00 17.91 ? 620 ARG A N   1 
ATOM   429  C CA  . ARG A 1 52 ? -0.580  -3.479  12.749  1.00 15.06 ? 620 ARG A CA  1 
ATOM   430  C C   . ARG A 1 52 ? 0.637   -2.680  13.195  1.00 19.66 ? 620 ARG A C   1 
ATOM   431  O O   . ARG A 1 52 ? 0.956   -2.647  14.390  1.00 15.36 ? 620 ARG A O   1 
ATOM   432  C CB  . ARG A 1 52 ? -0.205  -4.915  12.385  1.00 14.88 ? 620 ARG A CB  1 
ATOM   433  C CG  . ARG A 1 52 ? -1.438  -5.797  12.201  1.00 15.25 ? 620 ARG A CG  1 
ATOM   434  C CD  . ARG A 1 52 ? -1.218  -6.963  11.243  1.00 15.76 ? 620 ARG A CD  1 
ATOM   435  N NE  . ARG A 1 52 ? -2.411  -7.808  11.189  1.00 18.81 ? 620 ARG A NE  1 
ATOM   436  C CZ  . ARG A 1 52 ? -3.486  -7.550  10.449  1.00 22.54 ? 620 ARG A CZ  1 
ATOM   437  N NH1 . ARG A 1 52 ? -3.530  -6.466  9.684   1.00 16.80 ? 620 ARG A NH1 1 
ATOM   438  N NH2 . ARG A 1 52 ? -4.524  -8.377  10.477  1.00 16.97 ? 620 ARG A NH2 1 
ATOM   439  N N   . ARG A 1 53 ? 1.310   -2.015  12.256  1.00 16.79 ? 621 ARG A N   1 
ATOM   440  C CA  . ARG A 1 53 ? 2.437   -1.154  12.601  1.00 17.56 ? 621 ARG A CA  1 
ATOM   441  C C   . ARG A 1 53 ? 1.978   0.062   13.405  1.00 13.75 ? 621 ARG A C   1 
ATOM   442  O O   . ARG A 1 53 ? 2.638   0.457   14.374  1.00 17.54 ? 621 ARG A O   1 
ATOM   443  C CB  . ARG A 1 53 ? 3.156   -0.731  11.318  1.00 16.46 ? 621 ARG A CB  1 
ATOM   444  C CG  . ARG A 1 53 ? 4.440   0.044   11.524  1.00 16.09 ? 621 ARG A CG  1 
ATOM   445  C CD  . ARG A 1 53 ? 5.122   0.369   10.189  1.00 14.22 ? 621 ARG A CD  1 
ATOM   446  N NE  . ARG A 1 53 ? 5.577   -0.827  9.480   1.00 17.39 ? 621 ARG A NE  1 
ATOM   447  C CZ  . ARG A 1 53 ? 4.999   -1.326  8.388   1.00 18.01 ? 621 ARG A CZ  1 
ATOM   448  N NH1 . ARG A 1 53 ? 3.932   -0.737  7.864   1.00 17.24 ? 621 ARG A NH1 1 
ATOM   449  N NH2 . ARG A 1 53 ? 5.489   -2.418  7.818   1.00 17.59 ? 621 ARG A NH2 1 
ATOM   450  N N   . ASP A 1 54 ? 0.852   0.670   13.013  1.00 15.10 ? 622 ASP A N   1 
ATOM   451  C CA  . ASP A 1 54 ? 0.320   1.812   13.752  1.00 13.81 ? 622 ASP A CA  1 
ATOM   452  C C   . ASP A 1 54 ? -0.097  1.411   15.160  1.00 13.49 ? 622 ASP A C   1 
ATOM   453  O O   . ASP A 1 54 ? 0.046   2.196   16.106  1.00 18.41 ? 622 ASP A O   1 
ATOM   454  C CB  . ASP A 1 54 ? -0.865  2.422   13.003  1.00 20.54 ? 622 ASP A CB  1 
ATOM   455  C CG  . ASP A 1 54 ? -0.435  3.357   11.889  1.00 39.23 ? 622 ASP A CG  1 
ATOM   456  O OD1 . ASP A 1 54 ? 0.785   3.582   11.729  1.00 27.57 ? 622 ASP A OD1 1 
ATOM   457  O OD2 . ASP A 1 54 ? -1.323  3.872   11.177  1.00 37.98 ? 622 ASP A OD2 1 
ATOM   458  N N   . SER A 1 55 ? -0.621  0.194   15.319  1.00 15.02 ? 623 SER A N   1 
ATOM   459  C CA  . SER A 1 55 ? -0.946  -0.298  16.652  1.00 16.24 ? 623 SER A CA  1 
ATOM   460  C C   . SER A 1 55 ? 0.304   -0.368  17.518  1.00 16.70 ? 623 SER A C   1 
ATOM   461  O O   . SER A 1 55 ? 0.309   0.083   18.671  1.00 17.35 ? 623 SER A O   1 
ATOM   462  C CB  . SER A 1 55 ? -1.613  -1.672  16.555  1.00 17.33 ? 623 SER A CB  1 
ATOM   463  O OG  . SER A 1 55 ? -1.880  -2.204  17.843  1.00 22.15 ? 623 SER A OG  1 
ATOM   464  N N   . ALA A 1 56 ? 1.385   -0.927  16.970  1.00 15.73 ? 624 ALA A N   1 
ATOM   465  C CA  . ALA A 1 56 ? 2.639   -0.986  17.712  1.00 14.06 ? 624 ALA A CA  1 
ATOM   466  C C   . ALA A 1 56 ? 3.133   0.411   18.067  1.00 17.44 ? 624 ALA A C   1 
ATOM   467  O O   . ALA A 1 56 ? 3.602   0.647   19.188  1.00 18.42 ? 624 ALA A O   1 
ATOM   468  C CB  . ALA A 1 56 ? 3.692   -1.738  16.899  1.00 20.39 ? 624 ALA A CB  1 
ATOM   469  N N   . LEU A 1 57 ? 3.042   1.350   17.122  1.00 12.75 ? 625 LEU A N   1 
ATOM   470  C CA  . LEU A 1 57 ? 3.467   2.720   17.391  1.00 17.49 ? 625 LEU A CA  1 
ATOM   471  C C   . LEU A 1 57 ? 2.643   3.342   18.512  1.00 20.59 ? 625 LEU A C   1 
ATOM   472  O O   . LEU A 1 57 ? 3.187   4.015   19.395  1.00 17.11 ? 625 LEU A O   1 
ATOM   473  C CB  . LEU A 1 57 ? 3.359   3.560   16.118  1.00 21.26 ? 625 LEU A CB  1 
ATOM   474  C CG  . LEU A 1 57 ? 4.383   3.280   15.016  1.00 19.56 ? 625 LEU A CG  1 
ATOM   475  C CD1 . LEU A 1 57 ? 3.933   3.909   13.704  1.00 20.59 ? 625 LEU A CD1 1 
ATOM   476  C CD2 . LEU A 1 57 ? 5.756   3.808   15.414  1.00 17.45 ? 625 LEU A CD2 1 
ATOM   477  N N   . GLN A 1 58 ? 1.326   3.132   18.491  1.00 17.06 ? 626 GLN A N   1 
ATOM   478  C CA  . GLN A 1 58 ? 0.484   3.695   19.541  1.00 16.44 ? 626 GLN A CA  1 
ATOM   479  C C   . GLN A 1 58 ? 0.854   3.126   20.905  1.00 18.92 ? 626 GLN A C   1 
ATOM   480  O O   . GLN A 1 58 ? 0.902   3.861   21.897  1.00 16.55 ? 626 GLN A O   1 
ATOM   481  C CB  . GLN A 1 58 ? -0.990  3.438   19.227  1.00 20.99 ? 626 GLN A CB  1 
ATOM   482  C CG  . GLN A 1 58 ? -1.951  4.200   20.121  1.00 25.01 ? 626 GLN A CG  1 
ATOM   483  C CD  . GLN A 1 58 ? -3.367  4.191   19.586  1.00 24.58 ? 626 GLN A CD  1 
ATOM   484  O OE1 . GLN A 1 58 ? -3.818  5.163   18.982  1.00 30.30 ? 626 GLN A OE1 1 
ATOM   485  N NE2 . GLN A 1 58 ? -4.077  3.092   19.806  1.00 27.50 ? 626 GLN A NE2 1 
ATOM   486  N N   . GLN A 1 59 ? 1.120   1.819   20.974  1.00 15.17 ? 627 GLN A N   1 
ATOM   487  C CA  . GLN A 1 59 ? 1.479   1.199   22.247  1.00 20.65 ? 627 GLN A CA  1 
ATOM   488  C C   . GLN A 1 59 ? 2.810   1.723   22.769  1.00 19.02 ? 627 GLN A C   1 
ATOM   489  O O   . GLN A 1 59 ? 2.985   1.889   23.981  1.00 16.06 ? 627 GLN A O   1 
ATOM   490  C CB  . GLN A 1 59 ? 1.536   -0.319  22.099  1.00 17.75 ? 627 GLN A CB  1 
ATOM   491  C CG  . GLN A 1 59 ? 0.212   -0.956  21.736  1.00 21.23 ? 627 GLN A CG  1 
ATOM   492  C CD  . GLN A 1 59 ? 0.318   -2.457  21.580  1.00 34.38 ? 627 GLN A CD  1 
ATOM   493  O OE1 . GLN A 1 59 ? 0.871   -3.144  22.439  1.00 36.98 ? 627 GLN A OE1 1 
ATOM   494  N NE2 . GLN A 1 59 ? -0.205  -2.974  20.475  1.00 30.11 ? 627 GLN A NE2 1 
ATOM   495  N N   . LEU A 1 60 ? 3.765   1.976   21.872  1.00 15.05 ? 628 LEU A N   1 
ATOM   496  C CA  . LEU A 1 60 ? 5.061   2.490   22.301  1.00 18.09 ? 628 LEU A CA  1 
ATOM   497  C C   . LEU A 1 60 ? 4.956   3.935   22.770  1.00 13.64 ? 628 LEU A C   1 
ATOM   498  O O   . LEU A 1 60 ? 5.614   4.326   23.742  1.00 18.37 ? 628 LEU A O   1 
ATOM   499  C CB  . LEU A 1 60 ? 6.074   2.367   21.166  1.00 15.99 ? 628 LEU A CB  1 
ATOM   500  C CG  . LEU A 1 60 ? 6.665   0.974   20.960  1.00 18.15 ? 628 LEU A CG  1 
ATOM   501  C CD1 . LEU A 1 60 ? 7.404   0.912   19.636  1.00 28.81 ? 628 LEU A CD1 1 
ATOM   502  C CD2 . LEU A 1 60 ? 7.600   0.626   22.107  1.00 22.46 ? 628 LEU A CD2 1 
ATOM   503  N N   . ARG A 1 61 ? 4.147   4.749   22.085  1.00 14.95 ? 629 ARG A N   1 
ATOM   504  C CA  . ARG A 1 61 ? 3.933   6.116   22.547  1.00 18.23 ? 629 ARG A CA  1 
ATOM   505  C C   . ARG A 1 61 ? 3.340   6.126   23.951  1.00 16.76 ? 629 ARG A C   1 
ATOM   506  O O   . ARG A 1 61 ? 3.713   6.961   24.784  1.00 19.38 ? 629 ARG A O   1 
ATOM   507  C CB  . ARG A 1 61 ? 3.035   6.873   21.564  1.00 17.59 ? 629 ARG A CB  1 
ATOM   508  C CG  . ARG A 1 61 ? 3.709   7.180   20.228  1.00 23.01 ? 629 ARG A CG  1 
ATOM   509  C CD  . ARG A 1 61 ? 2.759   7.866   19.257  1.00 25.16 ? 629 ARG A CD  1 
ATOM   510  N NE  . ARG A 1 61 ? 2.215   9.112   19.792  1.00 33.46 ? 629 ARG A NE  1 
ATOM   511  C CZ  . ARG A 1 61 ? 2.776   10.307  19.632  1.00 54.02 ? 629 ARG A CZ  1 
ATOM   512  N NH1 . ARG A 1 61 ? 3.905   10.430  18.946  1.00 32.52 ? 629 ARG A NH1 1 
ATOM   513  N NH2 . ARG A 1 61 ? 2.205   11.383  20.156  1.00 31.45 ? 629 ARG A NH2 1 
ATOM   514  N N   . THR A 1 62 ? 2.425   5.196   24.238  1.00 14.37 ? 630 THR A N   1 
ATOM   515  C CA  . THR A 1 62 ? 1.866   5.089   25.584  1.00 15.45 ? 630 THR A CA  1 
ATOM   516  C C   . THR A 1 62 ? 2.950   4.751   26.599  1.00 19.87 ? 630 THR A C   1 
ATOM   517  O O   . THR A 1 62 ? 3.037   5.372   27.667  1.00 19.35 ? 630 THR A O   1 
ATOM   518  C CB  . THR A 1 62 ? 0.762   4.030   25.615  1.00 20.88 ? 630 THR A CB  1 
ATOM   519  O OG1 . THR A 1 62 ? -0.343  4.464   24.815  1.00 19.54 ? 630 THR A OG1 1 
ATOM   520  C CG2 . THR A 1 62 ? 0.285   3.793   27.043  1.00 21.95 ? 630 THR A CG2 1 
ATOM   521  N N   . ALA A 1 63 ? 3.786   3.761   26.283  1.00 18.02 ? 631 ALA A N   1 
ATOM   522  C CA  . ALA A 1 63 ? 4.859   3.378   27.195  1.00 14.77 ? 631 ALA A CA  1 
ATOM   523  C C   . ALA A 1 63 ? 5.797   4.545   27.469  1.00 22.09 ? 631 ALA A C   1 
ATOM   524  O O   . ALA A 1 63 ? 6.206   4.767   28.614  1.00 25.03 ? 631 ALA A O   1 
ATOM   525  C CB  . ALA A 1 63 ? 5.630   2.188   26.626  1.00 22.19 ? 631 ALA A CB  1 
ATOM   526  N N   . VAL A 1 64 ? 6.155   5.302   26.429  1.00 18.69 ? 632 VAL A N   1 
ATOM   527  C CA  . VAL A 1 64 ? 7.043   6.449   26.616  1.00 18.42 ? 632 VAL A CA  1 
ATOM   528  C C   . VAL A 1 64 ? 6.414   7.460   27.567  1.00 22.23 ? 632 VAL A C   1 
ATOM   529  O O   . VAL A 1 64 ? 7.079   7.991   28.466  1.00 21.86 ? 632 VAL A O   1 
ATOM   530  C CB  . VAL A 1 64 ? 7.384   7.093   25.259  1.00 17.23 ? 632 VAL A CB  1 
ATOM   531  C CG1 . VAL A 1 64 ? 8.012   8.463   25.465  1.00 18.45 ? 632 VAL A CG1 1 
ATOM   532  C CG2 . VAL A 1 64 ? 8.308   6.189   24.461  1.00 21.88 ? 632 VAL A CG2 1 
ATOM   533  N N   . LYS A 1 65 ? 5.123   7.747   27.376  1.00 18.17 ? 633 LYS A N   1 
ATOM   534  C CA  . LYS A 1 65 ? 4.443   8.719   28.228  1.00 18.55 ? 633 LYS A CA  1 
ATOM   535  C C   . LYS A 1 65 ? 4.400   8.245   29.671  1.00 18.63 ? 633 LYS A C   1 
ATOM   536  O O   . LYS A 1 65 ? 4.598   9.038   30.600  1.00 25.44 ? 633 LYS A O   1 
ATOM   537  C CB  . LYS A 1 65 ? 3.023   8.969   27.720  1.00 19.48 ? 633 LYS A CB  1 
ATOM   538  C CG  . LYS A 1 65 ? 2.925   9.682   26.382  1.00 15.78 ? 633 LYS A CG  1 
ATOM   539  C CD  . LYS A 1 65 ? 1.470   9.754   25.941  1.00 24.71 ? 633 LYS A CD  1 
ATOM   540  C CE  . LYS A 1 65 ? 1.333   10.299  24.532  1.00 21.75 ? 633 LYS A CE  1 
ATOM   541  N NZ  . LYS A 1 65 ? -0.097  10.448  24.147  1.00 27.58 ? 633 LYS A NZ  1 
ATOM   542  N N   . GLU A 1 66 ? 4.131   6.956   29.881  1.00 18.02 ? 634 GLU A N   1 
ATOM   543  C CA  . GLU A 1 66 ? 4.045   6.431   31.238  1.00 21.76 ? 634 GLU A CA  1 
ATOM   544  C C   . GLU A 1 66 ? 5.401   6.479   31.931  1.00 27.24 ? 634 GLU A C   1 
ATOM   545  O O   . GLU A 1 66 ? 5.506   6.931   33.075  1.00 26.89 ? 634 GLU A O   1 
ATOM   546  C CB  . GLU A 1 66 ? 3.489   5.008   31.214  1.00 23.33 ? 634 GLU A CB  1 
ATOM   547  C CG  . GLU A 1 66 ? 2.039   4.946   30.746  1.00 29.34 ? 634 GLU A CG  1 
ATOM   548  C CD  . GLU A 1 66 ? 1.444   3.553   30.813  1.00 36.59 ? 634 GLU A CD  1 
ATOM   549  O OE1 . GLU A 1 66 ? 2.206   2.568   30.721  1.00 46.61 ? 634 GLU A OE1 1 
ATOM   550  O OE2 . GLU A 1 66 ? 0.208   3.445   30.956  1.00 50.98 ? 634 GLU A OE2 1 
ATOM   551  N N   . LEU A 1 67 ? 6.457   6.030   31.246  1.00 19.80 ? 635 LEU A N   1 
ATOM   552  C CA  . LEU A 1 67 ? 7.783   6.049   31.859  1.00 22.18 ? 635 LEU A CA  1 
ATOM   553  C C   . LEU A 1 67 ? 8.238   7.474   32.148  1.00 19.85 ? 635 LEU A C   1 
ATOM   554  O O   . LEU A 1 67 ? 8.868   7.734   33.181  1.00 21.83 ? 635 LEU A O   1 
ATOM   555  C CB  . LEU A 1 67 ? 8.796   5.340   30.961  1.00 18.28 ? 635 LEU A CB  1 
ATOM   556  C CG  . LEU A 1 67 ? 9.107   3.880   31.294  1.00 37.90 ? 635 LEU A CG  1 
ATOM   557  C CD1 . LEU A 1 67 ? 7.887   3.001   31.072  1.00 59.86 ? 635 LEU A CD1 1 
ATOM   558  C CD2 . LEU A 1 67 ? 10.284  3.393   30.463  1.00 33.11 ? 635 LEU A CD2 1 
ATOM   559  N N   . SER A 1 68 ? 7.921   8.412   31.254  1.00 21.21 ? 636 SER A N   1 
ATOM   560  C CA  . SER A 1 68 ? 8.310   9.800   31.479  1.00 19.85 ? 636 SER A CA  1 
ATOM   561  C C   . SER A 1 68 ? 7.694   10.339  32.764  1.00 29.81 ? 636 SER A C   1 
ATOM   562  O O   . SER A 1 68 ? 8.383   10.955  33.585  1.00 19.82 ? 636 SER A O   1 
ATOM   563  C CB  . SER A 1 68 ? 7.906   10.665  30.286  1.00 23.44 ? 636 SER A CB  1 
ATOM   564  O OG  . SER A 1 68 ? 8.571   10.252  29.103  1.00 40.94 ? 636 SER A OG  1 
ATOM   565  N N   . VAL A 1 69 ? 6.392   10.119  32.957  1.00 17.62 ? 637 VAL A N   1 
ATOM   566  C CA  . VAL A 1 69 ? 5.745   10.639  34.159  1.00 21.42 ? 637 VAL A CA  1 
ATOM   567  C C   . VAL A 1 69 ? 6.302   9.960   35.404  1.00 26.63 ? 637 VAL A C   1 
ATOM   568  O O   . VAL A 1 69 ? 6.472   10.598  36.450  1.00 22.44 ? 637 VAL A O   1 
ATOM   569  C CB  . VAL A 1 69 ? 4.214   10.489  34.068  1.00 20.29 ? 637 VAL A CB  1 
ATOM   570  C CG1 . VAL A 1 69 ? 3.824   9.032   33.893  1.00 29.67 ? 637 VAL A CG1 1 
ATOM   571  C CG2 . VAL A 1 69 ? 3.562   11.069  35.317  1.00 26.48 ? 637 VAL A CG2 1 
ATOM   572  N N   . GLN A 1 70 ? 6.597   8.662   35.316  1.00 16.82 ? 638 GLN A N   1 
ATOM   573  C CA  . GLN A 1 70 ? 7.191   7.974   36.456  1.00 24.45 ? 638 GLN A CA  1 
ATOM   574  C C   . GLN A 1 70 ? 8.549   8.564   36.807  1.00 28.56 ? 638 GLN A C   1 
ATOM   575  O O   . GLN A 1 70 ? 8.876   8.732   37.988  1.00 17.11 ? 638 GLN A O   1 
ATOM   576  C CB  . GLN A 1 70 ? 7.318   6.479   36.168  1.00 25.59 ? 638 GLN A CB  1 
ATOM   577  C CG  . GLN A 1 70 ? 5.988   5.757   36.046  1.00 37.50 ? 638 GLN A CG  1 
ATOM   578  C CD  . GLN A 1 70 ? 6.132   4.251   36.137  1.00 53.41 ? 638 GLN A CD  1 
ATOM   579  O OE1 . GLN A 1 70 ? 7.243   3.724   36.183  1.00 61.41 ? 638 GLN A OE1 1 
ATOM   580  N NE2 . GLN A 1 70 ? 5.004   3.548   36.173  1.00 54.46 ? 638 GLN A NE2 1 
ATOM   581  N N   . ASN A 1 71 ? 9.355   8.886   35.794  1.00 15.85 ? 639 ASN A N   1 
ATOM   582  C CA  . ASN A 1 71 ? 10.668  9.455   36.073  1.00 19.24 ? 639 ASN A CA  1 
ATOM   583  C C   . ASN A 1 71 ? 10.551  10.874  36.617  1.00 22.97 ? 639 ASN A C   1 
ATOM   584  O O   . ASN A 1 71 ? 11.305  11.259  37.519  1.00 19.76 ? 639 ASN A O   1 
ATOM   585  C CB  . ASN A 1 71 ? 11.538  9.418   34.820  1.00 21.12 ? 639 ASN A CB  1 
ATOM   586  C CG  . ASN A 1 71 ? 11.949  8.005   34.442  1.00 26.42 ? 639 ASN A CG  1 
ATOM   587  O OD1 . ASN A 1 71 ? 11.714  7.056   35.194  1.00 19.10 ? 639 ASN A OD1 1 
ATOM   588  N ND2 . ASN A 1 71 ? 12.572  7.860   33.280  1.00 23.19 ? 639 ASN A ND2 1 
ATOM   589  N N   . GLN A 1 72 ? 9.609   11.666  36.095  1.00 25.62 ? 640 GLN A N   1 
ATOM   590  C CA  . GLN A 1 72 ? 9.396   13.004  36.641  1.00 23.51 ? 640 GLN A CA  1 
ATOM   591  C C   . GLN A 1 72 ? 8.983   12.939  38.106  1.00 17.40 ? 640 GLN A C   1 
ATOM   592  O O   . GLN A 1 72 ? 9.414   13.764  38.920  1.00 21.02 ? 640 GLN A O   1 
ATOM   593  C CB  . GLN A 1 72 ? 8.342   13.754  35.826  1.00 18.55 ? 640 GLN A CB  1 
ATOM   594  C CG  . GLN A 1 72 ? 8.758   14.053  34.397  1.00 23.11 ? 640 GLN A CG  1 
ATOM   595  C CD  . GLN A 1 72 ? 10.029  14.877  34.316  1.00 55.95 ? 640 GLN A CD  1 
ATOM   596  O OE1 . GLN A 1 72 ? 10.312  15.694  35.194  1.00 68.63 ? 640 GLN A OE1 1 
ATOM   597  N NE2 . GLN A 1 72 ? 10.807  14.662  33.260  1.00 63.53 ? 640 GLN A NE2 1 
ATOM   598  N N   . ASP A 1 73 ? 8.141   11.966  38.455  1.00 17.11 ? 641 ASP A N   1 
ATOM   599  C CA  . ASP A 1 73 ? 7.713   11.807  39.841  1.00 17.54 ? 641 ASP A CA  1 
ATOM   600  C C   . ASP A 1 73 ? 8.886   11.408  40.732  1.00 15.59 ? 641 ASP A C   1 
ATOM   601  O O   . ASP A 1 73 ? 9.030   11.924  41.848  1.00 20.70 ? 641 ASP A O   1 
ATOM   602  C CB  . ASP A 1 73 ? 6.580   10.778  39.899  1.00 18.15 ? 641 ASP A CB  1 
ATOM   603  C CG  . ASP A 1 73 ? 6.032   10.570  41.299  1.00 18.92 ? 641 ASP A CG  1 
ATOM   604  O OD1 . ASP A 1 73 ? 5.608   11.557  41.937  1.00 20.39 ? 641 ASP A OD1 1 
ATOM   605  O OD2 . ASP A 1 73 ? 6.000   9.404   41.747  1.00 27.52 ? 641 ASP A OD2 1 
ATOM   606  N N   . LEU A 1 74 ? 9.753   10.514  40.246  1.00 19.51 ? 642 LEU A N   1 
ATOM   607  C CA  . LEU A 1 74 ? 10.953  10.160  41.003  1.00 21.19 ? 642 LEU A CA  1 
ATOM   608  C C   . LEU A 1 74 ? 11.867  11.364  41.192  1.00 19.94 ? 642 LEU A C   1 
ATOM   609  O O   . LEU A 1 74 ? 12.459  11.539  42.263  1.00 18.93 ? 642 LEU A O   1 
ATOM   610  C CB  . LEU A 1 74 ? 11.704  9.025   40.306  1.00 21.02 ? 642 LEU A CB  1 
ATOM   611  C CG  . LEU A 1 74 ? 11.176  7.610   40.547  1.00 19.25 ? 642 LEU A CG  1 
ATOM   612  C CD1 . LEU A 1 74 ? 11.789  6.631   39.555  1.00 20.41 ? 642 LEU A CD1 1 
ATOM   613  C CD2 . LEU A 1 74 ? 11.459  7.177   41.977  1.00 25.00 ? 642 LEU A CD2 1 
ATOM   614  N N   . ILE A 1 75 ? 12.007  12.200  40.162  1.00 15.60 ? 643 ILE A N   1 
ATOM   615  C CA  . ILE A 1 75 ? 12.809  13.413  40.307  1.00 18.09 ? 643 ILE A CA  1 
ATOM   616  C C   . ILE A 1 75 ? 12.240  14.293  41.411  1.00 26.18 ? 643 ILE A C   1 
ATOM   617  O O   . ILE A 1 75 ? 12.983  14.859  42.223  1.00 18.80 ? 643 ILE A O   1 
ATOM   618  C CB  . ILE A 1 75 ? 12.891  14.162  38.964  1.00 17.72 ? 643 ILE A CB  1 
ATOM   619  C CG1 . ILE A 1 75 ? 13.724  13.352  37.964  1.00 13.40 ? 643 ILE A CG1 1 
ATOM   620  C CG2 . ILE A 1 75 ? 13.455  15.563  39.167  1.00 24.15 ? 643 ILE A CG2 1 
ATOM   621  C CD1 . ILE A 1 75 ? 13.736  13.917  36.554  1.00 22.50 ? 643 ILE A CD1 1 
ATOM   622  N N   . GLU A 1 76 ? 10.911  14.416  41.467  1.00 20.60 ? 644 GLU A N   1 
ATOM   623  C CA  . GLU A 1 76 ? 10.294  15.210  42.523  1.00 25.12 ? 644 GLU A CA  1 
ATOM   624  C C   . GLU A 1 76 ? 10.496  14.568  43.890  1.00 18.49 ? 644 GLU A C   1 
ATOM   625  O O   . GLU A 1 76 ? 10.760  15.265  44.877  1.00 19.67 ? 644 GLU A O   1 
ATOM   626  C CB  . GLU A 1 76 ? 8.806   15.408  42.236  1.00 22.17 ? 644 GLU A CB  1 
ATOM   627  C CG  . GLU A 1 76 ? 8.025   15.905  43.443  1.00 40.36 ? 644 GLU A CG  1 
ATOM   628  C CD  . GLU A 1 76 ? 6.628   16.369  43.091  1.00 30.35 ? 644 GLU A CD  1 
ATOM   629  O OE1 . GLU A 1 76 ? 6.500   17.336  42.311  1.00 42.57 ? 644 GLU A OE1 1 
ATOM   630  O OE2 . GLU A 1 76 ? 5.658   15.762  43.591  1.00 32.54 ? 644 GLU A OE2 1 
ATOM   631  N N   . LYS A 1 77 ? 10.373  13.242  43.974  1.00 14.93 ? 645 LYS A N   1 
ATOM   632  C CA  . LYS A 1 77 ? 10.567  12.572  45.258  1.00 17.39 ? 645 LYS A CA  1 
ATOM   633  C C   . LYS A 1 77 ? 12.009  12.696  45.731  1.00 20.93 ? 645 LYS A C   1 
ATOM   634  O O   . LYS A 1 77 ? 12.269  12.818  46.935  1.00 21.19 ? 645 LYS A O   1 
ATOM   635  C CB  . LYS A 1 77 ? 10.147  11.105  45.155  1.00 21.51 ? 645 LYS A CB  1 
ATOM   636  C CG  . LYS A 1 77 ? 8.671   10.928  44.818  1.00 20.37 ? 645 LYS A CG  1 
ATOM   637  C CD  . LYS A 1 77 ? 8.168   9.528   45.134  1.00 32.82 ? 645 LYS A CD  1 
ATOM   638  C CE  . LYS A 1 77 ? 8.622   8.513   44.102  1.00 30.70 ? 645 LYS A CE  1 
ATOM   639  N NZ  . LYS A 1 77 ? 7.968   7.189   44.321  1.00 33.37 ? 645 LYS A NZ  1 
ATOM   640  N N   . ASN A 1 78 ? 12.962  12.681  44.800  1.00 14.02 ? 646 ASN A N   1 
ATOM   641  C CA  . ASN A 1 78 ? 14.355  12.867  45.191  1.00 16.88 ? 646 ASN A CA  1 
ATOM   642  C C   . ASN A 1 78 ? 14.585  14.268  45.742  1.00 18.99 ? 646 ASN A C   1 
ATOM   643  O O   . ASN A 1 78 ? 15.269  14.437  46.760  1.00 16.88 ? 646 ASN A O   1 
ATOM   644  C CB  . ASN A 1 78 ? 15.276  12.584  44.004  1.00 14.30 ? 646 ASN A CB  1 
ATOM   645  C CG  . ASN A 1 78 ? 15.384  11.100  43.700  1.00 18.79 ? 646 ASN A CG  1 
ATOM   646  O OD1 . ASN A 1 78 ? 14.986  10.259  44.508  1.00 17.42 ? 646 ASN A OD1 1 
ATOM   647  N ND2 . ASN A 1 78 ? 15.935  10.771  42.537  1.00 22.96 ? 646 ASN A ND2 1 
ATOM   648  N N   . LEU A 1 79 ? 14.011  15.284  45.094  1.00 16.41 ? 647 LEU A N   1 
ATOM   649  C CA  . LEU A 1 79 ? 14.135  16.643  45.608  1.00 19.25 ? 647 LEU A CA  1 
ATOM   650  C C   . LEU A 1 79 ? 13.538  16.755  47.005  1.00 23.90 ? 647 LEU A C   1 
ATOM   651  O O   . LEU A 1 79 ? 14.071  17.470  47.862  1.00 18.10 ? 647 LEU A O   1 
ATOM   652  C CB  . LEU A 1 79 ? 13.466  17.627  44.650  1.00 20.70 ? 647 LEU A CB  1 
ATOM   653  C CG  . LEU A 1 79 ? 14.151  17.747  43.288  1.00 31.23 ? 647 LEU A CG  1 
ATOM   654  C CD1 . LEU A 1 79 ? 13.458  18.789  42.426  1.00 42.00 ? 647 LEU A CD1 1 
ATOM   655  C CD2 . LEU A 1 79 ? 15.626  18.081  43.466  1.00 37.97 ? 647 LEU A CD2 1 
ATOM   656  N N   . THR A 1 80 ? 12.436  16.042  47.258  1.00 19.13 ? 648 THR A N   1 
ATOM   657  C CA  . THR A 1 80 ? 11.837  16.065  48.589  1.00 21.09 ? 648 THR A CA  1 
ATOM   658  C C   . THR A 1 80 ? 12.789  15.498  49.633  1.00 18.30 ? 648 THR A C   1 
ATOM   659  O O   . THR A 1 80 ? 12.954  16.079  50.712  1.00 24.91 ? 648 THR A O   1 
ATOM   660  C CB  . THR A 1 80 ? 10.518  15.296  48.585  1.00 20.89 ? 648 THR A CB  1 
ATOM   661  O OG1 . THR A 1 80 ? 9.599   15.961  47.712  1.00 22.02 ? 648 THR A OG1 1 
ATOM   662  C CG2 . THR A 1 80 ? 9.925   15.235  49.986  1.00 29.26 ? 648 THR A CG2 1 
ATOM   663  N N   . LEU A 1 81 ? 13.435  14.370  49.330  1.00 15.01 ? 649 LEU A N   1 
ATOM   664  C CA  . LEU A 1 81 ? 14.395  13.810  50.275  1.00 18.75 ? 649 LEU A CA  1 
ATOM   665  C C   . LEU A 1 81 ? 15.574  14.755  50.484  1.00 19.53 ? 649 LEU A C   1 
ATOM   666  O O   . LEU A 1 81 ? 16.064  14.903  51.609  1.00 20.11 ? 649 LEU A O   1 
ATOM   667  C CB  . LEU A 1 81 ? 14.879  12.444  49.794  1.00 17.31 ? 649 LEU A CB  1 
ATOM   668  C CG  . LEU A 1 81 ? 13.805  11.353  49.741  1.00 23.86 ? 649 LEU A CG  1 
ATOM   669  C CD1 . LEU A 1 81 ? 14.409  10.025  49.316  1.00 20.11 ? 649 LEU A CD1 1 
ATOM   670  C CD2 . LEU A 1 81 ? 13.099  11.220  51.080  1.00 31.90 ? 649 LEU A CD2 1 
ATOM   671  N N   . GLN A 1 82 ? 16.041  15.406  49.415  1.00 19.69 ? 650 GLN A N   1 
ATOM   672  C CA  . GLN A 1 82 ? 17.154  16.338  49.564  1.00 20.93 ? 650 GLN A CA  1 
ATOM   673  C C   . GLN A 1 82 ? 16.773  17.517  50.449  1.00 17.14 ? 650 GLN A C   1 
ATOM   674  O O   . GLN A 1 82 ? 17.595  18.003  51.234  1.00 17.97 ? 650 GLN A O   1 
ATOM   675  C CB  . GLN A 1 82 ? 17.620  16.827  48.196  1.00 20.29 ? 650 GLN A CB  1 
ATOM   676  C CG  . GLN A 1 82 ? 18.272  15.760  47.348  1.00 21.00 ? 650 GLN A CG  1 
ATOM   677  C CD  . GLN A 1 82 ? 18.756  16.308  46.026  1.00 47.50 ? 650 GLN A CD  1 
ATOM   678  O OE1 . GLN A 1 82 ? 18.013  16.338  45.046  1.00 41.83 ? 650 GLN A OE1 1 
ATOM   679  N NE2 . GLN A 1 82 ? 20.005  16.758  45.992  1.00 54.37 ? 650 GLN A NE2 1 
ATOM   680  N N   . GLU A 1 83 ? 15.534  18.000  50.328  1.00 19.13 ? 651 GLU A N   1 
ATOM   681  C CA  . GLU A 1 83 ? 15.097  19.097  51.185  1.00 20.67 ? 651 GLU A CA  1 
ATOM   682  C C   . GLU A 1 83 ? 15.053  18.666  52.645  1.00 21.18 ? 651 GLU A C   1 
ATOM   683  O O   . GLU A 1 83 ? 15.450  19.426  53.536  1.00 24.88 ? 651 GLU A O   1 
ATOM   684  C CB  . GLU A 1 83 ? 13.733  19.614  50.728  1.00 25.15 ? 651 GLU A CB  1 
ATOM   685  C CG  . GLU A 1 83 ? 13.790  20.458  49.461  1.00 27.44 ? 651 GLU A CG  1 
ATOM   686  C CD  . GLU A 1 83 ? 14.490  21.795  49.674  1.00 43.02 ? 651 GLU A CD  1 
ATOM   687  O OE1 . GLU A 1 83 ? 14.258  22.430  50.724  1.00 35.73 ? 651 GLU A OE1 1 
ATOM   688  O OE2 . GLU A 1 83 ? 15.272  22.209  48.791  1.00 37.45 ? 651 GLU A OE2 1 
ATOM   689  N N   . HIS A 1 84 ? 14.592  17.438  52.906  1.00 23.23 ? 652 HIS A N   1 
ATOM   690  C CA  . HIS A 1 84 ? 14.558  16.924  54.273  1.00 20.20 ? 652 HIS A CA  1 
ATOM   691  C C   . HIS A 1 84 ? 15.955  16.765  54.858  1.00 22.97 ? 652 HIS A C   1 
ATOM   692  O O   . HIS A 1 84 ? 16.117  16.792  56.085  1.00 20.96 ? 652 HIS A O   1 
ATOM   693  C CB  . HIS A 1 84 ? 13.827  15.581  54.312  1.00 25.16 ? 652 HIS A CB  1 
ATOM   694  C CG  . HIS A 1 84 ? 12.337  15.702  54.376  1.00 35.12 ? 652 HIS A CG  1 
ATOM   695  N ND1 . HIS A 1 84 ? 11.498  15.049  53.497  1.00 47.81 ? 652 HIS A ND1 1 
ATOM   696  C CD2 . HIS A 1 84 ? 11.533  16.388  55.224  1.00 52.84 ? 652 HIS A CD2 1 
ATOM   697  C CE1 . HIS A 1 84 ? 10.243  15.335  53.795  1.00 45.52 ? 652 HIS A CE1 1 
ATOM   698  N NE2 . HIS A 1 84 ? 10.236  16.146  54.838  1.00 56.59 ? 652 HIS A NE2 1 
ATOM   699  N N   . LEU A 1 85 ? 16.967  16.575  54.015  1.00 16.07 ? 653 LEU A N   1 
ATOM   700  C CA  . LEU A 1 85 ? 18.329  16.405  54.501  1.00 12.71 ? 653 LEU A CA  1 
ATOM   701  C C   . LEU A 1 85 ? 19.064  17.723  54.690  1.00 15.09 ? 653 LEU A C   1 
ATOM   702  O O   . LEU A 1 85 ? 20.190  17.716  55.198  1.00 15.46 ? 653 LEU A O   1 
ATOM   703  C CB  . LEU A 1 85 ? 19.129  15.512  53.550  1.00 15.36 ? 653 LEU A CB  1 
ATOM   704  C CG  . LEU A 1 85 ? 18.785  14.025  53.595  1.00 23.19 ? 653 LEU A CG  1 
ATOM   705  C CD1 . LEU A 1 85 ? 19.301  13.325  52.346  1.00 18.85 ? 653 LEU A CD1 1 
ATOM   706  C CD2 . LEU A 1 85 ? 19.368  13.389  54.849  1.00 23.30 ? 653 LEU A CD2 1 
ATOM   707  N N   . ARG A 1 86 ? 18.461  18.840  54.294  1.00 16.49 ? 654 ARG A N   1 
ATOM   708  C CA  . ARG A 1 86 ? 19.117  20.132  54.433  1.00 19.06 ? 654 ARG A CA  1 
ATOM   709  C C   . ARG A 1 86 ? 19.433  20.432  55.890  1.00 18.34 ? 654 ARG A C   1 
ATOM   710  O O   . ARG A 1 86 ? 18.647  20.129  56.792  1.00 14.65 ? 654 ARG A O   1 
ATOM   711  C CB  . ARG A 1 86 ? 18.239  21.247  53.867  1.00 15.84 ? 654 ARG A CB  1 
ATOM   712  C CG  . ARG A 1 86 ? 18.174  21.291  52.351  1.00 18.70 ? 654 ARG A CG  1 
ATOM   713  C CD  . ARG A 1 86 ? 17.218  22.377  51.895  1.00 22.42 ? 654 ARG A CD  1 
ATOM   714  N NE  . ARG A 1 86 ? 17.647  23.701  52.337  1.00 20.33 ? 654 ARG A NE  1 
ATOM   715  C CZ  . ARG A 1 86 ? 16.973  24.821  52.105  1.00 23.06 ? 654 ARG A CZ  1 
ATOM   716  N NH1 . ARG A 1 86 ? 15.828  24.782  51.437  1.00 29.78 ? 654 ARG A NH1 1 
ATOM   717  N NH2 . ARG A 1 86 ? 17.444  25.981  52.545  1.00 25.95 ? 654 ARG A NH2 1 
ATOM   718  N N   . GLN A 1 87 ? 20.601  21.024  56.110  1.00 13.32 ? 655 GLN A N   1 
ATOM   719  C CA  . GLN A 1 87 ? 20.975  21.573  57.402  1.00 15.73 ? 655 GLN A CA  1 
ATOM   720  C C   . GLN A 1 87 ? 21.032  23.094  57.384  1.00 19.79 ? 655 GLN A C   1 
ATOM   721  O O   . GLN A 1 87 ? 21.185  23.708  58.445  1.00 19.97 ? 655 GLN A O   1 
ATOM   722  C CB  . GLN A 1 87 ? 22.321  20.978  57.849  1.00 15.41 ? 655 GLN A CB  1 
ATOM   723  C CG  . GLN A 1 87 ? 22.225  19.471  58.106  1.00 23.03 ? 655 GLN A CG  1 
ATOM   724  C CD  . GLN A 1 87 ? 23.566  18.790  58.315  1.00 21.24 ? 655 GLN A CD  1 
ATOM   725  O OE1 . GLN A 1 87 ? 24.625  19.357  58.038  1.00 19.74 ? 655 GLN A OE1 1 
ATOM   726  N NE2 . GLN A 1 87 ? 23.523  17.555  58.807  1.00 17.24 ? 655 GLN A NE2 1 
ATOM   727  N N   A ALA A 1 88 ? 20.888  23.713  56.214  0.41 15.07 ? 656 ALA A N   1 
ATOM   728  N N   B ALA A 1 88 ? 20.925  23.708  56.212  0.59 15.05 ? 656 ALA A N   1 
ATOM   729  C CA  A ALA A 1 88 ? 20.821  25.167  56.085  0.41 16.93 ? 656 ALA A CA  1 
ATOM   730  C CA  B ALA A 1 88 ? 20.821  25.151  56.072  0.59 16.92 ? 656 ALA A CA  1 
ATOM   731  C C   A ALA A 1 88 ? 20.127  25.552  54.777  0.41 17.68 ? 656 ALA A C   1 
ATOM   732  C C   B ALA A 1 88 ? 20.142  25.441  54.740  0.59 17.76 ? 656 ALA A C   1 
ATOM   733  O O   A ALA A 1 88 ? 19.487  26.599  54.680  0.41 9.86  ? 656 ALA A O   1 
ATOM   734  O O   B ALA A 1 88 ? 19.881  24.515  53.969  0.59 11.60 ? 656 ALA A O   1 
ATOM   735  C CB  A ALA A 1 88 ? 22.213  25.777  56.148  0.41 16.41 ? 656 ALA A CB  1 
ATOM   736  C CB  B ALA A 1 88 ? 22.190  25.814  56.140  0.59 16.32 ? 656 ALA A CB  1 
ATOM   737  N N   . GLY B 1 1  ? -31.465 -19.667 -52.734 1.00 25.75 ? 569 GLY B N   1 
ATOM   738  C CA  . GLY B 1 1  ? -30.532 -19.268 -51.698 1.00 26.41 ? 569 GLY B CA  1 
ATOM   739  C C   . GLY B 1 1  ? -30.164 -17.803 -51.818 1.00 31.24 ? 569 GLY B C   1 
ATOM   740  O O   . GLY B 1 1  ? -30.625 -17.112 -52.726 1.00 26.25 ? 569 GLY B O   1 
ATOM   741  N N   . GLU B 1 2  ? -29.334 -17.323 -50.897 1.00 24.08 ? 570 GLU B N   1 
ATOM   742  C CA  . GLU B 1 2  ? -28.894 -15.937 -50.946 1.00 23.06 ? 570 GLU B CA  1 
ATOM   743  C C   . GLU B 1 2  ? -27.801 -15.760 -51.990 1.00 20.84 ? 570 GLU B C   1 
ATOM   744  O O   . GLU B 1 2  ? -26.936 -16.623 -52.159 1.00 22.90 ? 570 GLU B O   1 
ATOM   745  C CB  . GLU B 1 2  ? -28.382 -15.491 -49.580 1.00 20.76 ? 570 GLU B CB  1 
ATOM   746  C CG  . GLU B 1 2  ? -29.474 -15.312 -48.547 1.00 30.47 ? 570 GLU B CG  1 
ATOM   747  C CD  . GLU B 1 2  ? -28.920 -14.948 -47.189 1.00 44.54 ? 570 GLU B CD  1 
ATOM   748  O OE1 . GLU B 1 2  ? -27.713 -15.177 -46.965 1.00 35.60 ? 570 GLU B OE1 1 
ATOM   749  O OE2 . GLU B 1 2  ? -29.686 -14.432 -46.349 1.00 56.57 ? 570 GLU B OE2 1 
ATOM   750  N N   . SER B 1 3  ? -27.850 -14.634 -52.694 1.00 19.51 ? 571 SER B N   1 
ATOM   751  C CA  . SER B 1 3  ? -26.788 -14.300 -53.626 1.00 15.23 ? 571 SER B CA  1 
ATOM   752  C C   . SER B 1 3  ? -25.496 -14.021 -52.864 1.00 19.01 ? 571 SER B C   1 
ATOM   753  O O   . SER B 1 3  ? -25.502 -13.727 -51.666 1.00 19.60 ? 571 SER B O   1 
ATOM   754  C CB  . SER B 1 3  ? -27.167 -13.083 -54.465 1.00 16.64 ? 571 SER B CB  1 
ATOM   755  O OG  . SER B 1 3  ? -27.192 -11.907 -53.672 1.00 21.32 ? 571 SER B OG  1 
ATOM   756  N N   . TRP B 1 4  ? -24.373 -14.121 -53.575 1.00 17.27 ? 572 TRP B N   1 
ATOM   757  C CA  . TRP B 1 4  ? -23.106 -13.763 -52.951 1.00 17.45 ? 572 TRP B CA  1 
ATOM   758  C C   . TRP B 1 4  ? -23.071 -12.288 -52.581 1.00 17.60 ? 572 TRP B C   1 
ATOM   759  O O   . TRP B 1 4  ? -22.442 -11.916 -51.585 1.00 16.83 ? 572 TRP B O   1 
ATOM   760  C CB  . TRP B 1 4  ? -21.937 -14.121 -53.866 1.00 14.02 ? 572 TRP B CB  1 
ATOM   761  C CG  . TRP B 1 4  ? -21.711 -15.587 -53.950 1.00 17.23 ? 572 TRP B CG  1 
ATOM   762  C CD1 . TRP B 1 4  ? -22.082 -16.418 -54.968 1.00 16.19 ? 572 TRP B CD1 1 
ATOM   763  C CD2 . TRP B 1 4  ? -21.084 -16.416 -52.964 1.00 12.05 ? 572 TRP B CD2 1 
ATOM   764  N NE1 . TRP B 1 4  ? -21.715 -17.710 -54.681 1.00 19.11 ? 572 TRP B NE1 1 
ATOM   765  C CE2 . TRP B 1 4  ? -21.099 -17.736 -53.457 1.00 16.10 ? 572 TRP B CE2 1 
ATOM   766  C CE3 . TRP B 1 4  ? -20.505 -16.168 -51.715 1.00 12.17 ? 572 TRP B CE3 1 
ATOM   767  C CZ2 . TRP B 1 4  ? -20.559 -18.805 -52.745 1.00 17.75 ? 572 TRP B CZ2 1 
ATOM   768  C CZ3 . TRP B 1 4  ? -19.968 -17.231 -51.011 1.00 22.71 ? 572 TRP B CZ3 1 
ATOM   769  C CH2 . TRP B 1 4  ? -19.998 -18.532 -51.527 1.00 19.30 ? 572 TRP B CH2 1 
ATOM   770  N N   . GLN B 1 5  ? -23.738 -11.436 -53.362 1.00 15.12 ? 573 GLN B N   1 
ATOM   771  C CA  . GLN B 1 5  ? -23.794 -10.024 -53.006 1.00 20.60 ? 573 GLN B CA  1 
ATOM   772  C C   . GLN B 1 5  ? -24.534 -9.820  -51.690 1.00 16.38 ? 573 GLN B C   1 
ATOM   773  O O   . GLN B 1 5  ? -24.106 -9.020  -50.851 1.00 16.97 ? 573 GLN B O   1 
ATOM   774  C CB  . GLN B 1 5  ? -24.454 -9.213  -54.118 1.00 16.38 ? 573 GLN B CB  1 
ATOM   775  C CG  . GLN B 1 5  ? -24.569 -7.735  -53.777 1.00 22.17 ? 573 GLN B CG  1 
ATOM   776  C CD  . GLN B 1 5  ? -25.197 -6.914  -54.882 1.00 30.37 ? 573 GLN B CD  1 
ATOM   777  O OE1 . GLN B 1 5  ? -25.629 -7.444  -55.912 1.00 27.43 ? 573 GLN B OE1 1 
ATOM   778  N NE2 . GLN B 1 5  ? -25.250 -5.605  -54.677 1.00 20.69 ? 573 GLN B NE2 1 
ATOM   779  N N   . LYS B 1 6  ? -25.642 -10.538 -51.490 1.00 14.78 ? 574 LYS B N   1 
ATOM   780  C CA  . LYS B 1 6  ? -26.368 -10.440 -50.229 1.00 19.69 ? 574 LYS B CA  1 
ATOM   781  C C   . LYS B 1 6  ? -25.525 -10.968 -49.075 1.00 19.52 ? 574 LYS B C   1 
ATOM   782  O O   . LYS B 1 6  ? -25.496 -10.369 -47.991 1.00 20.19 ? 574 LYS B O   1 
ATOM   783  C CB  . LYS B 1 6  ? -27.695 -11.196 -50.328 1.00 19.81 ? 574 LYS B CB  1 
ATOM   784  C CG  . LYS B 1 6  ? -28.342 -11.520 -48.983 1.00 27.82 ? 574 LYS B CG  1 
ATOM   785  C CD  . LYS B 1 6  ? -28.846 -10.273 -48.266 1.00 26.11 ? 574 LYS B CD  1 
ATOM   786  C CE  . LYS B 1 6  ? -29.456 -10.636 -46.919 1.00 42.43 ? 574 LYS B CE  1 
ATOM   787  N NZ  . LYS B 1 6  ? -30.075 -9.467  -46.238 1.00 30.48 ? 574 LYS B NZ  1 
ATOM   788  N N   . ARG B 1 7  ? -24.817 -12.080 -49.293 1.00 17.56 ? 575 ARG B N   1 
ATOM   789  C CA  . ARG B 1 7  ? -23.931 -12.607 -48.258 1.00 14.38 ? 575 ARG B CA  1 
ATOM   790  C C   . ARG B 1 7  ? -22.796 -11.636 -47.962 1.00 15.98 ? 575 ARG B C   1 
ATOM   791  O O   . ARG B 1 7  ? -22.356 -11.513 -46.812 1.00 19.91 ? 575 ARG B O   1 
ATOM   792  C CB  . ARG B 1 7  ? -23.363 -13.959 -48.681 1.00 18.31 ? 575 ARG B CB  1 
ATOM   793  C CG  . ARG B 1 7  ? -24.394 -15.056 -48.875 1.00 17.93 ? 575 ARG B CG  1 
ATOM   794  C CD  . ARG B 1 7  ? -23.729 -16.286 -49.464 1.00 24.30 ? 575 ARG B CD  1 
ATOM   795  N NE  . ARG B 1 7  ? -24.666 -17.388 -49.647 1.00 30.79 ? 575 ARG B NE  1 
ATOM   796  C CZ  . ARG B 1 7  ? -24.454 -18.415 -50.464 1.00 23.36 ? 575 ARG B CZ  1 
ATOM   797  N NH1 . ARG B 1 7  ? -23.340 -18.473 -51.182 1.00 34.10 ? 575 ARG B NH1 1 
ATOM   798  N NH2 . ARG B 1 7  ? -25.358 -19.377 -50.572 1.00 32.82 ? 575 ARG B NH2 1 
ATOM   799  N N   . TYR B 1 8  ? -22.287 -10.963 -48.995 1.00 16.67 ? 576 TYR B N   1 
ATOM   800  C CA  . TYR B 1 8  ? -21.287 -9.923  -48.779 1.00 14.51 ? 576 TYR B CA  1 
ATOM   801  C C   . TYR B 1 8  ? -21.842 -8.825  -47.881 1.00 18.36 ? 576 TYR B C   1 
ATOM   802  O O   . TYR B 1 8  ? -21.183 -8.386  -46.930 1.00 19.59 ? 576 TYR B O   1 
ATOM   803  C CB  . TYR B 1 8  ? -20.836 -9.353  -50.128 1.00 13.78 ? 576 TYR B CB  1 
ATOM   804  C CG  . TYR B 1 8  ? -19.806 -8.253  -50.030 1.00 16.48 ? 576 TYR B CG  1 
ATOM   805  C CD1 . TYR B 1 8  ? -20.182 -6.942  -49.745 1.00 16.71 ? 576 TYR B CD1 1 
ATOM   806  C CD2 . TYR B 1 8  ? -18.461 -8.519  -50.236 1.00 16.18 ? 576 TYR B CD2 1 
ATOM   807  C CE1 . TYR B 1 8  ? -19.240 -5.932  -49.652 1.00 26.92 ? 576 TYR B CE1 1 
ATOM   808  C CE2 . TYR B 1 8  ? -17.509 -7.512  -50.146 1.00 18.11 ? 576 TYR B CE2 1 
ATOM   809  C CZ  . TYR B 1 8  ? -17.907 -6.224  -49.855 1.00 19.68 ? 576 TYR B CZ  1 
ATOM   810  O OH  . TYR B 1 8  ? -16.968 -5.220  -49.763 1.00 19.36 ? 576 TYR B OH  1 
ATOM   811  N N   . ASP B 1 9  ? -23.068 -8.379  -48.162 1.00 14.78 ? 577 ASP B N   1 
ATOM   812  C CA  . ASP B 1 9  ? -23.665 -7.316  -47.362 1.00 20.73 ? 577 ASP B CA  1 
ATOM   813  C C   . ASP B 1 9  ? -23.824 -7.742  -45.905 1.00 23.27 ? 577 ASP B C   1 
ATOM   814  O O   . ASP B 1 9  ? -23.609 -6.938  -44.989 1.00 21.39 ? 577 ASP B O   1 
ATOM   815  C CB  . ASP B 1 9  ? -25.009 -6.906  -47.963 1.00 22.13 ? 577 ASP B CB  1 
ATOM   816  C CG  . ASP B 1 9  ? -25.639 -5.736  -47.237 1.00 30.22 ? 577 ASP B CG  1 
ATOM   817  O OD1 . ASP B 1 9  ? -25.108 -4.612  -47.349 1.00 33.23 ? 577 ASP B OD1 1 
ATOM   818  O OD2 . ASP B 1 9  ? -26.665 -5.939  -46.557 1.00 33.38 ? 577 ASP B OD2 1 
ATOM   819  N N   . SER B 1 10 ? -24.202 -9.001  -45.668 1.00 19.15 ? 578 SER B N   1 
ATOM   820  C CA  . SER B 1 10 ? -24.327 -9.481  -44.293 1.00 20.44 ? 578 SER B CA  1 
ATOM   821  C C   . SER B 1 10 ? -22.962 -9.628  -43.635 1.00 21.35 ? 578 SER B C   1 
ATOM   822  O O   . SER B 1 10 ? -22.821 -9.398  -42.428 1.00 22.02 ? 578 SER B O   1 
ATOM   823  C CB  . SER B 1 10 ? -25.075 -10.814 -44.259 1.00 22.32 ? 578 SER B CB  1 
ATOM   824  O OG  . SER B 1 10 ? -26.389 -10.676 -44.767 1.00 29.91 ? 578 SER B OG  1 
ATOM   825  N N   . LEU B 1 11 ? -21.946 -10.017 -44.407 1.00 17.12 ? 579 LEU B N   1 
ATOM   826  C CA  . LEU B 1 11 ? -20.615 -10.178 -43.833 1.00 16.05 ? 579 LEU B CA  1 
ATOM   827  C C   . LEU B 1 11 ? -20.000 -8.835  -43.464 1.00 18.01 ? 579 LEU B C   1 
ATOM   828  O O   . LEU B 1 11 ? -19.249 -8.748  -42.485 1.00 21.03 ? 579 LEU B O   1 
ATOM   829  C CB  . LEU B 1 11 ? -19.712 -10.931 -44.808 1.00 17.40 ? 579 LEU B CB  1 
ATOM   830  C CG  . LEU B 1 11 ? -18.440 -11.539 -44.217 1.00 28.21 ? 579 LEU B CG  1 
ATOM   831  C CD1 . LEU B 1 11 ? -18.784 -12.509 -43.099 1.00 28.69 ? 579 LEU B CD1 1 
ATOM   832  C CD2 . LEU B 1 11 ? -17.624 -12.230 -45.297 1.00 23.95 ? 579 LEU B CD2 1 
ATOM   833  N N   . GLN B 1 12 ? -20.303 -7.784  -44.231 1.00 18.08 ? 580 GLN B N   1 
ATOM   834  C CA  . GLN B 1 12 ? -19.805 -6.456  -43.892 1.00 17.26 ? 580 GLN B CA  1 
ATOM   835  C C   . GLN B 1 12 ? -20.353 -5.991  -42.548 1.00 24.10 ? 580 GLN B C   1 
ATOM   836  O O   . GLN B 1 12 ? -19.657 -5.308  -41.788 1.00 18.16 ? 580 GLN B O   1 
ATOM   837  C CB  . GLN B 1 12 ? -20.160 -5.461  -44.999 1.00 20.69 ? 580 GLN B CB  1 
ATOM   838  C CG  . GLN B 1 12 ? -19.803 -4.012  -44.680 1.00 23.87 ? 580 GLN B CG  1 
ATOM   839  C CD  . GLN B 1 12 ? -18.308 -3.787  -44.544 1.00 44.42 ? 580 GLN B CD  1 
ATOM   840  O OE1 . GLN B 1 12 ? -17.505 -4.470  -45.179 1.00 34.54 ? 580 GLN B OE1 1 
ATOM   841  N NE2 . GLN B 1 12 ? -17.929 -2.823  -43.711 1.00 35.38 ? 580 GLN B NE2 1 
ATOM   842  N N   . LYS B 1 13 ? -21.600 -6.352  -42.233 1.00 18.44 ? 581 LYS B N   1 
ATOM   843  C CA  . LYS B 1 13 ? -22.138 -6.034  -40.912 1.00 23.41 ? 581 LYS B CA  1 
ATOM   844  C C   . LYS B 1 13 ? -21.314 -6.692  -39.816 1.00 24.85 ? 581 LYS B C   1 
ATOM   845  O O   . LYS B 1 13 ? -21.070 -6.093  -38.761 1.00 24.08 ? 581 LYS B O   1 
ATOM   846  C CB  . LYS B 1 13 ? -23.600 -6.468  -40.818 1.00 25.23 ? 581 LYS B CB  1 
ATOM   847  C CG  . LYS B 1 13 ? -24.525 -5.732  -41.770 1.00 30.74 ? 581 LYS B CG  1 
ATOM   848  C CD  . LYS B 1 13 ? -25.902 -6.371  -41.786 1.00 37.89 ? 581 LYS B CD  1 
ATOM   849  C CE  . LYS B 1 13 ? -26.802 -5.715  -42.816 1.00 32.79 ? 581 LYS B CE  1 
ATOM   850  N NZ  . LYS B 1 13 ? -28.081 -6.459  -42.971 1.00 48.92 ? 581 LYS B NZ  1 
ATOM   851  N N   . ILE B 1 14 ? -20.874 -7.930  -40.046 1.00 18.55 ? 582 ILE B N   1 
ATOM   852  C CA  . ILE B 1 14 ? -20.006 -8.599  -39.083 1.00 21.22 ? 582 ILE B CA  1 
ATOM   853  C C   . ILE B 1 14 ? -18.684 -7.856  -38.958 1.00 17.20 ? 582 ILE B C   1 
ATOM   854  O O   . ILE B 1 14 ? -18.167 -7.661  -37.850 1.00 21.94 ? 582 ILE B O   1 
ATOM   855  C CB  . ILE B 1 14 ? -19.797 -10.072 -39.485 1.00 17.27 ? 582 ILE B CB  1 
ATOM   856  C CG1 . ILE B 1 14 ? -21.112 -10.843 -39.365 1.00 27.99 ? 582 ILE B CG1 1 
ATOM   857  C CG2 . ILE B 1 14 ? -18.705 -10.715 -38.631 1.00 20.35 ? 582 ILE B CG2 1 
ATOM   858  C CD1 . ILE B 1 14 ? -21.033 -12.265 -39.878 1.00 44.75 ? 582 ILE B CD1 1 
ATOM   859  N N   . VAL B 1 15 ? -18.118 -7.423  -40.088 1.00 13.54 ? 583 VAL B N   1 
ATOM   860  C CA  . VAL B 1 15 ? -16.847 -6.703  -40.062 1.00 12.74 ? 583 VAL B CA  1 
ATOM   861  C C   . VAL B 1 15 ? -16.962 -5.448  -39.209 1.00 18.06 ? 583 VAL B C   1 
ATOM   862  O O   . VAL B 1 15 ? -16.058 -5.121  -38.431 1.00 17.90 ? 583 VAL B O   1 
ATOM   863  C CB  . VAL B 1 15 ? -16.391 -6.368  -41.494 1.00 23.64 ? 583 VAL B CB  1 
ATOM   864  C CG1 . VAL B 1 15 ? -15.287 -5.317  -41.462 1.00 20.88 ? 583 VAL B CG1 1 
ATOM   865  C CG2 . VAL B 1 15 ? -15.914 -7.623  -42.201 1.00 18.89 ? 583 VAL B CG2 1 
ATOM   866  N N   . GLU B 1 16 ? -18.069 -4.720  -39.347 1.00 19.49 ? 584 GLU B N   1 
ATOM   867  C CA  . GLU B 1 16 ? -18.240 -3.488  -38.590 1.00 16.53 ? 584 GLU B CA  1 
ATOM   868  C C   . GLU B 1 16 ? -18.470 -3.765  -37.108 1.00 21.39 ? 584 GLU B C   1 
ATOM   869  O O   . GLU B 1 16 ? -17.968 -3.024  -36.256 1.00 22.27 ? 584 GLU B O   1 
ATOM   870  C CB  . GLU B 1 16 ? -19.383 -2.670  -39.192 1.00 20.85 ? 584 GLU B CB  1 
ATOM   871  C CG  . GLU B 1 16 ? -19.039 -2.119  -40.576 1.00 22.79 ? 584 GLU B CG  1 
ATOM   872  C CD  . GLU B 1 16 ? -20.245 -1.608  -41.341 1.00 44.53 ? 584 GLU B CD  1 
ATOM   873  O OE1 . GLU B 1 16 ? -21.336 -1.502  -40.742 1.00 53.48 ? 584 GLU B OE1 1 
ATOM   874  O OE2 . GLU B 1 16 ? -20.100 -1.315  -42.548 1.00 42.69 ? 584 GLU B OE2 1 
ATOM   875  N N   . LYS B 1 17 ? -19.206 -4.828  -36.778 1.00 21.13 ? 585 LYS B N   1 
ATOM   876  C CA  . LYS B 1 17 ? -19.373 -5.198  -35.374 1.00 23.28 ? 585 LYS B CA  1 
ATOM   877  C C   . LYS B 1 17 ? -18.051 -5.639  -34.753 1.00 27.76 ? 585 LYS B C   1 
ATOM   878  O O   . LYS B 1 17 ? -17.782 -5.346  -33.581 1.00 26.07 ? 585 LYS B O   1 
ATOM   879  C CB  . LYS B 1 17 ? -20.425 -6.298  -35.238 1.00 26.37 ? 585 LYS B CB  1 
ATOM   880  C CG  . LYS B 1 17 ? -21.835 -5.841  -35.581 1.00 28.90 ? 585 LYS B CG  1 
ATOM   881  C CD  . LYS B 1 17 ? -22.833 -6.978  -35.431 1.00 36.33 ? 585 LYS B CD  1 
ATOM   882  C CE  . LYS B 1 17 ? -24.233 -6.527  -35.820 1.00 56.92 ? 585 LYS B CE  1 
ATOM   883  N NZ  . LYS B 1 17 ? -25.237 -7.615  -35.659 1.00 73.84 ? 585 LYS B NZ  1 
ATOM   884  N N   . GLN B 1 18 ? -17.216 -6.351  -35.517 1.00 15.33 ? 586 GLN B N   1 
ATOM   885  C CA  . GLN B 1 18 ? -15.890 -6.712  -35.021 1.00 19.55 ? 586 GLN B CA  1 
ATOM   886  C C   . GLN B 1 18 ? -15.074 -5.469  -34.696 1.00 19.32 ? 586 GLN B C   1 
ATOM   887  O O   . GLN B 1 18 ? -14.401 -5.403  -33.659 1.00 18.62 ? 586 GLN B O   1 
ATOM   888  C CB  . GLN B 1 18 ? -15.145 -7.556  -36.054 1.00 15.24 ? 586 GLN B CB  1 
ATOM   889  C CG  . GLN B 1 18 ? -15.558 -9.006  -36.162 1.00 24.22 ? 586 GLN B CG  1 
ATOM   890  C CD  . GLN B 1 18 ? -14.724 -9.728  -37.200 1.00 16.98 ? 586 GLN B CD  1 
ATOM   891  O OE1 . GLN B 1 18 ? -14.467 -9.191  -38.280 1.00 21.66 ? 586 GLN B OE1 1 
ATOM   892  N NE2 . GLN B 1 18 ? -14.263 -10.923 -36.868 1.00 22.78 ? 586 GLN B NE2 1 
ATOM   893  N N   . GLN B 1 19 ? -15.101 -4.481  -35.593 1.00 17.35 ? 587 GLN B N   1 
ATOM   894  C CA  . GLN B 1 19 ? -14.325 -3.266  -35.379 1.00 16.48 ? 587 GLN B CA  1 
ATOM   895  C C   . GLN B 1 19 ? -14.801 -2.528  -34.135 1.00 20.43 ? 587 GLN B C   1 
ATOM   896  O O   . GLN B 1 19 ? -13.987 -2.019  -33.356 1.00 22.24 ? 587 GLN B O   1 
ATOM   897  C CB  . GLN B 1 19 ? -14.409 -2.372  -36.617 1.00 21.90 ? 587 GLN B CB  1 
ATOM   898  C CG  . GLN B 1 19 ? -13.525 -2.850  -37.759 1.00 33.16 ? 587 GLN B CG  1 
ATOM   899  C CD  . GLN B 1 19 ? -13.762 -2.093  -39.055 1.00 44.85 ? 587 GLN B CD  1 
ATOM   900  O OE1 . GLN B 1 19 ? -14.429 -1.058  -39.073 1.00 45.10 ? 587 GLN B OE1 1 
ATOM   901  N NE2 . GLN B 1 19 ? -13.218 -2.614  -40.150 1.00 35.12 ? 587 GLN B NE2 1 
ATOM   902  N N   . GLN B 1 20 ? -16.117 -2.466  -33.926 1.00 17.71 ? 588 GLN B N   1 
ATOM   903  C CA  . GLN B 1 20 ? -16.632 -1.791  -32.741 1.00 18.46 ? 588 GLN B CA  1 
ATOM   904  C C   . GLN B 1 20 ? -16.187 -2.509  -31.473 1.00 26.69 ? 588 GLN B C   1 
ATOM   905  O O   . GLN B 1 20 ? -15.767 -1.868  -30.503 1.00 22.46 ? 588 GLN B O   1 
ATOM   906  C CB  . GLN B 1 20 ? -18.154 -1.696  -32.811 1.00 22.47 ? 588 GLN B CB  1 
ATOM   907  C CG  . GLN B 1 20 ? -18.761 -0.726  -31.815 1.00 37.47 ? 588 GLN B CG  1 
ATOM   908  C CD  . GLN B 1 20 ? -20.218 -0.431  -32.109 1.00 65.59 ? 588 GLN B CD  1 
ATOM   909  O OE1 . GLN B 1 20 ? -20.783 -0.938  -33.079 1.00 62.12 ? 588 GLN B OE1 1 
ATOM   910  N NE2 . GLN B 1 20 ? -20.836 0.395   -31.271 1.00 65.46 ? 588 GLN B NE2 1 
ATOM   911  N N   . LYS B 1 21 ? -16.254 -3.843  -31.472 1.00 17.78 ? 589 LYS B N   1 
ATOM   912  C CA  . LYS B 1 21 ? -15.745 -4.607  -30.338 1.00 19.83 ? 589 LYS B CA  1 
ATOM   913  C C   . LYS B 1 21 ? -14.251 -4.377  -30.141 1.00 22.03 ? 589 LYS B C   1 
ATOM   914  O O   . LYS B 1 21 ? -13.781 -4.246  -29.005 1.00 24.62 ? 589 LYS B O   1 
ATOM   915  C CB  . LYS B 1 21 ? -16.041 -6.094  -30.533 1.00 20.46 ? 589 LYS B CB  1 
ATOM   916  C CG  . LYS B 1 21 ? -15.453 -7.002  -29.464 1.00 23.12 ? 589 LYS B CG  1 
ATOM   917  C CD  . LYS B 1 21 ? -15.940 -6.626  -28.067 1.00 32.30 ? 589 LYS B CD  1 
ATOM   918  C CE  . LYS B 1 21 ? -17.456 -6.699  -27.966 1.00 41.46 ? 589 LYS B CE  1 
ATOM   919  N NZ  . LYS B 1 21 ? -17.937 -6.338  -26.602 1.00 56.39 ? 589 LYS B NZ  1 
ATOM   920  N N   . MET B 1 22 ? -13.486 -4.324  -31.236 1.00 17.40 ? 590 MET B N   1 
ATOM   921  C CA  . MET B 1 22 ? -12.050 -4.079  -31.119 1.00 15.17 ? 590 MET B CA  1 
ATOM   922  C C   . MET B 1 22 ? -11.771 -2.690  -30.561 1.00 19.09 ? 590 MET B C   1 
ATOM   923  O O   . MET B 1 22 ? -10.848 -2.512  -29.757 1.00 21.75 ? 590 MET B O   1 
ATOM   924  C CB  . MET B 1 22 ? -11.370 -4.249  -32.476 1.00 15.32 ? 590 MET B CB  1 
ATOM   925  C CG  . MET B 1 22 ? -11.559 -5.615  -33.098 1.00 29.70 ? 590 MET B CG  1 
ATOM   926  S SD  . MET B 1 22 ? -10.947 -5.636  -34.796 1.00 33.21 ? 590 MET B SD  1 
ATOM   927  C CE  . MET B 1 22 ? -9.193  -5.459  -34.509 1.00 19.20 ? 590 MET B CE  1 
ATOM   928  N N   . ASP B 1 23 ? -12.553 -1.692  -30.983 1.00 19.97 ? 591 ASP B N   1 
ATOM   929  C CA  . ASP B 1 23 ? -12.423 -0.355  -30.411 1.00 19.97 ? 591 ASP B CA  1 
ATOM   930  C C   . ASP B 1 23 ? -12.647 -0.382  -28.907 1.00 18.60 ? 591 ASP B C   1 
ATOM   931  O O   . ASP B 1 23 ? -11.920 0.270   -28.147 1.00 20.95 ? 591 ASP B O   1 
ATOM   932  C CB  . ASP B 1 23 ? -13.418 0.600   -31.073 1.00 21.12 ? 591 ASP B CB  1 
ATOM   933  C CG  . ASP B 1 23 ? -13.036 0.948   -32.496 1.00 23.98 ? 591 ASP B CG  1 
ATOM   934  O OD1 . ASP B 1 23 ? -11.894 0.646   -32.900 1.00 25.84 ? 591 ASP B OD1 1 
ATOM   935  O OD2 . ASP B 1 23 ? -13.882 1.525   -33.211 1.00 23.62 ? 591 ASP B OD2 1 
ATOM   936  N N   . GLN B 1 24 ? -13.659 -1.123  -28.457 1.00 21.11 ? 592 GLN B N   1 
ATOM   937  C CA  . GLN B 1 24 ? -13.936 -1.204  -27.029 1.00 20.01 ? 592 GLN B CA  1 
ATOM   938  C C   . GLN B 1 24 ? -12.799 -1.894  -26.286 1.00 24.53 ? 592 GLN B C   1 
ATOM   939  O O   . GLN B 1 24 ? -12.416 -1.470  -25.186 1.00 19.29 ? 592 GLN B O   1 
ATOM   940  C CB  . GLN B 1 24 ? -15.265 -1.923  -26.804 1.00 18.97 ? 592 GLN B CB  1 
ATOM   941  C CG  . GLN B 1 24 ? -16.458 -1.119  -27.321 1.00 31.04 ? 592 GLN B CG  1 
ATOM   942  C CD  . GLN B 1 24 ? -17.706 -1.956  -27.545 1.00 41.50 ? 592 GLN B CD  1 
ATOM   943  O OE1 . GLN B 1 24 ? -17.742 -3.145  -27.224 1.00 36.60 ? 592 GLN B OE1 1 
ATOM   944  N NE2 . GLN B 1 24 ? -18.738 -1.334  -28.106 1.00 40.04 ? 592 GLN B NE2 1 
ATOM   945  N N   . LEU B 1 25 ? -12.232 -2.945  -26.884 1.00 17.02 ? 593 LEU B N   1 
ATOM   946  C CA  . LEU B 1 25 ? -11.143 -3.671  -26.234 1.00 17.54 ? 593 LEU B CA  1 
ATOM   947  C C   . LEU B 1 25 ? -9.878  -2.823  -26.159 1.00 18.14 ? 593 LEU B C   1 
ATOM   948  O O   . LEU B 1 25 ? -9.169  -2.850  -25.147 1.00 19.92 ? 593 LEU B O   1 
ATOM   949  C CB  . LEU B 1 25 ? -10.874 -4.982  -26.971 1.00 18.70 ? 593 LEU B CB  1 
ATOM   950  C CG  . LEU B 1 25 ? -11.960 -6.054  -26.838 1.00 18.99 ? 593 LEU B CG  1 
ATOM   951  C CD1 . LEU B 1 25 ? -11.733 -7.190  -27.828 1.00 18.10 ? 593 LEU B CD1 1 
ATOM   952  C CD2 . LEU B 1 25 ? -12.004 -6.589  -25.412 1.00 18.55 ? 593 LEU B CD2 1 
ATOM   953  N N   . ARG B 1 26 ? -9.575  -2.070  -27.220 1.00 18.82 ? 594 ARG B N   1 
ATOM   954  C CA  . ARG B 1 26 ? -8.423  -1.174  -27.180 1.00 19.06 ? 594 ARG B CA  1 
ATOM   955  C C   . ARG B 1 26 ? -8.590  -0.116  -26.100 1.00 23.85 ? 594 ARG B C   1 
ATOM   956  O O   . ARG B 1 26 ? -7.633  0.219   -25.394 1.00 23.18 ? 594 ARG B O   1 
ATOM   957  C CB  . ARG B 1 26 ? -8.213  -0.507  -28.539 1.00 20.53 ? 594 ARG B CB  1 
ATOM   958  C CG  . ARG B 1 26 ? -7.478  -1.354  -29.562 1.00 27.20 ? 594 ARG B CG  1 
ATOM   959  C CD  . ARG B 1 26 ? -7.236  -0.561  -30.843 1.00 34.71 ? 594 ARG B CD  1 
ATOM   960  N NE  . ARG B 1 26 ? -8.437  -0.459  -31.667 1.00 50.28 ? 594 ARG B NE  1 
ATOM   961  C CZ  . ARG B 1 26 ? -8.641  -1.165  -32.774 1.00 53.35 ? 594 ARG B CZ  1 
ATOM   962  N NH1 . ARG B 1 26 ? -7.716  -2.020  -33.194 1.00 49.31 ? 594 ARG B NH1 1 
ATOM   963  N NH2 . ARG B 1 26 ? -9.762  -1.015  -33.465 1.00 49.28 ? 594 ARG B NH2 1 
ATOM   964  N N   . SER B 1 27 ? -9.799  0.431   -25.964 1.00 19.27 ? 595 SER B N   1 
ATOM   965  C CA  . SER B 1 27 ? -10.045 1.404   -24.906 1.00 23.16 ? 595 SER B CA  1 
ATOM   966  C C   . SER B 1 27 ? -9.886  0.766   -23.531 1.00 29.15 ? 595 SER B C   1 
ATOM   967  O O   . SER B 1 27 ? -9.331  1.380   -22.611 1.00 21.66 ? 595 SER B O   1 
ATOM   968  C CB  . SER B 1 27 ? -11.439 2.007   -25.067 1.00 24.37 ? 595 SER B CB  1 
ATOM   969  O OG  . SER B 1 27 ? -11.676 3.018   -24.105 1.00 36.16 ? 595 SER B OG  1 
ATOM   970  N N   . GLN B 1 28 ? -10.363 -0.471  -23.375 1.00 20.88 ? 596 GLN B N   1 
ATOM   971  C CA  . GLN B 1 28 ? -10.227 -1.163  -22.098 1.00 21.10 ? 596 GLN B CA  1 
ATOM   972  C C   . GLN B 1 28 ? -8.763  -1.416  -21.757 1.00 23.85 ? 596 GLN B C   1 
ATOM   973  O O   . GLN B 1 28 ? -8.357  -1.276  -20.596 1.00 22.89 ? 596 GLN B O   1 
ATOM   974  C CB  . GLN B 1 28 ? -11.015 -2.473  -22.133 1.00 25.23 ? 596 GLN B CB  1 
ATOM   975  C CG  . GLN B 1 28 ? -11.059 -3.208  -20.805 1.00 33.23 ? 596 GLN B CG  1 
ATOM   976  C CD  . GLN B 1 28 ? -11.976 -4.416  -20.837 1.00 48.24 ? 596 GLN B CD  1 
ATOM   977  O OE1 . GLN B 1 28 ? -12.410 -4.854  -21.904 1.00 27.60 ? 596 GLN B OE1 1 
ATOM   978  N NE2 . GLN B 1 28 ? -12.281 -4.959  -19.663 1.00 38.81 ? 596 GLN B NE2 1 
ATOM   979  N N   . VAL B 1 29 ? -7.954  -1.790  -22.751 1.00 17.75 ? 597 VAL B N   1 
ATOM   980  C CA  . VAL B 1 29 ? -6.526  -1.994  -22.514 1.00 14.98 ? 597 VAL B CA  1 
ATOM   981  C C   . VAL B 1 29 ? -5.893  -0.721  -21.963 1.00 25.86 ? 597 VAL B C   1 
ATOM   982  O O   . VAL B 1 29 ? -5.134  -0.751  -20.987 1.00 21.77 ? 597 VAL B O   1 
ATOM   983  C CB  . VAL B 1 29 ? -5.828  -2.451  -23.808 1.00 25.37 ? 597 VAL B CB  1 
ATOM   984  C CG1 . VAL B 1 29 ? -4.319  -2.349  -23.656 1.00 25.77 ? 597 VAL B CG1 1 
ATOM   985  C CG2 . VAL B 1 29 ? -6.239  -3.874  -24.163 1.00 19.04 ? 597 VAL B CG2 1 
ATOM   986  N N   . GLN B 1 30 ? -6.196  0.415   -22.592 1.00 20.46 ? 598 GLN B N   1 
ATOM   987  C CA  . GLN B 1 30 ? -5.647  1.692   -22.145 1.00 19.51 ? 598 GLN B CA  1 
ATOM   988  C C   . GLN B 1 30 ? -6.077  2.007   -20.715 1.00 20.91 ? 598 GLN B C   1 
ATOM   989  O O   . GLN B 1 30 ? -5.260  2.436   -19.889 1.00 19.27 ? 598 GLN B O   1 
ATOM   990  C CB  . GLN B 1 30 ? -6.090  2.794   -23.110 1.00 26.53 ? 598 GLN B CB  1 
ATOM   991  C CG  . GLN B 1 30 ? -5.202  4.016   -23.138 1.00 50.84 ? 598 GLN B CG  1 
ATOM   992  C CD  . GLN B 1 30 ? -5.411  4.835   -24.399 1.00 78.16 ? 598 GLN B CD  1 
ATOM   993  O OE1 . GLN B 1 30 ? -5.987  4.354   -25.377 1.00 76.48 ? 598 GLN B OE1 1 
ATOM   994  N NE2 . GLN B 1 30 ? -4.945  6.077   -24.383 1.00 56.48 ? 598 GLN B NE2 1 
ATOM   995  N N   . SER B 1 31 ? -7.356  1.794   -20.398 1.00 18.82 ? 599 SER B N   1 
ATOM   996  C CA  A SER B 1 31 ? -7.838  2.075   -19.049 0.49 19.93 ? 599 SER B CA  1 
ATOM   997  C CA  B SER B 1 31 ? -7.833  2.078   -19.049 0.51 19.93 ? 599 SER B CA  1 
ATOM   998  C C   . SER B 1 31 ? -7.169  1.171   -18.019 1.00 25.86 ? 599 SER B C   1 
ATOM   999  O O   . SER B 1 31 ? -6.832  1.620   -16.915 1.00 20.18 ? 599 SER B O   1 
ATOM   1000 C CB  A SER B 1 31 ? -9.357  1.920   -18.994 0.49 21.09 ? 599 SER B CB  1 
ATOM   1001 C CB  B SER B 1 31 ? -9.353  1.938   -18.986 0.51 21.07 ? 599 SER B CB  1 
ATOM   1002 O OG  A SER B 1 31 ? -9.746  0.615   -19.384 0.49 29.87 ? 599 SER B OG  1 
ATOM   1003 O OG  B SER B 1 31 ? -9.986  2.879   -19.836 0.51 24.82 ? 599 SER B OG  1 
ATOM   1004 N N   . LEU B 1 32 ? -6.979  -0.109  -18.356 1.00 18.88 ? 600 LEU B N   1 
ATOM   1005 C CA  . LEU B 1 32 ? -6.352  -1.039  -17.418 1.00 17.52 ? 600 LEU B CA  1 
ATOM   1006 C C   . LEU B 1 32 ? -4.883  -0.708  -17.208 1.00 14.99 ? 600 LEU B C   1 
ATOM   1007 O O   . LEU B 1 32 ? -4.378  -0.795  -16.084 1.00 18.06 ? 600 LEU B O   1 
ATOM   1008 C CB  . LEU B 1 32 ? -6.512  -2.475  -17.917 1.00 15.79 ? 600 LEU B CB  1 
ATOM   1009 C CG  . LEU B 1 32 ? -7.901  -3.090  -17.758 1.00 19.98 ? 600 LEU B CG  1 
ATOM   1010 C CD1 . LEU B 1 32 ? -8.030  -4.330  -18.629 1.00 21.81 ? 600 LEU B CD1 1 
ATOM   1011 C CD2 . LEU B 1 32 ? -8.164  -3.430  -16.298 1.00 18.61 ? 600 LEU B CD2 1 
ATOM   1012 N N   . GLU B 1 33 ? -4.175  -0.334  -18.276 1.00 15.59 ? 601 GLU B N   1 
ATOM   1013 C CA  . GLU B 1 33 ? -2.794  0.100   -18.112 1.00 17.28 ? 601 GLU B CA  1 
ATOM   1014 C C   . GLU B 1 33 ? -2.713  1.289   -17.162 1.00 21.36 ? 601 GLU B C   1 
ATOM   1015 O O   . GLU B 1 33 ? -1.816  1.358   -16.312 1.00 17.71 ? 601 GLU B O   1 
ATOM   1016 C CB  . GLU B 1 33 ? -2.192  0.445   -19.474 1.00 21.45 ? 601 GLU B CB  1 
ATOM   1017 C CG  . GLU B 1 33 ? -2.028  -0.761  -20.395 1.00 20.85 ? 601 GLU B CG  1 
ATOM   1018 C CD  . GLU B 1 33 ? -1.630  -0.373  -21.808 1.00 22.73 ? 601 GLU B CD  1 
ATOM   1019 O OE1 . GLU B 1 33 ? -1.997  0.737   -22.249 1.00 34.70 ? 601 GLU B OE1 1 
ATOM   1020 O OE2 . GLU B 1 33 ? -0.952  -1.180  -22.481 1.00 37.60 ? 601 GLU B OE2 1 
ATOM   1021 N N   . GLN B 1 34 ? -3.651  2.232   -17.285 1.00 18.03 ? 602 GLN B N   1 
ATOM   1022 C CA  . GLN B 1 34 ? -3.690  3.365   -16.365 1.00 15.74 ? 602 GLN B CA  1 
ATOM   1023 C C   . GLN B 1 34 ? -3.962  2.905   -14.936 1.00 18.47 ? 602 GLN B C   1 
ATOM   1024 O O   . GLN B 1 34 ? -3.345  3.405   -13.987 1.00 19.29 ? 602 GLN B O   1 
ATOM   1025 C CB  . GLN B 1 34 ? -4.750  4.369   -16.819 1.00 25.76 ? 602 GLN B CB  1 
ATOM   1026 C CG  . GLN B 1 34 ? -5.058  5.458   -15.799 1.00 35.12 ? 602 GLN B CG  1 
ATOM   1027 C CD  . GLN B 1 34 ? -6.128  6.422   -16.279 1.00 46.53 ? 602 GLN B CD  1 
ATOM   1028 O OE1 . GLN B 1 34 ? -7.283  6.346   -15.860 1.00 40.69 ? 602 GLN B OE1 1 
ATOM   1029 N NE2 . GLN B 1 34 ? -5.744  7.339   -17.160 1.00 45.32 ? 602 GLN B NE2 1 
ATOM   1030 N N   . GLU B 1 35 ? -4.892  1.961   -14.758 1.00 17.90 ? 603 GLU B N   1 
ATOM   1031 C CA  . GLU B 1 35 ? -5.191  1.480   -13.411 1.00 18.38 ? 603 GLU B CA  1 
ATOM   1032 C C   . GLU B 1 35 ? -3.973  0.825   -12.778 1.00 16.48 ? 603 GLU B C   1 
ATOM   1033 O O   . GLU B 1 35 ? -3.695  1.030   -11.590 1.00 17.45 ? 603 GLU B O   1 
ATOM   1034 C CB  . GLU B 1 35 ? -6.366  0.503   -13.436 1.00 20.88 ? 603 GLU B CB  1 
ATOM   1035 C CG  . GLU B 1 35 ? -7.705  1.162   -13.708 1.00 28.42 ? 603 GLU B CG  1 
ATOM   1036 C CD  . GLU B 1 35 ? -8.880  0.257   -13.394 1.00 53.65 ? 603 GLU B CD  1 
ATOM   1037 O OE1 . GLU B 1 35 ? -8.651  -0.886  -12.943 1.00 52.08 ? 603 GLU B OE1 1 
ATOM   1038 O OE2 . GLU B 1 35 ? -10.035 0.690   -13.597 1.00 66.28 ? 603 GLU B OE2 1 
ATOM   1039 N N   . VAL B 1 36 ? -3.240  0.022   -13.553 1.00 18.19 ? 604 VAL B N   1 
ATOM   1040 C CA  . VAL B 1 36 ? -2.020  -0.595  -13.040 1.00 14.40 ? 604 VAL B CA  1 
ATOM   1041 C C   . VAL B 1 36 ? -1.030  0.477   -12.603 1.00 17.65 ? 604 VAL B C   1 
ATOM   1042 O O   . VAL B 1 36 ? -0.465  0.416   -11.504 1.00 17.67 ? 604 VAL B O   1 
ATOM   1043 C CB  . VAL B 1 36 ? -1.401  -1.527  -14.095 1.00 14.60 ? 604 VAL B CB  1 
ATOM   1044 C CG1 . VAL B 1 36 ? -0.022  -1.986  -13.639 1.00 19.23 ? 604 VAL B CG1 1 
ATOM   1045 C CG2 . VAL B 1 36 ? -2.308  -2.720  -14.345 1.00 18.44 ? 604 VAL B CG2 1 
ATOM   1046 N N   . ALA B 1 37 ? -0.800  1.473   -13.461 1.00 19.78 ? 605 ALA B N   1 
ATOM   1047 C CA  . ALA B 1 37 ? 0.162   2.521   -13.129 1.00 18.48 ? 605 ALA B CA  1 
ATOM   1048 C C   . ALA B 1 37 ? -0.243  3.255   -11.857 1.00 18.13 ? 605 ALA B C   1 
ATOM   1049 O O   . ALA B 1 37 ? 0.597   3.518   -10.986 1.00 16.57 ? 605 ALA B O   1 
ATOM   1050 C CB  . ALA B 1 37 ? 0.296   3.502   -14.294 1.00 17.11 ? 605 ALA B CB  1 
ATOM   1051 N N   . GLN B 1 38 ? -1.527  3.595   -11.729 1.00 13.30 ? 606 GLN B N   1 
ATOM   1052 C CA  . GLN B 1 38 ? -1.987  4.285   -10.528 1.00 14.41 ? 606 GLN B CA  1 
ATOM   1053 C C   . GLN B 1 38 ? -1.821  3.414   -9.288  1.00 16.38 ? 606 GLN B C   1 
ATOM   1054 O O   . GLN B 1 38 ? -1.393  3.898   -8.235  1.00 16.05 ? 606 GLN B O   1 
ATOM   1055 C CB  . GLN B 1 38 ? -3.446  4.711   -10.695 1.00 19.43 ? 606 GLN B CB  1 
ATOM   1056 C CG  . GLN B 1 38 ? -3.653  5.758   -11.782 1.00 19.95 ? 606 GLN B CG  1 
ATOM   1057 C CD  . GLN B 1 38 ? -5.121  6.007   -12.086 1.00 43.10 ? 606 GLN B CD  1 
ATOM   1058 O OE1 . GLN B 1 38 ? -5.997  5.283   -11.613 1.00 34.39 ? 606 GLN B OE1 1 
ATOM   1059 N NE2 . GLN B 1 38 ? -5.394  7.037   -12.880 1.00 35.38 ? 606 GLN B NE2 1 
ATOM   1060 N N   . GLU B 1 39 ? -2.153  2.124   -9.393  1.00 16.14 ? 607 GLU B N   1 
ATOM   1061 C CA  . GLU B 1 39 ? -2.038  1.240   -8.239  1.00 12.29 ? 607 GLU B CA  1 
ATOM   1062 C C   . GLU B 1 39 ? -0.581  1.011   -7.859  1.00 14.29 ? 607 GLU B C   1 
ATOM   1063 O O   . GLU B 1 39 ? -0.273  0.820   -6.677  1.00 17.00 ? 607 GLU B O   1 
ATOM   1064 C CB  . GLU B 1 39 ? -2.726  -0.093  -8.521  1.00 14.15 ? 607 GLU B CB  1 
ATOM   1065 C CG  . GLU B 1 39 ? -3.074  -0.866  -7.258  1.00 17.31 ? 607 GLU B CG  1 
ATOM   1066 C CD  . GLU B 1 39 ? -4.023  -0.099  -6.357  1.00 23.28 ? 607 GLU B CD  1 
ATOM   1067 O OE1 . GLU B 1 39 ? -4.866  0.666   -6.880  1.00 20.94 ? 607 GLU B OE1 1 
ATOM   1068 O OE2 . GLU B 1 39 ? -3.918  -0.251  -5.123  1.00 20.99 ? 607 GLU B OE2 1 
ATOM   1069 N N   . GLU B 1 40 ? 0.324   1.023   -8.842  1.00 13.33 ? 608 GLU B N   1 
ATOM   1070 C CA  . GLU B 1 40 ? 1.747   0.921   -8.532  1.00 16.38 ? 608 GLU B CA  1 
ATOM   1071 C C   . GLU B 1 40 ? 2.224   2.143   -7.757  1.00 14.32 ? 608 GLU B C   1 
ATOM   1072 O O   . GLU B 1 40 ? 3.041   2.027   -6.836  1.00 16.83 ? 608 GLU B O   1 
ATOM   1073 C CB  . GLU B 1 40 ? 2.554   0.744   -9.819  1.00 17.30 ? 608 GLU B CB  1 
ATOM   1074 C CG  . GLU B 1 40 ? 2.333   -0.614  -10.487 1.00 17.70 ? 608 GLU B CG  1 
ATOM   1075 C CD  . GLU B 1 40 ? 3.049   -0.748  -11.818 1.00 33.29 ? 608 GLU B CD  1 
ATOM   1076 O OE1 . GLU B 1 40 ? 3.098   0.245   -12.574 1.00 25.97 ? 608 GLU B OE1 1 
ATOM   1077 O OE2 . GLU B 1 40 ? 3.565   -1.849  -12.104 1.00 35.51 ? 608 GLU B OE2 1 
ATOM   1078 N N   . GLY B 1 41 ? 1.720   3.324   -8.109  1.00 17.19 ? 609 GLY B N   1 
ATOM   1079 C CA  . GLY B 1 41 ? 2.029   4.500   -7.314  1.00 12.92 ? 609 GLY B CA  1 
ATOM   1080 C C   . GLY B 1 41 ? 1.528   4.380   -5.888  1.00 14.01 ? 609 GLY B C   1 
ATOM   1081 O O   . GLY B 1 41 ? 2.205   4.795   -4.945  1.00 14.02 ? 609 GLY B O   1 
ATOM   1082 N N   . THR B 1 42 ? 0.333   3.819   -5.712  1.00 15.07 ? 610 THR B N   1 
ATOM   1083 C CA  . THR B 1 42 ? -0.205  3.624   -4.370  1.00 13.61 ? 610 THR B CA  1 
ATOM   1084 C C   . THR B 1 42 ? 0.668   2.668   -3.561  1.00 14.67 ? 610 THR B C   1 
ATOM   1085 O O   . THR B 1 42 ? 1.031   2.961   -2.415  1.00 13.81 ? 610 THR B O   1 
ATOM   1086 C CB  . THR B 1 42 ? -1.644  3.106   -4.458  1.00 12.56 ? 610 THR B CB  1 
ATOM   1087 O OG1 . THR B 1 42 ? -2.482  4.098   -5.073  1.00 13.60 ? 610 THR B OG1 1 
ATOM   1088 C CG2 . THR B 1 42 ? -2.179  2.768   -3.070  1.00 13.10 ? 610 THR B CG2 1 
ATOM   1089 N N   . SER B 1 43 ? 1.023   1.519   -4.145  1.00 11.34 ? 611 SER B N   1 
ATOM   1090 C CA  A SER B 1 43 ? 1.839   0.550   -3.421  0.50 14.65 ? 611 SER B CA  1 
ATOM   1091 C CA  B SER B 1 43 ? 1.841   0.550   -3.423  0.50 14.65 ? 611 SER B CA  1 
ATOM   1092 C C   . SER B 1 43 ? 3.207   1.128   -3.080  1.00 17.94 ? 611 SER B C   1 
ATOM   1093 O O   . SER B 1 43 ? 3.732   0.890   -1.986  1.00 16.19 ? 611 SER B O   1 
ATOM   1094 C CB  A SER B 1 43 ? 1.987   -0.736  -4.237  0.50 14.22 ? 611 SER B CB  1 
ATOM   1095 C CB  B SER B 1 43 ? 1.992   -0.733  -4.241  0.50 14.21 ? 611 SER B CB  1 
ATOM   1096 O OG  A SER B 1 43 ? 2.669   -0.505  -5.457  0.50 17.43 ? 611 SER B OG  1 
ATOM   1097 O OG  B SER B 1 43 ? 0.757   -1.422  -4.336  0.50 16.21 ? 611 SER B OG  1 
ATOM   1098 N N   . GLN B 1 44 ? 3.803   1.892   -3.999  1.00 14.25 ? 612 GLN B N   1 
ATOM   1099 C CA  . GLN B 1 44 ? 5.104   2.475   -3.684  1.00 13.13 ? 612 GLN B CA  1 
ATOM   1100 C C   . GLN B 1 44 ? 4.988   3.499   -2.562  1.00 15.94 ? 612 GLN B C   1 
ATOM   1101 O O   . GLN B 1 44 ? 5.854   3.563   -1.683  1.00 16.84 ? 612 GLN B O   1 
ATOM   1102 C CB  . GLN B 1 44 ? 5.738   3.107   -4.922  1.00 16.67 ? 612 GLN B CB  1 
ATOM   1103 C CG  . GLN B 1 44 ? 7.156   3.629   -4.654  1.00 20.66 ? 612 GLN B CG  1 
ATOM   1104 C CD  . GLN B 1 44 ? 8.023   2.621   -3.895  1.00 57.58 ? 612 GLN B CD  1 
ATOM   1105 O OE1 . GLN B 1 44 ? 8.030   1.429   -4.209  1.00 49.90 ? 612 GLN B OE1 1 
ATOM   1106 N NE2 . GLN B 1 44 ? 8.748   3.100   -2.884  1.00 28.74 ? 612 GLN B NE2 1 
ATOM   1107 N N   . ALA B 1 45 ? 3.924   4.307   -2.571  1.00 14.02 ? 613 ALA B N   1 
ATOM   1108 C CA  . ALA B 1 45 ? 3.734   5.265   -1.485  1.00 13.70 ? 613 ALA B CA  1 
ATOM   1109 C C   . ALA B 1 45 ? 3.548   4.552   -0.151  1.00 18.43 ? 613 ALA B C   1 
ATOM   1110 O O   . ALA B 1 45 ? 4.050   5.008   0.882   1.00 14.45 ? 613 ALA B O   1 
ATOM   1111 C CB  . ALA B 1 45 ? 2.537   6.171   -1.780  1.00 18.39 ? 613 ALA B CB  1 
ATOM   1112 N N   . LEU B 1 46 ? 2.823   3.431   -0.151  1.00 13.66 ? 614 LEU B N   1 
ATOM   1113 C CA  . LEU B 1 46 ? 2.642   2.675   1.085   1.00 14.09 ? 614 LEU B CA  1 
ATOM   1114 C C   . LEU B 1 46 ? 3.963   2.100   1.584   1.00 17.48 ? 614 LEU B C   1 
ATOM   1115 O O   . LEU B 1 46 ? 4.216   2.083   2.792   1.00 13.62 ? 614 LEU B O   1 
ATOM   1116 C CB  . LEU B 1 46 ? 1.616   1.564   0.873   1.00 14.92 ? 614 LEU B CB  1 
ATOM   1117 C CG  . LEU B 1 46 ? 0.158   2.016   0.779   1.00 11.76 ? 614 LEU B CG  1 
ATOM   1118 C CD1 . LEU B 1 46 ? -0.686  0.971   0.059   1.00 16.31 ? 614 LEU B CD1 1 
ATOM   1119 C CD2 . LEU B 1 46 ? -0.414  2.303   2.167   1.00 13.25 ? 614 LEU B CD2 1 
ATOM   1120 N N   . ARG B 1 47 ? 4.812   1.615   0.672   1.00 13.25 ? 615 ARG B N   1 
ATOM   1121 C CA  . ARG B 1 47 ? 6.109   1.086   1.088   1.00 15.01 ? 615 ARG B CA  1 
ATOM   1122 C C   . ARG B 1 47 ? 6.975   2.181   1.697   1.00 17.63 ? 615 ARG B C   1 
ATOM   1123 O O   . ARG B 1 47 ? 7.682   1.948   2.685   1.00 15.64 ? 615 ARG B O   1 
ATOM   1124 C CB  . ARG B 1 47 ? 6.827   0.435   -0.097  1.00 14.41 ? 615 ARG B CB  1 
ATOM   1125 C CG  . ARG B 1 47 ? 6.385   -0.993  -0.392  1.00 12.65 ? 615 ARG B CG  1 
ATOM   1126 C CD  . ARG B 1 47 ? 7.236   -1.624  -1.496  1.00 15.45 ? 615 ARG B CD  1 
ATOM   1127 N NE  . ARG B 1 47 ? 6.973   -1.023  -2.803  1.00 20.32 ? 615 ARG B NE  1 
ATOM   1128 C CZ  . ARG B 1 47 ? 6.109   -1.507  -3.688  1.00 19.31 ? 615 ARG B CZ  1 
ATOM   1129 N NH1 . ARG B 1 47 ? 5.424   -2.607  -3.414  1.00 23.17 ? 615 ARG B NH1 1 
ATOM   1130 N NH2 . ARG B 1 47 ? 5.934   -0.891  -4.851  1.00 26.28 ? 615 ARG B NH2 1 
ATOM   1131 N N   . GLU B 1 48 ? 6.929   3.386   1.129   1.00 14.28 ? 616 GLU B N   1 
ATOM   1132 C CA  . GLU B 1 48 ? 7.746   4.470   1.666   1.00 14.81 ? 616 GLU B CA  1 
ATOM   1133 C C   . GLU B 1 48 ? 7.246   4.918   3.035   1.00 15.25 ? 616 GLU B C   1 
ATOM   1134 O O   . GLU B 1 48 ? 8.049   5.201   3.930   1.00 16.79 ? 616 GLU B O   1 
ATOM   1135 C CB  . GLU B 1 48 ? 7.777   5.643   0.690   1.00 12.84 ? 616 GLU B CB  1 
ATOM   1136 C CG  . GLU B 1 48 ? 8.683   5.407   -0.504  1.00 16.49 ? 616 GLU B CG  1 
ATOM   1137 C CD  . GLU B 1 48 ? 8.744   6.600   -1.437  1.00 40.75 ? 616 GLU B CD  1 
ATOM   1138 O OE1 . GLU B 1 48 ? 8.155   7.649   -1.104  1.00 34.74 ? 616 GLU B OE1 1 
ATOM   1139 O OE2 . GLU B 1 48 ? 9.382   6.489   -2.506  1.00 55.91 ? 616 GLU B OE2 1 
ATOM   1140 N N   . GLU B 1 49 ? 5.928   4.993   3.219   1.00 14.38 ? 617 GLU B N   1 
ATOM   1141 C CA  . GLU B 1 49 ? 5.407   5.336   4.538   1.00 14.95 ? 617 GLU B CA  1 
ATOM   1142 C C   . GLU B 1 49 ? 5.739   4.254   5.558   1.00 14.16 ? 617 GLU B C   1 
ATOM   1143 O O   . GLU B 1 49 ? 6.001   4.563   6.729   1.00 17.66 ? 617 GLU B O   1 
ATOM   1144 C CB  . GLU B 1 49 ? 3.896   5.563   4.463   1.00 15.95 ? 617 GLU B CB  1 
ATOM   1145 C CG  . GLU B 1 49 ? 3.281   6.105   5.749   1.00 19.02 ? 617 GLU B CG  1 
ATOM   1146 C CD  . GLU B 1 49 ? 3.762   7.507   6.096   1.00 17.27 ? 617 GLU B CD  1 
ATOM   1147 O OE1 . GLU B 1 49 ? 4.227   8.227   5.187   1.00 22.82 ? 617 GLU B OE1 1 
ATOM   1148 O OE2 . GLU B 1 49 ? 3.679   7.889   7.283   1.00 21.27 ? 617 GLU B OE2 1 
ATOM   1149 N N   . ALA B 1 50 ? 5.741   2.986   5.136   1.00 13.50 ? 618 ALA B N   1 
ATOM   1150 C CA  . ALA B 1 50 ? 6.112   1.909   6.050   1.00 16.96 ? 618 ALA B CA  1 
ATOM   1151 C C   . ALA B 1 50 ? 7.556   2.055   6.516   1.00 16.90 ? 618 ALA B C   1 
ATOM   1152 O O   . ALA B 1 50 ? 7.872   1.769   7.678   1.00 15.35 ? 618 ALA B O   1 
ATOM   1153 C CB  . ALA B 1 50 ? 5.898   0.551   5.377   1.00 13.93 ? 618 ALA B CB  1 
ATOM   1154 N N   . GLN B 1 51 ? 8.451   2.488   5.624   1.00 12.77 ? 619 GLN B N   1 
ATOM   1155 C CA  . GLN B 1 51 ? 9.844   2.697   6.012   1.00 23.13 ? 619 GLN B CA  1 
ATOM   1156 C C   . GLN B 1 51 ? 9.960   3.786   7.071   1.00 20.97 ? 619 GLN B C   1 
ATOM   1157 O O   . GLN B 1 51 ? 10.667  3.625   8.073   1.00 17.97 ? 619 GLN B O   1 
ATOM   1158 C CB  . GLN B 1 51 ? 10.689  3.055   4.790   1.00 16.50 ? 619 GLN B CB  1 
ATOM   1159 C CG  . GLN B 1 51 ? 10.994  1.892   3.870   1.00 28.19 ? 619 GLN B CG  1 
ATOM   1160 C CD  . GLN B 1 51 ? 11.987  2.268   2.786   1.00 37.89 ? 619 GLN B CD  1 
ATOM   1161 O OE1 . GLN B 1 51 ? 12.516  3.380   2.773   1.00 54.44 ? 619 GLN B OE1 1 
ATOM   1162 N NE2 . GLN B 1 51 ? 12.245  1.343   1.871   1.00 61.50 ? 619 GLN B NE2 1 
ATOM   1163 N N   . ARG B 1 52 ? 9.273   4.911   6.864   1.00 17.73 ? 620 ARG B N   1 
ATOM   1164 C CA  . ARG B 1 52 ? 9.322   5.988   7.847   1.00 21.52 ? 620 ARG B CA  1 
ATOM   1165 C C   . ARG B 1 52 ? 8.766   5.535   9.188   1.00 17.31 ? 620 ARG B C   1 
ATOM   1166 O O   . ARG B 1 52 ? 9.318   5.868   10.246  1.00 20.54 ? 620 ARG B O   1 
ATOM   1167 C CB  . ARG B 1 52 ? 8.554   7.205   7.339   1.00 16.55 ? 620 ARG B CB  1 
ATOM   1168 C CG  . ARG B 1 52 ? 9.313   8.021   6.312   1.00 23.69 ? 620 ARG B CG  1 
ATOM   1169 C CD  . ARG B 1 52 ? 8.577   9.305   5.984   1.00 27.53 ? 620 ARG B CD  1 
ATOM   1170 N NE  . ARG B 1 52 ? 7.404   9.069   5.152   1.00 30.64 ? 620 ARG B NE  1 
ATOM   1171 C CZ  . ARG B 1 52 ? 7.430   9.061   3.824   1.00 29.98 ? 620 ARG B CZ  1 
ATOM   1172 N NH1 . ARG B 1 52 ? 8.570   9.279   3.184   1.00 30.08 ? 620 ARG B NH1 1 
ATOM   1173 N NH2 . ARG B 1 52 ? 6.318   8.838   3.136   1.00 29.19 ? 620 ARG B NH2 1 
ATOM   1174 N N   . ARG B 1 53 ? 7.673   4.778   9.172   1.00 15.02 ? 621 ARG B N   1 
ATOM   1175 C CA  . ARG B 1 53 ? 7.084   4.362   10.436  1.00 17.78 ? 621 ARG B CA  1 
ATOM   1176 C C   . ARG B 1 53 ? 7.886   3.247   11.097  1.00 14.61 ? 621 ARG B C   1 
ATOM   1177 O O   . ARG B 1 53 ? 7.939   3.181   12.329  1.00 20.47 ? 621 ARG B O   1 
ATOM   1178 C CB  . ARG B 1 53 ? 5.623   3.970   10.224  1.00 16.12 ? 621 ARG B CB  1 
ATOM   1179 C CG  . ARG B 1 53 ? 4.749   5.216   10.136  1.00 24.29 ? 621 ARG B CG  1 
ATOM   1180 C CD  . ARG B 1 53 ? 3.353   4.982   9.595   1.00 22.86 ? 621 ARG B CD  1 
ATOM   1181 N NE  . ARG B 1 53 ? 2.728   6.268   9.298   1.00 36.40 ? 621 ARG B NE  1 
ATOM   1182 C CZ  . ARG B 1 53 ? 1.954   6.943   10.143  1.00 27.64 ? 621 ARG B CZ  1 
ATOM   1183 N NH1 . ARG B 1 53 ? 1.684   6.445   11.339  1.00 26.88 ? 621 ARG B NH1 1 
ATOM   1184 N NH2 . ARG B 1 53 ? 1.443   8.112   9.785   1.00 32.44 ? 621 ARG B NH2 1 
ATOM   1185 N N   . ASP B 1 54 ? 8.544   2.392   10.313  1.00 15.62 ? 622 ASP B N   1 
ATOM   1186 C CA  . ASP B 1 54 ? 9.482   1.443   10.910  1.00 15.99 ? 622 ASP B CA  1 
ATOM   1187 C C   . ASP B 1 54 ? 10.629  2.172   11.596  1.00 20.18 ? 622 ASP B C   1 
ATOM   1188 O O   . ASP B 1 54 ? 11.095  1.752   12.662  1.00 18.98 ? 622 ASP B O   1 
ATOM   1189 C CB  . ASP B 1 54 ? 10.015  0.478   9.851   1.00 19.85 ? 622 ASP B CB  1 
ATOM   1190 C CG  . ASP B 1 54 ? 9.123   -0.732  9.658   1.00 24.05 ? 622 ASP B CG  1 
ATOM   1191 O OD1 . ASP B 1 54 ? 8.193   -0.927  10.472  1.00 25.09 ? 622 ASP B OD1 1 
ATOM   1192 O OD2 . ASP B 1 54 ? 9.353   -1.490  8.692   1.00 27.90 ? 622 ASP B OD2 1 
ATOM   1193 N N   . SER B 1 55 ? 11.098  3.271   11.004  1.00 14.65 ? 623 SER B N   1 
ATOM   1194 C CA  . SER B 1 55 ? 12.122  4.069   11.672  1.00 17.51 ? 623 SER B CA  1 
ATOM   1195 C C   . SER B 1 55 ? 11.577  4.699   12.947  1.00 17.49 ? 623 SER B C   1 
ATOM   1196 O O   . SER B 1 55 ? 12.281  4.773   13.964  1.00 17.77 ? 623 SER B O   1 
ATOM   1197 C CB  . SER B 1 55 ? 12.654  5.144   10.728  1.00 22.51 ? 623 SER B CB  1 
ATOM   1198 O OG  . SER B 1 55 ? 13.714  5.867   11.332  1.00 28.27 ? 623 SER B OG  1 
ATOM   1199 N N   . ALA B 1 56 ? 10.327  5.168   12.912  1.00 16.67 ? 624 ALA B N   1 
ATOM   1200 C CA  . ALA B 1 56 ? 9.706   5.704   14.120  1.00 18.01 ? 624 ALA B CA  1 
ATOM   1201 C C   . ALA B 1 56 ? 9.577   4.630   15.194  1.00 20.34 ? 624 ALA B C   1 
ATOM   1202 O O   . ALA B 1 56 ? 9.816   4.893   16.380  1.00 19.84 ? 624 ALA B O   1 
ATOM   1203 C CB  . ALA B 1 56 ? 8.339   6.303   13.787  1.00 17.57 ? 624 ALA B CB  1 
ATOM   1204 N N   . LEU B 1 57 ? 9.194   3.411   14.802  1.00 15.80 ? 625 LEU B N   1 
ATOM   1205 C CA  . LEU B 1 57 ? 9.162   2.302   15.752  1.00 17.52 ? 625 LEU B CA  1 
ATOM   1206 C C   . LEU B 1 57 ? 10.521  2.114   16.412  1.00 16.50 ? 625 LEU B C   1 
ATOM   1207 O O   . LEU B 1 57 ? 10.622  2.009   17.639  1.00 18.04 ? 625 LEU B O   1 
ATOM   1208 C CB  . LEU B 1 57 ? 8.735   1.012   15.047  1.00 17.90 ? 625 LEU B CB  1 
ATOM   1209 C CG  . LEU B 1 57 ? 7.243   0.721   14.890  1.00 26.97 ? 625 LEU B CG  1 
ATOM   1210 C CD1 . LEU B 1 57 ? 7.034   -0.474  13.974  1.00 29.22 ? 625 LEU B CD1 1 
ATOM   1211 C CD2 . LEU B 1 57 ? 6.613   0.467   16.246  1.00 31.51 ? 625 LEU B CD2 1 
ATOM   1212 N N   . GLN B 1 58 ? 11.580  2.062   15.601  1.00 17.62 ? 626 GLN B N   1 
ATOM   1213 C CA  . GLN B 1 58 ? 12.932  1.915   16.129  1.00 17.77 ? 626 GLN B CA  1 
ATOM   1214 C C   . GLN B 1 58 ? 13.237  2.988   17.166  1.00 17.28 ? 626 GLN B C   1 
ATOM   1215 O O   . GLN B 1 58 ? 13.753  2.691   18.250  1.00 17.66 ? 626 GLN B O   1 
ATOM   1216 C CB  . GLN B 1 58 ? 13.942  1.978   14.979  1.00 22.84 ? 626 GLN B CB  1 
ATOM   1217 C CG  . GLN B 1 58 ? 15.396  1.939   15.425  1.00 20.04 ? 626 GLN B CG  1 
ATOM   1218 C CD  . GLN B 1 58 ? 15.757  0.615   16.060  1.00 31.94 ? 626 GLN B CD  1 
ATOM   1219 O OE1 . GLN B 1 58 ? 15.340  -0.446  15.590  1.00 27.68 ? 626 GLN B OE1 1 
ATOM   1220 N NE2 . GLN B 1 58 ? 16.525  0.667   17.142  1.00 24.73 ? 626 GLN B NE2 1 
ATOM   1221 N N   . GLN B 1 59 ? 12.917  4.246   16.851  1.00 17.72 ? 627 GLN B N   1 
ATOM   1222 C CA  . GLN B 1 59 ? 13.251  5.348   17.751  1.00 21.38 ? 627 GLN B CA  1 
ATOM   1223 C C   . GLN B 1 59 ? 12.454  5.277   19.047  1.00 18.58 ? 627 GLN B C   1 
ATOM   1224 O O   . GLN B 1 59 ? 12.966  5.628   20.119  1.00 17.79 ? 627 GLN B O   1 
ATOM   1225 C CB  . GLN B 1 59 ? 13.005  6.684   17.052  1.00 21.94 ? 627 GLN B CB  1 
ATOM   1226 C CG  . GLN B 1 59 ? 13.880  6.925   15.834  1.00 33.26 ? 627 GLN B CG  1 
ATOM   1227 C CD  . GLN B 1 59 ? 13.585  8.258   15.173  1.00 57.34 ? 627 GLN B CD  1 
ATOM   1228 O OE1 . GLN B 1 59 ? 12.485  8.796   15.301  1.00 55.71 ? 627 GLN B OE1 1 
ATOM   1229 N NE2 . GLN B 1 59 ? 14.571  8.803   14.467  1.00 63.52 ? 627 GLN B NE2 1 
ATOM   1230 N N   . LEU B 1 60 ? 11.196  4.844   18.972  1.00 15.79 ? 628 LEU B N   1 
ATOM   1231 C CA  . LEU B 1 60 ? 10.385  4.727   20.181  1.00 17.02 ? 628 LEU B CA  1 
ATOM   1232 C C   . LEU B 1 60 ? 10.880  3.602   21.077  1.00 14.17 ? 628 LEU B C   1 
ATOM   1233 O O   . LEU B 1 60 ? 10.939  3.759   22.302  1.00 16.32 ? 628 LEU B O   1 
ATOM   1234 C CB  . LEU B 1 60 ? 8.918   4.507   19.812  1.00 18.42 ? 628 LEU B CB  1 
ATOM   1235 C CG  . LEU B 1 60 ? 8.167   5.740   19.318  1.00 18.09 ? 628 LEU B CG  1 
ATOM   1236 C CD1 . LEU B 1 60 ? 6.806   5.345   18.770  1.00 18.72 ? 628 LEU B CD1 1 
ATOM   1237 C CD2 . LEU B 1 60 ? 8.016   6.732   20.455  1.00 19.84 ? 628 LEU B CD2 1 
ATOM   1238 N N   . ARG B 1 61 ? 11.224  2.453   20.491  1.00 14.23 ? 629 ARG B N   1 
ATOM   1239 C CA  . ARG B 1 61 ? 11.740  1.349   21.297  1.00 13.47 ? 629 ARG B CA  1 
ATOM   1240 C C   . ARG B 1 61 ? 13.008  1.758   22.032  1.00 18.72 ? 629 ARG B C   1 
ATOM   1241 O O   . ARG B 1 61 ? 13.184  1.430   23.209  1.00 16.73 ? 629 ARG B O   1 
ATOM   1242 C CB  . ARG B 1 61 ? 11.999  0.121   20.423  1.00 19.97 ? 629 ARG B CB  1 
ATOM   1243 C CG  . ARG B 1 61 ? 10.738  -0.613  19.997  1.00 24.10 ? 629 ARG B CG  1 
ATOM   1244 C CD  . ARG B 1 61 ? 11.059  -2.002  19.465  1.00 30.87 ? 629 ARG B CD  1 
ATOM   1245 N NE  . ARG B 1 61 ? 12.170  -1.978  18.521  1.00 55.73 ? 629 ARG B NE  1 
ATOM   1246 C CZ  . ARG B 1 61 ? 13.422  -2.298  18.830  1.00 52.56 ? 629 ARG B CZ  1 
ATOM   1247 N NH1 . ARG B 1 61 ? 13.730  -2.679  20.063  1.00 43.90 ? 629 ARG B NH1 1 
ATOM   1248 N NH2 . ARG B 1 61 ? 14.367  -2.243  17.902  1.00 58.48 ? 629 ARG B NH2 1 
ATOM   1249 N N   . THR B 1 62 ? 13.904  2.479   21.357  1.00 16.64 ? 630 THR B N   1 
ATOM   1250 C CA  . THR B 1 62 ? 15.113  2.944   22.029  1.00 15.68 ? 630 THR B CA  1 
ATOM   1251 C C   . THR B 1 62 ? 14.784  3.992   23.087  1.00 18.38 ? 630 THR B C   1 
ATOM   1252 O O   . THR B 1 62 ? 15.410  4.022   24.154  1.00 17.13 ? 630 THR B O   1 
ATOM   1253 C CB  . THR B 1 62 ? 16.102  3.486   20.998  1.00 20.08 ? 630 THR B CB  1 
ATOM   1254 O OG1 . THR B 1 62 ? 16.558  2.405   20.173  1.00 15.50 ? 630 THR B OG1 1 
ATOM   1255 C CG2 . THR B 1 62 ? 17.304  4.138   21.684  1.00 14.85 ? 630 THR B CG2 1 
ATOM   1256 N N   . ALA B 1 63 ? 13.791  4.846   22.823  1.00 15.96 ? 631 ALA B N   1 
ATOM   1257 C CA  . ALA B 1 63 ? 13.375  5.825   23.823  1.00 18.51 ? 631 ALA B CA  1 
ATOM   1258 C C   . ALA B 1 63 ? 12.873  5.141   25.087  1.00 19.88 ? 631 ALA B C   1 
ATOM   1259 O O   . ALA B 1 63 ? 13.179  5.578   26.204  1.00 19.94 ? 631 ALA B O   1 
ATOM   1260 C CB  . ALA B 1 63 ? 12.296  6.743   23.250  1.00 20.63 ? 631 ALA B CB  1 
ATOM   1261 N N   . VAL B 1 64 ? 12.094  4.067   24.933  1.00 14.96 ? 632 VAL B N   1 
ATOM   1262 C CA  . VAL B 1 64 ? 11.645  3.311   26.099  1.00 15.75 ? 632 VAL B CA  1 
ATOM   1263 C C   . VAL B 1 64 ? 12.844  2.790   26.885  1.00 18.55 ? 632 VAL B C   1 
ATOM   1264 O O   . VAL B 1 64 ? 12.886  2.879   28.120  1.00 20.62 ? 632 VAL B O   1 
ATOM   1265 C CB  . VAL B 1 64 ? 10.706  2.170   25.664  1.00 18.87 ? 632 VAL B CB  1 
ATOM   1266 C CG1 . VAL B 1 64 ? 10.447  1.217   26.820  1.00 22.16 ? 632 VAL B CG1 1 
ATOM   1267 C CG2 . VAL B 1 64 ? 9.399   2.738   25.132  1.00 22.77 ? 632 VAL B CG2 1 
ATOM   1268 N N   . LYS B 1 65 ? 13.842  2.247   26.184  1.00 14.36 ? 633 LYS B N   1 
ATOM   1269 C CA  . LYS B 1 65 ? 15.036  1.758   26.864  1.00 16.37 ? 633 LYS B CA  1 
ATOM   1270 C C   . LYS B 1 65 ? 15.777  2.891   27.562  1.00 20.43 ? 633 LYS B C   1 
ATOM   1271 O O   . LYS B 1 65 ? 16.246  2.726   28.695  1.00 15.29 ? 633 LYS B O   1 
ATOM   1272 C CB  . LYS B 1 65 ? 15.958  1.046   25.874  1.00 17.55 ? 633 LYS B CB  1 
ATOM   1273 C CG  . LYS B 1 65 ? 15.393  -0.244  25.304  1.00 16.42 ? 633 LYS B CG  1 
ATOM   1274 C CD  . LYS B 1 65 ? 16.387  -0.868  24.342  1.00 26.80 ? 633 LYS B CD  1 
ATOM   1275 C CE  . LYS B 1 65 ? 15.736  -1.924  23.467  1.00 37.50 ? 633 LYS B CE  1 
ATOM   1276 N NZ  . LYS B 1 65 ? 16.718  -2.497  22.505  1.00 42.85 ? 633 LYS B NZ  1 
ATOM   1277 N N   . GLU B 1 66 ? 15.892  4.052   26.907  1.00 14.46 ? 634 GLU B N   1 
ATOM   1278 C CA  . GLU B 1 66 ? 16.581  5.183   27.527  1.00 16.18 ? 634 GLU B CA  1 
ATOM   1279 C C   . GLU B 1 66 ? 15.847  5.656   28.775  1.00 17.00 ? 634 GLU B C   1 
ATOM   1280 O O   . GLU B 1 66 ? 16.475  5.995   29.785  1.00 18.47 ? 634 GLU B O   1 
ATOM   1281 C CB  . GLU B 1 66 ? 16.727  6.339   26.535  1.00 15.83 ? 634 GLU B CB  1 
ATOM   1282 C CG  . GLU B 1 66 ? 17.609  6.033   25.323  1.00 24.67 ? 634 GLU B CG  1 
ATOM   1283 C CD  . GLU B 1 66 ? 17.636  7.174   24.316  1.00 34.53 ? 634 GLU B CD  1 
ATOM   1284 O OE1 . GLU B 1 66 ? 16.872  8.146   24.491  1.00 53.28 ? 634 GLU B OE1 1 
ATOM   1285 O OE2 . GLU B 1 66 ? 18.421  7.099   23.348  1.00 43.10 ? 634 GLU B OE2 1 
ATOM   1286 N N   . LEU B 1 67 ? 14.515  5.696   28.719  1.00 16.01 ? 635 LEU B N   1 
ATOM   1287 C CA  . LEU B 1 67 ? 13.739  6.087   29.891  1.00 17.30 ? 635 LEU B CA  1 
ATOM   1288 C C   . LEU B 1 67 ? 13.824  5.040   30.992  1.00 17.20 ? 635 LEU B C   1 
ATOM   1289 O O   . LEU B 1 67 ? 13.731  5.381   32.179  1.00 16.36 ? 635 LEU B O   1 
ATOM   1290 C CB  . LEU B 1 67 ? 12.283  6.341   29.492  1.00 13.02 ? 635 LEU B CB  1 
ATOM   1291 C CG  . LEU B 1 67 ? 12.044  7.625   28.694  1.00 18.30 ? 635 LEU B CG  1 
ATOM   1292 C CD1 . LEU B 1 67 ? 10.668  7.617   28.033  1.00 17.82 ? 635 LEU B CD1 1 
ATOM   1293 C CD2 . LEU B 1 67 ? 12.203  8.848   29.587  1.00 23.27 ? 635 LEU B CD2 1 
ATOM   1294 N N   . SER B 1 68 ? 14.004  3.766   30.629  1.00 13.19 ? 636 SER B N   1 
ATOM   1295 C CA  . SER B 1 68 ? 14.197  2.734   31.644  1.00 16.52 ? 636 SER B CA  1 
ATOM   1296 C C   . SER B 1 68 ? 15.534  2.901   32.357  1.00 17.48 ? 636 SER B C   1 
ATOM   1297 O O   . SER B 1 68 ? 15.624  2.681   33.569  1.00 18.32 ? 636 SER B O   1 
ATOM   1298 C CB  . SER B 1 68 ? 14.097  1.345   31.013  1.00 19.20 ? 636 SER B CB  1 
ATOM   1299 O OG  . SER B 1 68 ? 12.808  1.132   30.470  1.00 27.64 ? 636 SER B OG  1 
ATOM   1300 N N   . VAL B 1 69 ? 16.582  3.286   31.622  1.00 16.67 ? 637 VAL B N   1 
ATOM   1301 C CA  . VAL B 1 69 ? 17.875  3.558   32.251  1.00 14.40 ? 637 VAL B CA  1 
ATOM   1302 C C   . VAL B 1 69 ? 17.758  4.735   33.211  1.00 17.60 ? 637 VAL B C   1 
ATOM   1303 O O   . VAL B 1 69 ? 18.236  4.681   34.351  1.00 20.32 ? 637 VAL B O   1 
ATOM   1304 C CB  . VAL B 1 69 ? 18.955  3.809   31.183  1.00 14.16 ? 637 VAL B CB  1 
ATOM   1305 C CG1 . VAL B 1 69 ? 20.246  4.289   31.837  1.00 20.64 ? 637 VAL B CG1 1 
ATOM   1306 C CG2 . VAL B 1 69 ? 19.208  2.549   30.374  1.00 22.56 ? 637 VAL B CG2 1 
ATOM   1307 N N   . GLN B 1 70 ? 17.123  5.823   32.762  1.00 16.58 ? 638 GLN B N   1 
ATOM   1308 C CA  . GLN B 1 70 ? 16.908  6.962   33.649  1.00 16.58 ? 638 GLN B CA  1 
ATOM   1309 C C   . GLN B 1 70 ? 16.127  6.548   34.889  1.00 19.86 ? 638 GLN B C   1 
ATOM   1310 O O   . GLN B 1 70 ? 16.433  6.990   36.004  1.00 18.35 ? 638 GLN B O   1 
ATOM   1311 C CB  . GLN B 1 70 ? 16.175  8.083   32.910  1.00 19.31 ? 638 GLN B CB  1 
ATOM   1312 C CG  . GLN B 1 70 ? 15.947  9.322   33.774  1.00 28.24 ? 638 GLN B CG  1 
ATOM   1313 C CD  . GLN B 1 70 ? 15.027  10.354  33.136  1.00 29.70 ? 638 GLN B CD  1 
ATOM   1314 O OE1 . GLN B 1 70 ? 14.152  10.022  32.333  1.00 29.94 ? 638 GLN B OE1 1 
ATOM   1315 N NE2 . GLN B 1 70 ? 15.219  11.615  33.502  1.00 42.48 ? 638 GLN B NE2 1 
ATOM   1316 N N   . ASN B 1 71 ? 15.104  5.709   34.709  1.00 15.05 ? 639 ASN B N   1 
ATOM   1317 C CA  . ASN B 1 71 ? 14.330  5.207   35.840  1.00 24.34 ? 639 ASN B CA  1 
ATOM   1318 C C   . ASN B 1 71 ? 15.228  4.508   36.855  1.00 16.08 ? 639 ASN B C   1 
ATOM   1319 O O   . ASN B 1 71 ? 15.130  4.757   38.063  1.00 19.54 ? 639 ASN B O   1 
ATOM   1320 C CB  . ASN B 1 71 ? 13.242  4.258   35.333  1.00 17.08 ? 639 ASN B CB  1 
ATOM   1321 C CG  . ASN B 1 71 ? 12.293  3.815   36.426  1.00 14.86 ? 639 ASN B CG  1 
ATOM   1322 O OD1 . ASN B 1 71 ? 12.408  2.710   36.957  1.00 20.41 ? 639 ASN B OD1 1 
ATOM   1323 N ND2 . ASN B 1 71 ? 11.338  4.674   36.761  1.00 21.14 ? 639 ASN B ND2 1 
ATOM   1324 N N   . GLN B 1 72 ? 16.102  3.614   36.385  1.00 15.79 ? 640 GLN B N   1 
ATOM   1325 C CA  . GLN B 1 72 ? 17.001  2.910   37.296  1.00 21.48 ? 640 GLN B CA  1 
ATOM   1326 C C   . GLN B 1 72 ? 17.941  3.881   37.999  1.00 15.34 ? 640 GLN B C   1 
ATOM   1327 O O   . GLN B 1 72 ? 18.193  3.753   39.203  1.00 17.01 ? 640 GLN B O   1 
ATOM   1328 C CB  . GLN B 1 72 ? 17.797  1.847   36.537  1.00 22.41 ? 640 GLN B CB  1 
ATOM   1329 C CG  . GLN B 1 72 ? 16.968  0.648   36.094  1.00 44.65 ? 640 GLN B CG  1 
ATOM   1330 C CD  . GLN B 1 72 ? 17.761  -0.357  35.274  1.00 52.08 ? 640 GLN B CD  1 
ATOM   1331 O OE1 . GLN B 1 72 ? 18.952  -0.173  35.016  1.00 36.93 ? 640 GLN B OE1 1 
ATOM   1332 N NE2 . GLN B 1 72 ? 17.097  -1.431  34.856  1.00 60.12 ? 640 GLN B NE2 1 
ATOM   1333 N N   . ASP B 1 73 ? 18.472  4.855   37.256  1.00 16.29 ? 641 ASP B N   1 
ATOM   1334 C CA  . ASP B 1 73 ? 19.328  5.881   37.844  1.00 17.67 ? 641 ASP B CA  1 
ATOM   1335 C C   . ASP B 1 73 ? 18.615  6.602   38.983  1.00 18.11 ? 641 ASP B C   1 
ATOM   1336 O O   . ASP B 1 73 ? 19.156  6.742   40.088  1.00 19.64 ? 641 ASP B O   1 
ATOM   1337 C CB  . ASP B 1 73 ? 19.750  6.861   36.748  1.00 18.15 ? 641 ASP B CB  1 
ATOM   1338 C CG  . ASP B 1 73 ? 20.640  7.968   37.259  1.00 19.78 ? 641 ASP B CG  1 
ATOM   1339 O OD1 . ASP B 1 73 ? 21.802  7.680   37.609  1.00 20.53 ? 641 ASP B OD1 1 
ATOM   1340 O OD2 . ASP B 1 73 ? 20.180  9.128   37.296  1.00 22.04 ? 641 ASP B OD2 1 
ATOM   1341 N N   . LEU B 1 74 ? 17.383  7.054   38.733  1.00 14.15 ? 642 LEU B N   1 
ATOM   1342 C CA  . LEU B 1 74 ? 16.638  7.807   39.736  1.00 14.25 ? 642 LEU B CA  1 
ATOM   1343 C C   . LEU B 1 74 ? 16.265  6.933   40.926  1.00 15.64 ? 642 LEU B C   1 
ATOM   1344 O O   . LEU B 1 74 ? 16.232  7.409   42.068  1.00 17.34 ? 642 LEU B O   1 
ATOM   1345 C CB  . LEU B 1 74 ? 15.387  8.414   39.105  1.00 12.25 ? 642 LEU B CB  1 
ATOM   1346 C CG  . LEU B 1 74 ? 15.639  9.512   38.074  1.00 16.56 ? 642 LEU B CG  1 
ATOM   1347 C CD1 . LEU B 1 74 ? 14.375  9.794   37.270  1.00 22.33 ? 642 LEU B CD1 1 
ATOM   1348 C CD2 . LEU B 1 74 ? 16.131  10.776  38.760  1.00 14.61 ? 642 LEU B CD2 1 
ATOM   1349 N N   . ILE B 1 75 ? 15.971  5.655   40.685  1.00 14.06 ? 643 ILE B N   1 
ATOM   1350 C CA  . ILE B 1 75 ? 15.676  4.748   41.791  1.00 20.48 ? 643 ILE B CA  1 
ATOM   1351 C C   . ILE B 1 75 ? 16.909  4.552   42.665  1.00 18.92 ? 643 ILE B C   1 
ATOM   1352 O O   . ILE B 1 75 ? 16.825  4.563   43.902  1.00 17.29 ? 643 ILE B O   1 
ATOM   1353 C CB  . ILE B 1 75 ? 15.149  3.403   41.260  1.00 18.60 ? 643 ILE B CB  1 
ATOM   1354 C CG1 . ILE B 1 75 ? 13.771  3.583   40.629  1.00 21.91 ? 643 ILE B CG1 1 
ATOM   1355 C CG2 . ILE B 1 75 ? 15.096  2.368   42.380  1.00 20.73 ? 643 ILE B CG2 1 
ATOM   1356 C CD1 . ILE B 1 75 ? 12.716  4.039   41.606  1.00 29.44 ? 643 ILE B CD1 1 
ATOM   1357 N N   . GLU B 1 76 ? 18.072  4.368   42.041  1.00 15.66 ? 644 GLU B N   1 
ATOM   1358 C CA  . GLU B 1 76 ? 19.300  4.201   42.811  1.00 18.20 ? 644 GLU B CA  1 
ATOM   1359 C C   . GLU B 1 76 ? 19.623  5.462   43.603  1.00 18.82 ? 644 GLU B C   1 
ATOM   1360 O O   . GLU B 1 76 ? 20.018  5.382   44.771  1.00 18.39 ? 644 GLU B O   1 
ATOM   1361 C CB  . GLU B 1 76 ? 20.446  3.811   41.874  1.00 18.28 ? 644 GLU B CB  1 
ATOM   1362 C CG  . GLU B 1 76 ? 20.242  2.429   41.254  1.00 18.21 ? 644 GLU B CG  1 
ATOM   1363 C CD  . GLU B 1 76 ? 21.266  2.081   40.189  1.00 25.44 ? 644 GLU B CD  1 
ATOM   1364 O OE1 . GLU B 1 76 ? 21.962  2.994   39.699  1.00 22.91 ? 644 GLU B OE1 1 
ATOM   1365 O OE2 . GLU B 1 76 ? 21.379  0.887   39.844  1.00 28.38 ? 644 GLU B OE2 1 
ATOM   1366 N N   . LYS B 1 77 ? 19.440  6.636   42.993  1.00 15.62 ? 645 LYS B N   1 
ATOM   1367 C CA  . LYS B 1 77 ? 19.665  7.888   43.711  1.00 18.39 ? 645 LYS B CA  1 
ATOM   1368 C C   . LYS B 1 77 ? 18.706  8.033   44.887  1.00 18.31 ? 645 LYS B C   1 
ATOM   1369 O O   . LYS B 1 77 ? 19.093  8.518   45.959  1.00 16.82 ? 645 LYS B O   1 
ATOM   1370 C CB  . LYS B 1 77 ? 19.521  9.071   42.752  1.00 13.52 ? 645 LYS B CB  1 
ATOM   1371 C CG  . LYS B 1 77 ? 20.644  9.183   41.738  1.00 13.17 ? 645 LYS B CG  1 
ATOM   1372 C CD  . LYS B 1 77 ? 20.394  10.319  40.754  1.00 21.12 ? 645 LYS B CD  1 
ATOM   1373 C CE  . LYS B 1 77 ? 21.531  10.434  39.749  1.00 29.61 ? 645 LYS B CE  1 
ATOM   1374 N NZ  . LYS B 1 77 ? 21.200  11.370  38.635  1.00 26.46 ? 645 LYS B NZ  1 
ATOM   1375 N N   . ASN B 1 78 ? 17.447  7.632   44.698  1.00 18.74 ? 646 ASN B N   1 
ATOM   1376 C CA  . ASN B 1 78 ? 16.458  7.713   45.770  1.00 18.06 ? 646 ASN B CA  1 
ATOM   1377 C C   . ASN B 1 78 ? 16.840  6.810   46.936  1.00 20.31 ? 646 ASN B C   1 
ATOM   1378 O O   . ASN B 1 78 ? 16.702  7.195   48.105  1.00 19.63 ? 646 ASN B O   1 
ATOM   1379 C CB  . ASN B 1 78 ? 15.078  7.348   45.215  1.00 17.29 ? 646 ASN B CB  1 
ATOM   1380 C CG  . ASN B 1 78 ? 13.982  7.383   46.267  1.00 26.14 ? 646 ASN B CG  1 
ATOM   1381 O OD1 . ASN B 1 78 ? 13.768  6.410   46.991  1.00 27.57 ? 646 ASN B OD1 1 
ATOM   1382 N ND2 . ASN B 1 78 ? 13.259  8.495   46.332  1.00 25.15 ? 646 ASN B ND2 1 
ATOM   1383 N N   . LEU B 1 79 ? 17.340  5.609   46.639  1.00 16.68 ? 647 LEU B N   1 
ATOM   1384 C CA  . LEU B 1 79 ? 17.798  4.716   47.701  1.00 23.72 ? 647 LEU B CA  1 
ATOM   1385 C C   . LEU B 1 79 ? 18.995  5.304   48.439  1.00 19.18 ? 647 LEU B C   1 
ATOM   1386 O O   . LEU B 1 79 ? 19.094  5.194   49.667  1.00 18.98 ? 647 LEU B O   1 
ATOM   1387 C CB  . LEU B 1 79 ? 18.148  3.346   47.120  1.00 17.13 ? 647 LEU B CB  1 
ATOM   1388 C CG  . LEU B 1 79 ? 16.968  2.499   46.634  1.00 22.71 ? 647 LEU B CG  1 
ATOM   1389 C CD1 . LEU B 1 79 ? 17.454  1.258   45.903  1.00 23.05 ? 647 LEU B CD1 1 
ATOM   1390 C CD2 . LEU B 1 79 ? 16.074  2.111   47.802  1.00 28.33 ? 647 LEU B CD2 1 
ATOM   1391 N N   . THR B 1 80 ? 19.923  5.925   47.707  1.00 18.24 ? 648 THR B N   1 
ATOM   1392 C CA  . THR B 1 80 ? 21.051  6.583   48.364  1.00 15.64 ? 648 THR B CA  1 
ATOM   1393 C C   . THR B 1 80 ? 20.570  7.678   49.307  1.00 16.20 ? 648 THR B C   1 
ATOM   1394 O O   . THR B 1 80 ? 21.060  7.794   50.437  1.00 16.26 ? 648 THR B O   1 
ATOM   1395 C CB  . THR B 1 80 ? 22.009  7.157   47.317  1.00 22.97 ? 648 THR B CB  1 
ATOM   1396 O OG1 . THR B 1 80 ? 22.574  6.089   46.547  1.00 25.24 ? 648 THR B OG1 1 
ATOM   1397 C CG2 . THR B 1 80 ? 23.135  7.944   47.984  1.00 20.78 ? 648 THR B CG2 1 
ATOM   1398 N N   . LEU B 1 81 ? 19.608  8.490   48.859  1.00 17.33 ? 649 LEU B N   1 
ATOM   1399 C CA  . LEU B 1 81 ? 19.065  9.540   49.716  1.00 16.84 ? 649 LEU B CA  1 
ATOM   1400 C C   . LEU B 1 81 ? 18.345  8.950   50.921  1.00 17.75 ? 649 LEU B C   1 
ATOM   1401 O O   . LEU B 1 81 ? 18.447  9.481   52.032  1.00 15.52 ? 649 LEU B O   1 
ATOM   1402 C CB  . LEU B 1 81 ? 18.128  10.435  48.911  1.00 18.70 ? 649 LEU B CB  1 
ATOM   1403 C CG  . LEU B 1 81 ? 18.846  11.290  47.867  1.00 17.73 ? 649 LEU B CG  1 
ATOM   1404 C CD1 . LEU B 1 81 ? 17.867  11.876  46.866  1.00 17.17 ? 649 LEU B CD1 1 
ATOM   1405 C CD2 . LEU B 1 81 ? 19.630  12.390  48.569  1.00 19.60 ? 649 LEU B CD2 1 
ATOM   1406 N N   . GLN B 1 82 ? 17.605  7.854   50.721  1.00 16.29 ? 650 GLN B N   1 
ATOM   1407 C CA  . GLN B 1 82 ? 16.950  7.198   51.846  1.00 24.38 ? 650 GLN B CA  1 
ATOM   1408 C C   . GLN B 1 82 ? 17.966  6.747   52.887  1.00 20.44 ? 650 GLN B C   1 
ATOM   1409 O O   . GLN B 1 82 ? 17.708  6.832   54.093  1.00 21.47 ? 650 GLN B O   1 
ATOM   1410 C CB  . GLN B 1 82 ? 16.121  6.006   51.361  1.00 20.65 ? 650 GLN B CB  1 
ATOM   1411 C CG  . GLN B 1 82 ? 14.874  6.384   50.587  1.00 23.24 ? 650 GLN B CG  1 
ATOM   1412 C CD  . GLN B 1 82 ? 14.011  5.181   50.260  1.00 33.21 ? 650 GLN B CD  1 
ATOM   1413 O OE1 . GLN B 1 82 ? 13.746  4.341   51.121  1.00 30.45 ? 650 GLN B OE1 1 
ATOM   1414 N NE2 . GLN B 1 82 ? 13.577  5.086   49.010  1.00 34.77 ? 650 GLN B NE2 1 
ATOM   1415 N N   . GLU B 1 83 ? 19.130  6.267   52.444  1.00 17.45 ? 651 GLU B N   1 
ATOM   1416 C CA  . GLU B 1 83 ? 20.132  5.813   53.402  1.00 22.02 ? 651 GLU B CA  1 
ATOM   1417 C C   . GLU B 1 83 ? 20.744  6.988   54.153  1.00 29.72 ? 651 GLU B C   1 
ATOM   1418 O O   . GLU B 1 83 ? 21.013  6.890   55.356  1.00 19.44 ? 651 GLU B O   1 
ATOM   1419 C CB  . GLU B 1 83 ? 21.213  4.996   52.698  1.00 28.41 ? 651 GLU B CB  1 
ATOM   1420 C CG  . GLU B 1 83 ? 22.229  4.383   53.652  1.00 41.86 ? 651 GLU B CG  1 
ATOM   1421 C CD  . GLU B 1 83 ? 21.583  3.524   54.732  1.00 33.06 ? 651 GLU B CD  1 
ATOM   1422 O OE1 . GLU B 1 83 ? 20.554  2.873   54.448  1.00 42.31 ? 651 GLU B OE1 1 
ATOM   1423 O OE2 . GLU B 1 83 ? 22.102  3.507   55.868  1.00 38.66 ? 651 GLU B OE2 1 
ATOM   1424 N N   . HIS B 1 84 ? 20.969  8.110   53.465  1.00 16.57 ? 652 HIS B N   1 
ATOM   1425 C CA  . HIS B 1 84 ? 21.421  9.308   54.166  1.00 17.01 ? 652 HIS B CA  1 
ATOM   1426 C C   . HIS B 1 84 ? 20.420  9.724   55.235  1.00 15.58 ? 652 HIS B C   1 
ATOM   1427 O O   . HIS B 1 84 ? 20.810  10.196  56.308  1.00 17.62 ? 652 HIS B O   1 
ATOM   1428 C CB  . HIS B 1 84 ? 21.655  10.455  53.182  1.00 16.26 ? 652 HIS B CB  1 
ATOM   1429 C CG  . HIS B 1 84 ? 22.960  10.369  52.453  1.00 27.40 ? 652 HIS B CG  1 
ATOM   1430 N ND1 . HIS B 1 84 ? 24.177  10.434  53.098  1.00 30.22 ? 652 HIS B ND1 1 
ATOM   1431 C CD2 . HIS B 1 84 ? 23.241  10.232  51.136  1.00 22.86 ? 652 HIS B CD2 1 
ATOM   1432 C CE1 . HIS B 1 84 ? 25.150  10.334  52.210  1.00 34.93 ? 652 HIS B CE1 1 
ATOM   1433 N NE2 . HIS B 1 84 ? 24.609  10.210  51.012  1.00 28.47 ? 652 HIS B NE2 1 
ATOM   1434 N N   . LEU B 1 85 ? 19.125  9.554   54.962  1.00 17.10 ? 653 LEU B N   1 
ATOM   1435 C CA  . LEU B 1 85 ? 18.104  9.964   55.916  1.00 18.92 ? 653 LEU B CA  1 
ATOM   1436 C C   . LEU B 1 85 ? 18.144  9.139   57.194  1.00 19.31 ? 653 LEU B C   1 
ATOM   1437 O O   . LEU B 1 85 ? 17.692  9.617   58.241  1.00 17.31 ? 653 LEU B O   1 
ATOM   1438 C CB  . LEU B 1 85 ? 16.719  9.864   55.271  1.00 18.84 ? 653 LEU B CB  1 
ATOM   1439 C CG  . LEU B 1 85 ? 15.627  10.748  55.874  1.00 50.07 ? 653 LEU B CG  1 
ATOM   1440 C CD1 . LEU B 1 85 ? 15.927  12.222  55.623  1.00 24.16 ? 653 LEU B CD1 1 
ATOM   1441 C CD2 . LEU B 1 85 ? 14.263  10.366  55.318  1.00 64.92 ? 653 LEU B CD2 1 
ATOM   1442 N N   . ARG B 1 86 ? 18.672  7.915   57.138  1.00 14.16 ? 654 ARG B N   1 
ATOM   1443 C CA  . ARG B 1 86 ? 18.812  7.114   58.347  1.00 17.46 ? 654 ARG B CA  1 
ATOM   1444 C C   . ARG B 1 86 ? 19.920  7.622   59.260  1.00 18.85 ? 654 ARG B C   1 
ATOM   1445 O O   . ARG B 1 86 ? 19.996  7.183   60.414  1.00 22.20 ? 654 ARG B O   1 
ATOM   1446 C CB  . ARG B 1 86 ? 19.045  5.646   57.980  1.00 15.25 ? 654 ARG B CB  1 
ATOM   1447 C CG  . ARG B 1 86 ? 17.810  5.004   57.362  1.00 16.57 ? 654 ARG B CG  1 
ATOM   1448 C CD  . ARG B 1 86 ? 18.020  3.553   56.956  1.00 27.37 ? 654 ARG B CD  1 
ATOM   1449 N NE  . ARG B 1 86 ? 16.905  3.087   56.137  1.00 35.54 ? 654 ARG B NE  1 
ATOM   1450 C CZ  . ARG B 1 86 ? 16.937  2.998   54.811  1.00 20.90 ? 654 ARG B CZ  1 
ATOM   1451 N NH1 . ARG B 1 86 ? 18.042  3.317   54.151  1.00 25.58 ? 654 ARG B NH1 1 
ATOM   1452 N NH2 . ARG B 1 86 ? 15.871  2.574   54.145  1.00 33.27 ? 654 ARG B NH2 1 
ATOM   1453 N N   . GLN B 1 87 ? 20.767  8.536   58.788  1.00 17.08 ? 655 GLN B N   1 
ATOM   1454 C CA  . GLN B 1 87 ? 21.746  9.203   59.637  1.00 15.00 ? 655 GLN B CA  1 
ATOM   1455 C C   . GLN B 1 87 ? 21.332  10.623  60.008  1.00 20.73 ? 655 GLN B C   1 
ATOM   1456 O O   . GLN B 1 87 ? 22.118  11.344  60.632  1.00 17.52 ? 655 GLN B O   1 
ATOM   1457 C CB  . GLN B 1 87 ? 23.122  9.217   58.962  1.00 18.60 ? 655 GLN B CB  1 
ATOM   1458 C CG  . GLN B 1 87 ? 23.755  7.842   58.803  1.00 26.14 ? 655 GLN B CG  1 
ATOM   1459 C CD  . GLN B 1 87 ? 23.325  7.145   57.531  1.00 42.30 ? 655 GLN B CD  1 
ATOM   1460 O OE1 . GLN B 1 87 ? 23.439  7.701   56.438  1.00 45.95 ? 655 GLN B OE1 1 
ATOM   1461 N NE2 . GLN B 1 87 ? 22.825  5.919   57.664  1.00 38.04 ? 655 GLN B NE2 1 
ATOM   1462 N N   A ALA B 1 88 ? 20.122  11.038  59.645  0.57 16.41 ? 656 ALA B N   1 
ATOM   1463 N N   B ALA B 1 88 ? 20.126  11.043  59.635  0.43 16.43 ? 656 ALA B N   1 
ATOM   1464 C CA  A ALA B 1 88 ? 19.634  12.366  60.004  0.57 16.45 ? 656 ALA B CA  1 
ATOM   1465 C CA  B ALA B 1 88 ? 19.658  12.388  59.953  0.43 16.43 ? 656 ALA B CA  1 
ATOM   1466 C C   A ALA B 1 88 ? 18.836  12.326  61.306  0.57 14.70 ? 656 ALA B C   1 
ATOM   1467 C C   B ALA B 1 88 ? 18.820  12.398  61.228  0.43 14.86 ? 656 ALA B C   1 
ATOM   1468 O O   A ALA B 1 88 ? 18.439  11.258  61.773  0.57 10.78 ? 656 ALA B O   1 
ATOM   1469 O O   B ALA B 1 88 ? 18.371  13.453  61.678  0.43 11.18 ? 656 ALA B O   1 
ATOM   1470 C CB  A ALA B 1 88 ? 18.785  12.943  58.880  0.57 19.64 ? 656 ALA B CB  1 
ATOM   1471 C CB  B ALA B 1 88 ? 18.860  12.960  58.789  0.43 19.68 ? 656 ALA B CB  1 
HETATM 1472 C C1  . MPD C 2 .  ? -0.763  7.162   -8.843  1.00 21.80 ? 701 MPD B C1  1 
HETATM 1473 C C2  . MPD C 2 .  ? -1.131  8.005   -7.621  1.00 33.88 ? 701 MPD B C2  1 
HETATM 1474 O O2  . MPD C 2 .  ? -2.544  7.795   -7.373  1.00 35.69 ? 701 MPD B O2  1 
HETATM 1475 C CM  . MPD C 2 .  ? -0.879  9.488   -7.900  1.00 29.23 ? 701 MPD B CM  1 
HETATM 1476 C C3  . MPD C 2 .  ? -0.273  7.517   -6.447  1.00 22.45 ? 701 MPD B C3  1 
HETATM 1477 C C4  . MPD C 2 .  ? -0.642  7.919   -5.012  1.00 33.33 ? 701 MPD B C4  1 
HETATM 1478 O O4  . MPD C 2 .  ? 0.506   8.473   -4.406  1.00 32.00 ? 701 MPD B O4  1 
HETATM 1479 C C5  . MPD C 2 .  ? -1.794  8.898   -4.787  1.00 13.10 ? 701 MPD B C5  1 
HETATM 1480 H H11 . MPD C 2 .  ? 0.005   6.440   -8.568  1.00 26.16 ? 701 MPD B H11 1 
HETATM 1481 H H12 . MPD C 2 .  ? -0.386  7.812   -9.632  1.00 26.16 ? 701 MPD B H12 1 
HETATM 1482 H H13 . MPD C 2 .  ? -1.648  6.634   -9.199  1.00 26.16 ? 701 MPD B H13 1 
HETATM 1483 H HO2 . MPD C 2 .  ? -2.662  7.379   -6.494  1.00 42.83 ? 701 MPD B HO2 1 
HETATM 1484 H HM1 . MPD C 2 .  ? -0.141  9.870   -7.195  1.00 35.08 ? 701 MPD B HM1 1 
HETATM 1485 H HM2 . MPD C 2 .  ? -1.811  10.042  -7.786  1.00 35.08 ? 701 MPD B HM2 1 
HETATM 1486 H HM3 . MPD C 2 .  ? -0.508  9.609   -8.917  1.00 35.08 ? 701 MPD B HM3 1 
HETATM 1487 H H31 . MPD C 2 .  ? -0.251  6.429   -6.488  1.00 26.95 ? 701 MPD B H31 1 
HETATM 1488 H H32 . MPD C 2 .  ? 0.749   7.850   -6.627  1.00 26.95 ? 701 MPD B H32 1 
HETATM 1489 H H4  . MPD C 2 .  ? -0.898  7.001   -4.482  1.00 40.00 ? 701 MPD B H4  1 
HETATM 1490 H HO4 . MPD C 2 .  ? 1.061   7.753   -4.040  1.00 38.40 ? 701 MPD B HO4 1 
HETATM 1491 H H51 . MPD C 2 .  ? -1.434  9.759   -4.224  1.00 15.72 ? 701 MPD B H51 1 
HETATM 1492 H H52 . MPD C 2 .  ? -2.586  8.402   -4.227  1.00 15.72 ? 701 MPD B H52 1 
HETATM 1493 H H53 . MPD C 2 .  ? -2.182  9.229   -5.749  1.00 15.72 ? 701 MPD B H53 1 
HETATM 1494 O O   . HOH D 3 .  ? -11.687 -9.337  -54.064 1.00 34.11 ? 701 HOH A O   1 
HETATM 1495 O O   . HOH D 3 .  ? -13.036 -6.139  -59.341 1.00 36.95 ? 702 HOH A O   1 
HETATM 1496 O O   . HOH D 3 .  ? -2.154  5.905   10.421  1.00 40.29 ? 703 HOH A O   1 
HETATM 1497 O O   . HOH D 3 .  ? -6.498  -1.492  -0.227  1.00 27.40 ? 704 HOH A O   1 
HETATM 1498 O O   . HOH D 3 .  ? 1.462   2.576   9.628   1.00 26.90 ? 705 HOH A O   1 
HETATM 1499 O O   . HOH D 3 .  ? 18.489  28.166  56.304  1.00 32.13 ? 706 HOH A O   1 
HETATM 1500 O O   . HOH D 3 .  ? -17.802 -16.752 -44.192 1.00 32.67 ? 707 HOH A O   1 
HETATM 1501 O O   . HOH D 3 .  ? 2.466   0.881   28.909  1.00 54.89 ? 708 HOH A O   1 
HETATM 1502 O O   . HOH D 3 .  ? 8.710   17.115  56.581  1.00 46.88 ? 709 HOH A O   1 
HETATM 1503 O O   . HOH D 3 .  ? -11.393 -10.547 -19.132 1.00 35.10 ? 710 HOH A O   1 
HETATM 1504 O O   . HOH D 3 .  ? 4.193   -3.243  -6.110  1.00 24.23 ? 711 HOH A O   1 
HETATM 1505 O O   . HOH D 3 .  ? 7.410   7.912   40.236  1.00 39.60 ? 712 HOH A O   1 
HETATM 1506 O O   . HOH D 3 .  ? -14.476 -17.350 -47.973 1.00 21.03 ? 713 HOH A O   1 
HETATM 1507 O O   . HOH D 3 .  ? -6.829  -17.820 -20.365 1.00 29.02 ? 714 HOH A O   1 
HETATM 1508 O O   . HOH D 3 .  ? 3.967   -3.812  -9.734  1.00 23.53 ? 715 HOH A O   1 
HETATM 1509 O O   . HOH D 3 .  ? -9.212  -15.649 -36.942 1.00 36.12 ? 716 HOH A O   1 
HETATM 1510 O O   . HOH D 3 .  ? 4.655   -2.702  5.045   1.00 15.06 ? 717 HOH A O   1 
HETATM 1511 O O   . HOH D 3 .  ? -6.343  5.485   18.410  1.00 26.74 ? 718 HOH A O   1 
HETATM 1512 O O   . HOH D 3 .  ? 0.965   -4.644  16.070  1.00 20.60 ? 719 HOH A O   1 
HETATM 1513 O O   . HOH D 3 .  ? 5.817   -5.947  3.218   1.00 50.30 ? 720 HOH A O   1 
HETATM 1514 O O   . HOH D 3 .  ? -9.464  -11.656 -16.217 1.00 33.55 ? 721 HOH A O   1 
HETATM 1515 O O   . HOH D 3 .  ? -2.936  -3.411  -27.483 1.00 36.63 ? 722 HOH A O   1 
HETATM 1516 O O   . HOH D 3 .  ? -9.710  -14.136 -51.208 1.00 26.89 ? 723 HOH A O   1 
HETATM 1517 O O   . HOH D 3 .  ? -2.994  1.505   21.609  1.00 32.76 ? 724 HOH A O   1 
HETATM 1518 O O   . HOH D 3 .  ? 2.570   -0.960  5.085   1.00 15.65 ? 725 HOH A O   1 
HETATM 1519 O O   . HOH D 3 .  ? -11.046 -13.515 -17.987 1.00 40.15 ? 726 HOH A O   1 
HETATM 1520 O O   . HOH D 3 .  ? 1.297   -9.036  4.129   1.00 28.57 ? 727 HOH A O   1 
HETATM 1521 O O   . HOH D 3 .  ? -12.150 -19.390 -44.716 1.00 36.14 ? 728 HOH A O   1 
HETATM 1522 O O   . HOH D 3 .  ? -16.232 -16.363 -58.909 1.00 31.80 ? 729 HOH A O   1 
HETATM 1523 O O   . HOH D 3 .  ? -0.547  -7.412  -18.102 1.00 27.48 ? 730 HOH A O   1 
HETATM 1524 O O   . HOH D 3 .  ? -9.205  -5.960  -9.482  1.00 33.41 ? 731 HOH A O   1 
HETATM 1525 O O   . HOH D 3 .  ? 5.035   11.417  44.538  1.00 24.12 ? 732 HOH A O   1 
HETATM 1526 O O   . HOH D 3 .  ? -9.174  -9.112  -48.007 1.00 19.70 ? 733 HOH A O   1 
HETATM 1527 O O   . HOH D 3 .  ? -1.683  2.340   23.822  1.00 29.00 ? 734 HOH A O   1 
HETATM 1528 O O   . HOH D 3 .  ? 5.578   13.870  45.530  1.00 34.60 ? 735 HOH A O   1 
HETATM 1529 O O   . HOH D 3 .  ? 18.648  18.990  59.254  1.00 18.89 ? 736 HOH A O   1 
HETATM 1530 O O   . HOH D 3 .  ? -6.123  -9.524  -47.090 1.00 45.80 ? 737 HOH A O   1 
HETATM 1531 O O   . HOH D 3 .  ? -7.105  -7.992  -5.992  1.00 26.34 ? 738 HOH A O   1 
HETATM 1532 O O   . HOH D 3 .  ? -9.456  -4.256  -40.375 1.00 41.47 ? 739 HOH A O   1 
HETATM 1533 O O   . HOH D 3 .  ? 2.533   -6.255  -6.958  1.00 23.85 ? 740 HOH A O   1 
HETATM 1534 O O   . HOH D 3 .  ? -11.034 -17.909 -32.008 1.00 40.30 ? 741 HOH A O   1 
HETATM 1535 O O   . HOH D 3 .  ? 1.050   -5.593  -10.770 1.00 24.15 ? 742 HOH A O   1 
HETATM 1536 O O   . HOH D 3 .  ? 20.495  16.361  57.560  1.00 17.04 ? 743 HOH A O   1 
HETATM 1537 O O   . HOH D 3 .  ? -11.675 -16.183 -47.750 1.00 19.48 ? 744 HOH A O   1 
HETATM 1538 O O   . HOH D 3 .  ? -13.904 -16.707 -55.188 1.00 28.49 ? 745 HOH A O   1 
HETATM 1539 O O   . HOH D 3 .  ? 15.917  19.795  56.899  1.00 34.72 ? 746 HOH A O   1 
HETATM 1540 O O   . HOH D 3 .  ? 21.679  26.087  59.764  1.00 24.67 ? 747 HOH A O   1 
HETATM 1541 O O   . HOH D 3 .  ? 4.160   17.910  40.944  1.00 42.76 ? 748 HOH A O   1 
HETATM 1542 O O   . HOH D 3 .  ? -17.702 -15.370 -41.186 1.00 40.42 ? 749 HOH A O   1 
HETATM 1543 O O   . HOH D 3 .  ? -6.367  -2.559  -2.787  1.00 23.88 ? 750 HOH A O   1 
HETATM 1544 O O   . HOH D 3 .  ? 1.874   0.346   26.005  1.00 28.55 ? 751 HOH A O   1 
HETATM 1545 O O   . HOH D 3 .  ? -9.015  -8.892  -55.559 1.00 39.15 ? 752 HOH A O   1 
HETATM 1546 O O   . HOH D 3 .  ? -12.988 -11.437 -62.801 1.00 40.13 ? 753 HOH A O   1 
HETATM 1547 O O   . HOH D 3 .  ? -8.791  -6.968  -12.225 1.00 26.82 ? 754 HOH A O   1 
HETATM 1548 O O   . HOH D 3 .  ? -4.723  -9.996  -37.520 1.00 28.90 ? 755 HOH A O   1 
HETATM 1549 O O   . HOH D 3 .  ? -13.628 -7.949  -18.737 1.00 46.32 ? 756 HOH A O   1 
HETATM 1550 O O   . HOH D 3 .  ? -1.952  -14.844 -31.242 1.00 48.40 ? 757 HOH A O   1 
HETATM 1551 O O   . HOH D 3 .  ? 17.199  12.904  41.231  1.00 24.69 ? 758 HOH A O   1 
HETATM 1552 O O   . HOH D 3 .  ? -10.545 -10.853 -21.817 1.00 28.96 ? 759 HOH A O   1 
HETATM 1553 O O   . HOH D 3 .  ? -8.742  -1.177  2.844   1.00 27.53 ? 760 HOH A O   1 
HETATM 1554 O O   . HOH D 3 .  ? 15.749  15.419  41.904  1.00 30.32 ? 761 HOH A O   1 
HETATM 1555 O O   . HOH D 3 .  ? -0.393  12.659  25.924  1.00 40.49 ? 762 HOH A O   1 
HETATM 1556 O O   . HOH D 3 .  ? 25.814  21.087  56.106  1.00 21.58 ? 763 HOH A O   1 
HETATM 1557 O O   . HOH D 3 .  ? -13.833 -12.890 -59.767 1.00 20.95 ? 764 HOH A O   1 
HETATM 1558 O O   . HOH D 3 .  ? 4.232   0.544   30.601  1.00 46.75 ? 765 HOH A O   1 
HETATM 1559 O O   . HOH D 3 .  ? -0.133  -5.204  -22.138 1.00 33.21 ? 766 HOH A O   1 
HETATM 1560 O O   . HOH D 3 .  ? 17.858  16.652  58.371  1.00 18.05 ? 767 HOH A O   1 
HETATM 1561 O O   . HOH D 3 .  ? 3.437   -7.486  1.693   1.00 41.63 ? 768 HOH A O   1 
HETATM 1562 O O   . HOH D 3 .  ? -3.791  -13.719 -21.209 1.00 35.38 ? 769 HOH A O   1 
HETATM 1563 O O   . HOH D 3 .  ? 5.525   8.872   17.137  1.00 48.10 ? 770 HOH A O   1 
HETATM 1564 O O   . HOH D 3 .  ? -3.770  0.820   6.990   1.00 24.63 ? 771 HOH A O   1 
HETATM 1565 O O   . HOH D 3 .  ? 20.250  28.501  52.629  1.00 18.94 ? 772 HOH A O   1 
HETATM 1566 O O   . HOH D 3 .  ? 20.369  22.551  60.979  1.00 27.08 ? 773 HOH A O   1 
HETATM 1567 O O   . HOH D 3 .  ? 3.014   2.016   7.769   1.00 19.08 ? 774 HOH A O   1 
HETATM 1568 O O   . HOH D 3 .  ? -14.344 -5.585  -53.414 1.00 30.88 ? 775 HOH A O   1 
HETATM 1569 O O   . HOH D 3 .  ? -10.592 -17.105 -45.530 1.00 27.95 ? 776 HOH A O   1 
HETATM 1570 O O   . HOH D 3 .  ? -7.088  -12.393 -15.339 1.00 30.14 ? 777 HOH A O   1 
HETATM 1571 O O   . HOH D 3 .  ? -15.753 -12.997 -30.813 1.00 38.90 ? 778 HOH A O   1 
HETATM 1572 O O   . HOH D 3 .  ? -6.338  -8.915  3.998   1.00 33.08 ? 779 HOH A O   1 
HETATM 1573 O O   . HOH D 3 .  ? -20.606 -11.315 -59.484 1.00 15.84 ? 780 HOH A O   1 
HETATM 1574 O O   . HOH D 3 .  ? 9.530   16.657  38.304  1.00 46.13 ? 781 HOH A O   1 
HETATM 1575 O O   . HOH D 3 .  ? -2.877  2.224   9.210   1.00 28.51 ? 782 HOH A O   1 
HETATM 1576 O O   . HOH D 3 .  ? -17.796 -8.183  -64.357 1.00 35.11 ? 783 HOH A O   1 
HETATM 1577 O O   . HOH D 3 .  ? -4.504  -15.935 -18.505 1.00 43.44 ? 784 HOH A O   1 
HETATM 1578 O O   . HOH D 3 .  ? 20.540  18.782  51.049  1.00 31.22 ? 785 HOH A O   1 
HETATM 1579 O O   . HOH D 3 .  ? 18.084  21.069  48.449  1.00 44.49 ? 786 HOH A O   1 
HETATM 1580 O O   . HOH D 3 .  ? -14.594 -3.527  -60.847 1.00 27.89 ? 787 HOH A O   1 
HETATM 1581 O O   . HOH D 3 .  ? -2.682  -12.140 -40.133 1.00 33.28 ? 788 HOH A O   1 
HETATM 1582 O O   . HOH D 3 .  ? -12.682 -9.457  -22.910 1.00 34.02 ? 789 HOH A O   1 
HETATM 1583 O O   . HOH D 3 .  ? 2.410   -6.442  -0.235  1.00 29.43 ? 790 HOH A O   1 
HETATM 1584 O O   . HOH D 3 .  ? -5.925  3.414   -3.654  1.00 36.79 ? 791 HOH A O   1 
HETATM 1585 O O   . HOH D 3 .  ? -8.004  3.040   1.401   1.00 49.15 ? 792 HOH A O   1 
HETATM 1586 O O   . HOH D 3 .  ? -13.561 -2.955  -54.293 1.00 34.49 ? 793 HOH A O   1 
HETATM 1587 O O   . HOH D 3 .  ? 9.614   6.593   47.193  1.00 46.19 ? 794 HOH A O   1 
HETATM 1588 O O   . HOH D 3 .  ? 0.321   3.868   8.237   1.00 27.32 ? 795 HOH A O   1 
HETATM 1589 O O   . HOH D 3 .  ? 5.123   13.696  36.841  1.00 38.48 ? 796 HOH A O   1 
HETATM 1590 O O   . HOH D 3 .  ? 19.012  13.284  43.468  1.00 38.99 ? 797 HOH A O   1 
HETATM 1591 O O   . HOH D 3 .  ? -13.437 -15.455 -59.147 1.00 31.78 ? 798 HOH A O   1 
HETATM 1592 O O   . HOH D 3 .  ? -13.265 -6.837  -49.589 1.00 37.87 ? 799 HOH A O   1 
HETATM 1593 O O   . HOH D 3 .  ? 10.426  18.006  40.321  1.00 47.28 ? 800 HOH A O   1 
HETATM 1594 O O   . HOH D 3 .  ? -16.309 -18.240 -46.036 1.00 23.21 ? 801 HOH A O   1 
HETATM 1595 O O   . HOH D 3 .  ? 19.069  30.470  54.209  1.00 25.52 ? 802 HOH A O   1 
HETATM 1596 O O   . HOH D 3 .  ? 5.574   -7.915  -9.936  1.00 32.79 ? 803 HOH A O   1 
HETATM 1597 O O   . HOH D 3 .  ? -18.260 -10.397 -63.669 1.00 47.03 ? 804 HOH A O   1 
HETATM 1598 O O   . HOH D 3 .  ? -3.855  -16.034 -15.716 1.00 53.85 ? 805 HOH A O   1 
HETATM 1599 O O   . HOH D 3 .  ? 5.061   -4.236  11.859  1.00 43.89 ? 806 HOH A O   1 
HETATM 1600 O O   . HOH D 3 .  ? 6.862   -2.549  3.324   1.00 26.61 ? 807 HOH A O   1 
HETATM 1601 O O   . HOH D 3 .  ? -21.471 -19.876 -46.618 1.00 36.91 ? 808 HOH A O   1 
HETATM 1602 O O   . HOH D 3 .  ? -6.435  0.514   6.183   1.00 35.32 ? 809 HOH A O   1 
HETATM 1603 O O   . HOH D 3 .  ? -8.416  -10.067 -6.828  1.00 40.64 ? 810 HOH A O   1 
HETATM 1604 O O   . HOH D 3 .  ? 7.621   9.369   16.639  1.00 52.03 ? 811 HOH A O   1 
HETATM 1605 O O   . HOH D 3 .  ? -8.986  4.265   -1.629  1.00 52.92 ? 812 HOH A O   1 
HETATM 1606 O O   . HOH D 3 .  ? 17.290  16.727  40.247  1.00 48.08 ? 813 HOH A O   1 
HETATM 1607 O O   . HOH D 3 .  ? 7.038   -4.615  0.958   1.00 38.20 ? 814 HOH A O   1 
HETATM 1608 O O   . HOH E 3 .  ? 8.052   8.694   0.754   1.00 37.94 ? 801 HOH B O   1 
HETATM 1609 O O   . HOH E 3 .  ? -28.317 -10.487 -55.136 1.00 44.61 ? 802 HOH B O   1 
HETATM 1610 O O   . HOH E 3 .  ? -17.535 -3.543  -48.243 1.00 42.87 ? 803 HOH B O   1 
HETATM 1611 O O   . HOH E 3 .  ? 4.076   2.324   -13.017 1.00 37.57 ? 804 HOH B O   1 
HETATM 1612 O O   . HOH E 3 .  ? 15.513  2.322   51.779  1.00 27.06 ? 805 HOH B O   1 
HETATM 1613 O O   . HOH E 3 .  ? 20.472  5.781   23.144  1.00 37.50 ? 806 HOH B O   1 
HETATM 1614 O O   . HOH E 3 .  ? 23.432  6.506   44.279  1.00 25.42 ? 807 HOH B O   1 
HETATM 1615 O O   . HOH E 3 .  ? -28.407 -4.706  -45.316 1.00 36.83 ? 808 HOH B O   1 
HETATM 1616 O O   . HOH E 3 .  ? 17.174  15.442  60.784  1.00 18.18 ? 809 HOH B O   1 
HETATM 1617 O O   . HOH E 3 .  ? 4.831   10.032  7.919   1.00 30.56 ? 810 HOH B O   1 
HETATM 1618 O O   . HOH E 3 .  ? 21.114  2.451   57.934  1.00 23.90 ? 811 HOH B O   1 
HETATM 1619 O O   . HOH E 3 .  ? 16.908  9.486   60.724  1.00 32.37 ? 812 HOH B O   1 
HETATM 1620 O O   . HOH E 3 .  ? 0.556   -2.924  -21.348 1.00 37.02 ? 813 HOH B O   1 
HETATM 1621 O O   . HOH E 3 .  ? 7.917   -3.593  8.167   1.00 27.96 ? 814 HOH B O   1 
HETATM 1622 O O   . HOH E 3 .  ? 2.877   -0.100  -15.144 1.00 33.68 ? 815 HOH B O   1 
HETATM 1623 O O   . HOH E 3 .  ? -26.949 -13.269 -45.368 1.00 39.38 ? 816 HOH B O   1 
HETATM 1624 O O   . HOH E 3 .  ? 15.205  2.822   58.126  1.00 45.86 ? 817 HOH B O   1 
HETATM 1625 O O   . HOH E 3 .  ? 18.827  9.718   35.119  1.00 39.65 ? 818 HOH B O   1 
HETATM 1626 O O   . HOH E 3 .  ? -27.469 -8.167  -45.395 1.00 32.03 ? 819 HOH B O   1 
HETATM 1627 O O   . HOH E 3 .  ? -2.820  6.198   -3.511  1.00 18.44 ? 820 HOH B O   1 
HETATM 1628 O O   . HOH E 3 .  ? -26.272 -17.392 -46.986 1.00 42.09 ? 821 HOH B O   1 
HETATM 1629 O O   . HOH E 3 .  ? 4.894   0.045   -7.110  1.00 27.35 ? 822 HOH B O   1 
HETATM 1630 O O   . HOH E 3 .  ? 6.082   -1.581  -12.919 1.00 34.33 ? 823 HOH B O   1 
HETATM 1631 O O   . HOH E 3 .  ? 18.037  5.937   61.747  1.00 25.92 ? 824 HOH B O   1 
HETATM 1632 O O   . HOH E 3 .  ? 23.503  9.632   36.907  1.00 35.65 ? 825 HOH B O   1 
HETATM 1633 O O   . HOH E 3 .  ? -7.536  0.695   -6.619  1.00 25.64 ? 826 HOH B O   1 
HETATM 1634 O O   . HOH E 3 .  ? 15.068  7.197   20.698  1.00 34.72 ? 827 HOH B O   1 
HETATM 1635 O O   . HOH E 3 .  ? -4.923  3.195   -5.753  1.00 21.67 ? 828 HOH B O   1 
HETATM 1636 O O   . HOH E 3 .  ? -14.553 -5.814  -50.802 1.00 32.75 ? 829 HOH B O   1 
HETATM 1637 O O   . HOH E 3 .  ? 7.484   -3.093  11.915  1.00 34.10 ? 830 HOH B O   1 
HETATM 1638 O O   . HOH E 3 .  ? -30.186 -15.821 -55.055 1.00 39.63 ? 831 HOH B O   1 
HETATM 1639 O O   . HOH E 3 .  ? 24.758  3.711   55.431  1.00 41.35 ? 832 HOH B O   1 
HETATM 1640 O O   . HOH E 3 .  ? -8.349  3.869   -15.979 1.00 36.38 ? 833 HOH B O   1 
HETATM 1641 O O   . HOH E 3 .  ? -8.152  4.830   -13.187 1.00 36.86 ? 834 HOH B O   1 
HETATM 1642 O O   . HOH E 3 .  ? -5.998  0.436   -3.529  1.00 21.60 ? 835 HOH B O   1 
HETATM 1643 O O   . HOH E 3 .  ? -24.641 -10.109 -40.546 1.00 28.04 ? 836 HOH B O   1 
HETATM 1644 O O   . HOH E 3 .  ? 10.429  8.315   10.631  1.00 34.91 ? 837 HOH B O   1 
HETATM 1645 O O   . HOH E 3 .  ? 22.528  12.275  56.677  1.00 19.62 ? 838 HOH B O   1 
HETATM 1646 O O   . HOH E 3 .  ? -3.039  1.198   -24.725 1.00 35.93 ? 839 HOH B O   1 
HETATM 1647 O O   . HOH E 3 .  ? 22.155  3.272   36.993  1.00 28.43 ? 840 HOH B O   1 
HETATM 1648 O O   . HOH E 3 .  ? -27.273 -8.395  -34.017 1.00 41.26 ? 841 HOH B O   1 
HETATM 1649 O O   . HOH E 3 .  ? 22.482  4.111   59.692  1.00 25.09 ? 842 HOH B O   1 
HETATM 1650 O O   . HOH E 3 .  ? 0.583   0.077   -16.686 1.00 25.71 ? 843 HOH B O   1 
HETATM 1651 O O   . HOH E 3 .  ? 9.983   -0.810  6.096   1.00 34.83 ? 844 HOH B O   1 
HETATM 1652 O O   . HOH E 3 .  ? -10.514 2.565   -28.785 1.00 30.77 ? 845 HOH B O   1 
HETATM 1653 O O   . HOH E 3 .  ? -9.593  4.118   -22.324 1.00 35.16 ? 846 HOH B O   1 
HETATM 1654 O O   . HOH E 3 .  ? 3.256   9.177   2.769   1.00 18.03 ? 847 HOH B O   1 
HETATM 1655 O O   . HOH E 3 .  ? -1.200  -1.685  -25.203 1.00 41.84 ? 848 HOH B O   1 
HETATM 1656 O O   . HOH E 3 .  ? -23.883 -4.190  -44.642 1.00 37.06 ? 849 HOH B O   1 
HETATM 1657 O O   . HOH E 3 .  ? 24.861  10.483  55.800  1.00 27.37 ? 850 HOH B O   1 
HETATM 1658 O O   . HOH E 3 .  ? 11.507  -0.915  13.363  1.00 24.39 ? 851 HOH B O   1 
HETATM 1659 O O   . HOH E 3 .  ? 2.485   1.841   4.974   1.00 13.02 ? 852 HOH B O   1 
HETATM 1660 O O   . HOH E 3 .  ? -24.625 -4.146  -56.989 1.00 27.14 ? 853 HOH B O   1 
HETATM 1661 O O   . HOH E 3 .  ? -5.002  0.211   -26.393 1.00 28.65 ? 854 HOH B O   1 
HETATM 1662 O O   . HOH E 3 .  ? 15.097  6.528   55.138  1.00 35.06 ? 855 HOH B O   1 
HETATM 1663 O O   . HOH E 3 .  ? 13.094  2.162   8.057   1.00 32.53 ? 856 HOH B O   1 
HETATM 1664 O O   . HOH E 3 .  ? 18.288  2.765   50.895  1.00 24.14 ? 857 HOH B O   1 
HETATM 1665 O O   . HOH E 3 .  ? 4.783   7.754   0.994   1.00 16.61 ? 858 HOH B O   1 
HETATM 1666 O O   . HOH E 3 .  ? -5.811  1.436   -9.451  1.00 26.57 ? 859 HOH B O   1 
HETATM 1667 O O   . HOH E 3 .  ? -28.003 -19.057 -49.073 1.00 37.06 ? 860 HOH B O   1 
HETATM 1668 O O   . HOH E 3 .  ? 4.063   6.883   -5.507  1.00 17.54 ? 861 HOH B O   1 
HETATM 1669 O O   . HOH E 3 .  ? -17.801 -0.276  -37.003 1.00 33.51 ? 862 HOH B O   1 
HETATM 1670 O O   . HOH E 3 .  ? -29.779 -10.682 -53.617 1.00 35.80 ? 863 HOH B O   1 
HETATM 1671 O O   . HOH E 3 .  ? 12.540  -1.397  15.730  1.00 34.01 ? 864 HOH B O   1 
HETATM 1672 O O   . HOH E 3 .  ? 18.956  7.455   29.733  1.00 32.36 ? 865 HOH B O   1 
HETATM 1673 O O   . HOH E 3 .  ? 12.170  4.188   0.024   1.00 37.31 ? 866 HOH B O   1 
HETATM 1674 O O   . HOH E 3 .  ? 19.056  13.223  39.269  1.00 30.84 ? 867 HOH B O   1 
HETATM 1675 O O   . HOH E 3 .  ? -21.097 -20.321 -55.853 1.00 32.09 ? 868 HOH B O   1 
HETATM 1676 O O   . HOH E 3 .  ? 11.030  8.321   48.232  1.00 33.79 ? 869 HOH B O   1 
HETATM 1677 O O   . HOH E 3 .  ? 15.811  4.218   12.568  1.00 34.93 ? 870 HOH B O   1 
HETATM 1678 O O   . HOH E 3 .  ? -14.431 -0.197  -23.450 1.00 28.40 ? 871 HOH B O   1 
HETATM 1679 O O   . HOH E 3 .  ? -16.967 0.755   -29.860 1.00 37.59 ? 872 HOH B O   1 
HETATM 1680 O O   . HOH E 3 .  ? 3.375   4.458   -11.355 1.00 29.39 ? 873 HOH B O   1 
HETATM 1681 O O   . HOH E 3 .  ? 8.781   -0.750  3.196   1.00 27.32 ? 874 HOH B O   1 
HETATM 1682 O O   . HOH E 3 .  ? 14.175  -1.137  34.473  1.00 47.71 ? 875 HOH B O   1 
HETATM 1683 O O   . HOH E 3 .  ? -23.018 -2.439  -43.002 1.00 49.36 ? 876 HOH B O   1 
HETATM 1684 O O   . HOH E 3 .  ? -19.861 -5.238  -31.450 1.00 36.87 ? 877 HOH B O   1 
HETATM 1685 O O   . HOH E 3 .  ? 26.787  9.238   49.221  1.00 35.98 ? 878 HOH B O   1 
HETATM 1686 O O   . HOH E 3 .  ? -25.461 -18.223 -54.229 1.00 47.49 ? 879 HOH B O   1 
HETATM 1687 O O   . HOH E 3 .  ? -22.596 -13.677 -44.681 1.00 41.88 ? 880 HOH B O   1 
HETATM 1688 O O   . HOH E 3 .  ? 21.746  0.120   53.881  1.00 37.79 ? 881 HOH B O   1 
HETATM 1689 O O   . HOH E 3 .  ? -10.328 -0.284  -16.517 1.00 37.53 ? 882 HOH B O   1 
HETATM 1690 O O   . HOH E 3 .  ? 5.090   -4.720  -1.189  1.00 28.17 ? 883 HOH B O   1 
HETATM 1691 O O   . HOH E 3 .  ? 11.895  -1.302  23.873  1.00 37.17 ? 884 HOH B O   1 
HETATM 1692 O O   . HOH E 3 .  ? 21.541  10.362  45.494  1.00 23.75 ? 885 HOH B O   1 
HETATM 1693 O O   . HOH E 3 .  ? -8.277  8.118   -12.271 1.00 37.42 ? 886 HOH B O   1 
HETATM 1694 O O   . HOH E 3 .  ? -4.222  8.637   -9.913  1.00 40.50 ? 887 HOH B O   1 
HETATM 1695 O O   . HOH E 3 .  ? -29.653 -16.024 -43.585 1.00 49.80 ? 888 HOH B O   1 
HETATM 1696 O O   . HOH E 3 .  ? -16.551 0.827   -34.861 1.00 39.51 ? 889 HOH B O   1 
HETATM 1697 O O   . HOH E 3 .  ? 22.854  3.250   44.994  1.00 44.64 ? 890 HOH B O   1 
HETATM 1698 O O   . HOH E 3 .  ? 17.497  12.316  35.729  1.00 43.51 ? 891 HOH B O   1 
HETATM 1699 O O   . HOH E 3 .  ? -27.756 -19.521 -53.515 1.00 43.40 ? 892 HOH B O   1 
HETATM 1700 O O   . HOH E 3 .  ? 13.856  1.506   10.539  1.00 28.09 ? 893 HOH B O   1 
HETATM 1701 O O   . HOH E 3 .  ? 24.496  11.565  47.895  1.00 46.91 ? 894 HOH B O   1 
HETATM 1702 O O   . HOH E 3 .  ? 25.956  5.938   45.947  1.00 35.07 ? 895 HOH B O   1 
HETATM 1703 O O   . HOH E 3 .  ? -26.752 -10.379 -41.334 1.00 42.04 ? 896 HOH B O   1 
HETATM 1704 O O   . HOH E 3 .  ? -31.573 -14.053 -54.293 1.00 43.14 ? 897 HOH B O   1 
HETATM 1705 O O   . HOH E 3 .  ? -13.404 -4.739  -49.242 1.00 38.02 ? 898 HOH B O   1 
HETATM 1706 O O   . HOH E 3 .  ? 25.536  2.391   57.040  1.00 37.30 ? 899 HOH B O   1 
HETATM 1707 O O   . HOH E 3 .  ? 22.537  2.468   47.866  1.00 41.63 ? 900 HOH B O   1 
HETATM 1708 O O   . HOH E 3 .  ? 5.319   3.609   -9.632  1.00 44.47 ? 901 HOH B O   1 
HETATM 1709 O O   . HOH E 3 .  ? -9.664  -4.802  -13.504 1.00 35.69 ? 902 HOH B O   1 
HETATM 1710 O O   . HOH E 3 .  ? -5.810  5.065   -7.252  1.00 36.56 ? 903 HOH B O   1 
HETATM 1711 O O   . HOH E 3 .  ? -0.106  7.292   -12.833 1.00 35.11 ? 904 HOH B O   1 
HETATM 1712 O O   . HOH E 3 .  ? 5.101   -5.873  -5.917  1.00 30.43 ? 905 HOH B O   1 
HETATM 1713 O O   . HOH E 3 .  ? 23.689  9.275   44.104  1.00 29.00 ? 906 HOH B O   1 
HETATM 1714 O O   . HOH E 3 .  ? -28.571 -10.337 -57.333 1.00 44.42 ? 907 HOH B O   1 
HETATM 1715 O O   . HOH E 3 .  ? 22.600  2.770   50.199  1.00 52.61 ? 908 HOH B O   1 
HETATM 1716 O O   . HOH E 3 .  ? -28.518 -16.650 -56.539 1.00 52.02 ? 909 HOH B O   1 
HETATM 1717 O O   . HOH E 3 .  ? 8.665   -5.468  10.446  1.00 38.72 ? 910 HOH B O   1 
HETATM 1718 O O   . HOH E 3 .  ? 20.703  12.428  44.486  1.00 35.01 ? 911 HOH B O   1 
HETATM 1719 O O   . HOH E 3 .  ? 16.611  4.175   60.926  1.00 39.05 ? 912 HOH B O   1 
HETATM 1720 O O   . HOH E 3 .  ? 1.201   7.065   -14.406 1.00 45.95 ? 913 HOH B O   1 
# 
